data_3J82
#
_entry.id   3J82
#
_cell.length_a   1
_cell.length_b   1
_cell.length_c   1
_cell.angle_alpha   90
_cell.angle_beta   90
_cell.angle_gamma   90
#
_symmetry.space_group_name_H-M   'P 1'
#
loop_
_entity.id
_entity.type
_entity.pdbx_description
1 polymer 'C-type lectin domain family 9 member A'
2 polymer 'Actin, cytoplasmic 1'
3 non-polymer 'CALCIUM ION'
4 non-polymer "ADENOSINE-5'-DIPHOSPHATE"
#
loop_
_entity_poly.entity_id
_entity_poly.type
_entity_poly.pdbx_seq_one_letter_code
_entity_poly.pdbx_strand_id
1 'polypeptide(L)'
;CSPCPHNWIQNGKSCYYVFERWEMWNISKKSCLKEGASLFQIDSKEEMEFISSIGKLKGGNKYWVGVFQDGISGSWFWED
GSSPLSDLLPAERQRSAGQICGYLKDSTLISDKCDSWKYFICEKKAFGSCI
;
A
2 'polypeptide(L)'
;DDDIAALVVDNGSGMCKAGFAGDDAPRAVFPSIVGRPRHQGVMVGMGQKDSYVGDEAQSKRGILTLKYPIE(HIC)GIVT
NWDDMEKIWHHTFYNELRVAPEEHPVLLTEAPLNPKANREKMTQIMFETFNTPAMYVAIQAVLSLYASGRTTGIVMDSGD
GVTHTVPIYEGYALPHAILRLDLAGRDLTDYLMKILTERGYSFTTTAEREIVRDIKEKLCYVALDFEQEMATAASSSSLE
KSYELPDGQVITIGNERFRCPEALFQPSFLGMESCGIHETTFNSIMKCDVDIRKDLYANTVLSGGTTMYPGIADRMQKEI
TALAPSTMKIKIIAPPERKYSVWIGGSILASLSTFQQMWISKQEYDESGPSIVHRKCF
;
B,C,D
#
loop_
_chem_comp.id
_chem_comp.type
_chem_comp.name
_chem_comp.formula
ADP non-polymer ADENOSINE-5'-DIPHOSPHATE 'C10 H15 N5 O10 P2'
CA non-polymer 'CALCIUM ION' 'Ca 2'
#
# COMPACT_ATOMS: atom_id res chain seq x y z
N CYS A 1 22.59 20.77 -26.46
CA CYS A 1 23.20 19.44 -26.24
C CYS A 1 22.61 18.42 -27.16
N SER A 2 21.86 17.48 -26.55
CA SER A 2 21.36 16.27 -27.14
C SER A 2 20.09 16.58 -27.88
N PRO A 3 19.44 15.59 -28.46
CA PRO A 3 18.33 15.86 -29.31
C PRO A 3 17.28 16.62 -28.58
N CYS A 4 17.18 16.44 -27.25
CA CYS A 4 16.23 17.22 -26.52
C CYS A 4 16.94 17.77 -25.33
N PRO A 5 16.69 19.01 -25.05
CA PRO A 5 17.12 19.61 -23.82
C PRO A 5 16.37 18.89 -22.74
N HIS A 6 16.87 18.94 -21.50
CA HIS A 6 16.42 18.05 -20.47
C HIS A 6 15.01 18.35 -20.13
N ASN A 7 14.37 17.36 -19.49
CA ASN A 7 13.01 17.45 -19.05
C ASN A 7 12.11 17.58 -20.24
N TRP A 8 12.51 17.01 -21.39
CA TRP A 8 11.68 16.99 -22.55
C TRP A 8 11.62 15.55 -22.99
N ILE A 9 10.54 15.14 -23.67
CA ILE A 9 10.50 13.76 -24.10
C ILE A 9 10.54 13.77 -25.58
N GLN A 10 11.27 12.79 -26.17
CA GLN A 10 11.38 12.78 -27.59
C GLN A 10 10.55 11.70 -28.17
N ASN A 11 9.96 11.99 -29.35
CA ASN A 11 9.22 11.02 -30.09
C ASN A 11 9.63 11.24 -31.51
N GLY A 12 10.52 10.38 -32.03
CA GLY A 12 10.92 10.56 -33.40
C GLY A 12 11.55 11.91 -33.52
N LYS A 13 11.09 12.67 -34.55
CA LYS A 13 11.60 13.96 -34.91
C LYS A 13 11.35 14.97 -33.82
N SER A 14 10.19 14.89 -33.15
CA SER A 14 9.79 15.94 -32.24
C SER A 14 10.30 15.76 -30.85
N CYS A 15 10.23 16.86 -30.08
CA CYS A 15 10.56 16.93 -28.68
C CYS A 15 9.35 17.55 -28.04
N TYR A 16 8.95 17.11 -26.83
CA TYR A 16 7.74 17.67 -26.28
C TYR A 16 7.99 18.06 -24.86
N TYR A 17 7.31 19.13 -24.39
CA TYR A 17 7.45 19.55 -23.02
C TYR A 17 6.07 19.64 -22.44
N VAL A 18 5.85 18.99 -21.29
CA VAL A 18 4.57 19.04 -20.64
C VAL A 18 4.74 20.01 -19.52
N PHE A 19 3.93 21.08 -19.49
CA PHE A 19 4.23 22.11 -18.54
C PHE A 19 3.79 21.66 -17.19
N GLU A 20 4.54 22.08 -16.14
CA GLU A 20 4.26 21.75 -14.77
C GLU A 20 2.97 22.41 -14.39
N ARG A 21 2.75 23.63 -14.90
CA ARG A 21 1.77 24.50 -14.34
C ARG A 21 0.74 24.82 -15.35
N TRP A 22 -0.30 25.53 -14.86
CA TRP A 22 -1.36 26.03 -15.67
C TRP A 22 -0.91 27.32 -16.27
N GLU A 23 -1.19 27.51 -17.57
CA GLU A 23 -1.02 28.79 -18.19
C GLU A 23 -2.22 28.93 -19.07
N MET A 24 -2.52 30.16 -19.47
CA MET A 24 -3.53 30.41 -20.46
C MET A 24 -2.92 30.03 -21.77
N TRP A 25 -3.77 29.83 -22.79
CA TRP A 25 -3.27 29.34 -24.04
C TRP A 25 -2.31 30.32 -24.62
N ASN A 26 -2.73 31.60 -24.70
CA ASN A 26 -1.88 32.57 -25.34
C ASN A 26 -0.65 32.70 -24.53
N ILE A 27 -0.80 32.71 -23.20
CA ILE A 27 0.32 32.95 -22.34
C ILE A 27 1.31 31.84 -22.53
N SER A 28 0.83 30.58 -22.59
CA SER A 28 1.72 29.48 -22.66
C SER A 28 2.46 29.59 -23.94
N LYS A 29 1.80 30.17 -24.97
CA LYS A 29 2.42 30.33 -26.25
C LYS A 29 3.61 31.23 -26.10
N LYS A 30 3.45 32.34 -25.35
CA LYS A 30 4.55 33.24 -25.19
C LYS A 30 5.63 32.49 -24.49
N SER A 31 5.24 31.71 -23.47
CA SER A 31 6.17 30.99 -22.64
C SER A 31 6.93 30.04 -23.50
N CYS A 32 6.19 29.35 -24.39
CA CYS A 32 6.72 28.36 -25.28
C CYS A 32 7.70 29.05 -26.16
N LEU A 33 7.37 30.30 -26.51
CA LEU A 33 8.15 31.06 -27.43
C LEU A 33 9.50 31.23 -26.84
N LYS A 34 9.56 31.41 -25.51
CA LYS A 34 10.81 31.71 -24.86
C LYS A 34 11.74 30.59 -25.19
N GLU A 35 11.25 29.35 -25.07
CA GLU A 35 12.06 28.20 -25.32
C GLU A 35 12.46 28.21 -26.76
N GLY A 36 11.54 28.68 -27.63
CA GLY A 36 11.74 28.51 -29.03
C GLY A 36 10.96 27.30 -29.41
N ALA A 37 10.24 26.75 -28.42
CA ALA A 37 9.28 25.71 -28.64
C ALA A 37 8.03 26.35 -29.13
N SER A 38 7.05 25.53 -29.56
CA SER A 38 5.77 26.00 -30.00
C SER A 38 4.77 25.25 -29.17
N LEU A 39 3.46 25.43 -29.40
CA LEU A 39 2.54 24.56 -28.73
C LEU A 39 2.46 23.30 -29.54
N PHE A 40 2.05 22.17 -28.94
CA PHE A 40 2.09 20.97 -29.73
C PHE A 40 0.87 20.88 -30.59
N GLN A 41 1.08 20.39 -31.82
CA GLN A 41 0.04 20.25 -32.79
C GLN A 41 0.11 18.84 -33.28
N ILE A 42 -1.05 18.23 -33.60
CA ILE A 42 -0.99 16.82 -33.85
C ILE A 42 -1.31 16.58 -35.30
N ASP A 43 -0.26 16.33 -36.09
CA ASP A 43 -0.43 16.09 -37.50
C ASP A 43 -1.06 14.75 -37.74
N SER A 44 -0.75 13.75 -36.90
CA SER A 44 -1.18 12.43 -37.24
C SER A 44 -1.72 11.71 -36.04
N LYS A 45 -2.38 10.57 -36.32
CA LYS A 45 -2.89 9.71 -35.30
C LYS A 45 -1.72 9.17 -34.55
N GLU A 46 -0.60 8.94 -35.27
CA GLU A 46 0.58 8.38 -34.67
C GLU A 46 1.01 9.27 -33.56
N GLU A 47 1.05 10.59 -33.83
CA GLU A 47 1.49 11.51 -32.82
C GLU A 47 0.48 11.53 -31.72
N MET A 48 -0.79 11.48 -32.09
CA MET A 48 -1.88 11.49 -31.13
C MET A 48 -1.80 10.27 -30.22
N GLU A 49 -1.43 9.13 -30.80
CA GLU A 49 -1.31 7.89 -30.04
C GLU A 49 -0.20 7.99 -29.00
N PHE A 50 0.77 8.86 -29.28
CA PHE A 50 1.90 9.06 -28.37
C PHE A 50 1.45 9.79 -27.11
N ILE A 51 0.45 10.65 -27.24
CA ILE A 51 -0.08 11.40 -26.12
C ILE A 51 -0.28 10.51 -24.90
N SER A 52 -0.79 9.30 -25.16
CA SER A 52 -1.02 8.34 -24.08
C SER A 52 0.19 8.26 -23.16
N SER A 53 1.36 8.55 -23.72
CA SER A 53 2.58 8.52 -22.97
C SER A 53 2.56 9.64 -21.96
N ILE A 54 1.67 10.65 -22.16
CA ILE A 54 1.34 11.64 -21.17
C ILE A 54 0.69 10.93 -20.04
N GLY A 55 -0.01 9.82 -20.33
CA GLY A 55 -0.89 9.19 -19.39
C GLY A 55 -0.13 8.89 -18.14
N LYS A 56 1.17 8.52 -18.25
CA LYS A 56 1.95 8.26 -17.07
C LYS A 56 2.11 9.50 -16.24
N LEU A 57 2.23 10.68 -16.88
CA LEU A 57 2.07 11.93 -16.20
C LEU A 57 0.78 11.81 -15.45
N LYS A 58 0.82 12.18 -14.15
CA LYS A 58 -0.14 11.66 -13.22
C LYS A 58 -1.50 12.16 -13.58
N GLY A 59 -2.42 11.22 -13.84
CA GLY A 59 -3.76 11.57 -14.15
C GLY A 59 -3.75 12.16 -15.52
N GLY A 60 -4.92 12.31 -16.13
CA GLY A 60 -4.93 13.09 -17.33
C GLY A 60 -5.14 14.48 -16.88
N ASN A 61 -4.44 15.44 -17.53
CA ASN A 61 -4.74 16.82 -17.32
C ASN A 61 -5.13 17.33 -18.66
N LYS A 62 -5.92 18.41 -18.68
CA LYS A 62 -6.18 19.06 -19.93
C LYS A 62 -4.93 19.78 -20.29
N TYR A 63 -4.52 19.69 -21.58
CA TYR A 63 -3.34 20.36 -22.04
C TYR A 63 -3.65 21.16 -23.26
N TRP A 64 -3.33 22.46 -23.25
CA TRP A 64 -3.59 23.37 -24.33
C TRP A 64 -2.86 22.85 -25.51
N VAL A 65 -3.47 22.99 -26.70
CA VAL A 65 -2.87 22.47 -27.88
C VAL A 65 -2.98 23.51 -28.95
N GLY A 66 -2.32 23.25 -30.10
CA GLY A 66 -2.08 24.24 -31.11
C GLY A 66 -3.37 24.74 -31.66
N VAL A 67 -4.37 23.84 -31.82
CA VAL A 67 -5.49 24.16 -32.66
C VAL A 67 -6.16 25.39 -32.15
N PHE A 68 -6.59 26.28 -33.07
CA PHE A 68 -7.25 27.51 -32.71
C PHE A 68 -8.51 27.59 -33.53
N GLN A 69 -9.51 28.36 -33.05
CA GLN A 69 -10.76 28.47 -33.76
C GLN A 69 -10.96 29.91 -34.11
N ASP A 70 -11.40 30.18 -35.36
CA ASP A 70 -11.48 31.54 -35.87
C ASP A 70 -12.49 32.32 -35.11
N GLY A 71 -13.71 31.76 -34.97
CA GLY A 71 -14.78 32.42 -34.28
C GLY A 71 -15.88 32.72 -35.26
N ILE A 72 -15.63 33.51 -36.32
CA ILE A 72 -16.72 33.70 -37.24
C ILE A 72 -16.96 32.39 -37.92
N SER A 73 -15.92 31.87 -38.57
CA SER A 73 -16.03 30.62 -39.28
C SER A 73 -16.03 29.51 -38.28
N GLY A 74 -15.18 29.65 -37.24
CA GLY A 74 -15.08 28.61 -36.25
C GLY A 74 -14.16 27.56 -36.77
N SER A 75 -13.43 27.87 -37.85
CA SER A 75 -12.57 26.91 -38.46
C SER A 75 -11.47 26.63 -37.51
N TRP A 76 -10.95 25.40 -37.53
CA TRP A 76 -9.92 25.06 -36.61
C TRP A 76 -8.64 24.95 -37.37
N PHE A 77 -7.57 25.53 -36.79
CA PHE A 77 -6.30 25.60 -37.44
C PHE A 77 -5.31 25.33 -36.37
N TRP A 78 -4.00 25.37 -36.70
CA TRP A 78 -3.01 25.33 -35.68
C TRP A 78 -2.36 26.67 -35.70
N GLU A 79 -1.32 26.88 -34.87
CA GLU A 79 -0.73 28.18 -34.80
C GLU A 79 -0.21 28.50 -36.15
N ASP A 80 0.43 27.50 -36.78
CA ASP A 80 0.93 27.65 -38.12
C ASP A 80 -0.26 27.88 -39.00
N GLY A 81 -1.41 27.31 -38.62
CA GLY A 81 -2.64 27.68 -39.28
C GLY A 81 -2.93 26.71 -40.37
N SER A 82 -2.38 25.50 -40.27
CA SER A 82 -2.70 24.45 -41.20
C SER A 82 -4.05 23.92 -40.82
N SER A 83 -4.54 22.90 -41.52
CA SER A 83 -5.80 22.34 -41.14
C SER A 83 -5.53 20.98 -40.57
N PRO A 84 -6.10 20.78 -39.41
CA PRO A 84 -6.12 19.51 -38.75
C PRO A 84 -6.95 18.62 -39.61
N LEU A 85 -6.70 17.30 -39.58
CA LEU A 85 -7.56 16.41 -40.30
C LEU A 85 -8.76 16.17 -39.44
N SER A 86 -9.73 15.41 -39.96
CA SER A 86 -11.01 15.28 -39.33
C SER A 86 -10.82 14.77 -37.95
N ASP A 87 -9.81 13.88 -37.76
CA ASP A 87 -9.69 13.17 -36.52
C ASP A 87 -9.48 14.14 -35.41
N LEU A 88 -8.71 15.21 -35.67
CA LEU A 88 -8.26 16.12 -34.65
C LEU A 88 -9.42 16.88 -34.02
N LEU A 89 -10.44 17.22 -34.83
CA LEU A 89 -11.36 18.29 -34.53
C LEU A 89 -12.31 17.93 -33.40
N PRO A 90 -12.88 18.98 -32.85
CA PRO A 90 -13.60 18.98 -31.60
C PRO A 90 -14.91 18.25 -31.64
N ALA A 91 -15.56 18.12 -30.45
CA ALA A 91 -16.81 17.42 -30.27
C ALA A 91 -17.85 18.43 -29.88
N GLU A 92 -19.13 17.99 -29.84
CA GLU A 92 -20.24 18.91 -29.78
C GLU A 92 -20.85 18.98 -28.42
N ARG A 93 -21.56 20.11 -28.17
CA ARG A 93 -22.42 20.31 -27.03
C ARG A 93 -23.68 20.89 -27.59
N GLN A 94 -24.73 21.03 -26.75
CA GLN A 94 -25.94 21.55 -27.31
C GLN A 94 -25.69 22.96 -27.76
N ARG A 95 -25.15 23.79 -26.86
CA ARG A 95 -24.82 25.14 -27.22
C ARG A 95 -24.59 25.90 -25.95
N SER A 96 -23.98 27.09 -26.05
CA SER A 96 -23.83 27.99 -24.94
C SER A 96 -23.13 29.19 -25.48
N ALA A 97 -22.50 29.98 -24.59
CA ALA A 97 -21.67 31.03 -25.08
C ALA A 97 -20.26 30.69 -24.75
N GLY A 98 -19.36 30.80 -25.75
CA GLY A 98 -17.95 30.69 -25.48
C GLY A 98 -17.40 29.54 -26.27
N GLN A 99 -16.09 29.60 -26.57
CA GLN A 99 -15.38 28.49 -27.13
C GLN A 99 -14.05 29.02 -27.56
N ILE A 100 -13.01 28.18 -27.48
CA ILE A 100 -11.72 28.63 -27.93
C ILE A 100 -10.91 27.44 -28.36
N CYS A 101 -9.59 27.69 -28.53
CA CYS A 101 -8.65 26.78 -29.11
C CYS A 101 -8.54 25.57 -28.24
N GLY A 102 -8.24 24.41 -28.87
CA GLY A 102 -8.41 23.14 -28.23
C GLY A 102 -7.34 22.87 -27.23
N TYR A 103 -7.73 22.03 -26.24
CA TYR A 103 -6.89 21.15 -25.50
C TYR A 103 -7.58 19.81 -25.58
N LEU A 104 -6.76 18.81 -25.87
CA LEU A 104 -6.32 17.64 -25.14
C LEU A 104 -6.78 17.54 -23.72
N LYS A 105 -7.74 16.62 -23.49
CA LYS A 105 -7.97 16.03 -22.20
C LYS A 105 -7.75 14.56 -22.36
N ASP A 106 -6.62 14.05 -21.82
CA ASP A 106 -6.22 12.68 -22.02
C ASP A 106 -6.40 12.28 -23.45
N SER A 107 -7.27 11.29 -23.68
CA SER A 107 -7.33 10.58 -24.93
C SER A 107 -7.66 11.48 -26.09
N THR A 108 -8.54 12.50 -25.90
CA THR A 108 -9.11 13.12 -27.07
C THR A 108 -8.99 14.62 -27.01
N LEU A 109 -8.97 15.29 -28.20
CA LEU A 109 -8.91 16.74 -28.31
C LEU A 109 -10.23 17.28 -27.86
N ILE A 110 -10.20 18.52 -27.31
CA ILE A 110 -11.36 19.17 -26.79
C ILE A 110 -11.17 20.65 -26.99
N SER A 111 -12.16 21.44 -26.53
CA SER A 111 -12.09 22.89 -26.60
C SER A 111 -12.52 23.41 -25.26
N ASP A 112 -12.23 24.70 -24.97
CA ASP A 112 -12.63 25.25 -23.69
C ASP A 112 -12.73 26.75 -23.82
N LYS A 113 -12.42 27.45 -22.72
CA LYS A 113 -12.23 28.88 -22.73
C LYS A 113 -10.77 29.05 -22.54
N CYS A 114 -10.19 30.05 -23.21
CA CYS A 114 -8.81 30.40 -23.07
C CYS A 114 -8.58 30.97 -21.70
N ASP A 115 -9.54 31.78 -21.22
CA ASP A 115 -9.31 32.59 -20.05
C ASP A 115 -9.01 31.66 -18.93
N SER A 116 -9.63 30.47 -18.98
CA SER A 116 -9.43 29.46 -17.98
C SER A 116 -7.97 29.14 -17.96
N TRP A 117 -7.54 28.36 -16.96
CA TRP A 117 -6.15 28.00 -16.88
C TRP A 117 -6.05 26.56 -17.26
N LYS A 118 -5.00 26.20 -18.04
CA LYS A 118 -4.79 24.82 -18.36
C LYS A 118 -3.33 24.59 -18.55
N TYR A 119 -2.90 23.31 -18.49
CA TYR A 119 -1.52 22.97 -18.71
C TYR A 119 -1.28 22.95 -20.18
N PHE A 120 -0.09 23.41 -20.65
CA PHE A 120 0.12 23.39 -22.06
C PHE A 120 1.29 22.51 -22.37
N ILE A 121 1.33 22.02 -23.63
CA ILE A 121 2.46 21.25 -24.04
C ILE A 121 3.08 21.87 -25.26
N CYS A 122 4.44 21.94 -25.29
CA CYS A 122 5.13 22.58 -26.35
C CYS A 122 5.82 21.53 -27.18
N GLU A 123 6.12 21.88 -28.44
CA GLU A 123 6.77 20.94 -29.32
C GLU A 123 7.83 21.67 -30.10
N LYS A 124 8.98 21.00 -30.32
CA LYS A 124 10.07 21.54 -31.08
C LYS A 124 10.61 20.43 -31.92
N LYS A 125 11.40 20.79 -32.95
CA LYS A 125 12.03 19.78 -33.74
C LYS A 125 13.26 19.35 -33.01
N ALA A 126 13.51 18.02 -33.00
CA ALA A 126 14.69 17.49 -32.40
C ALA A 126 15.78 17.76 -33.36
N PHE A 127 17.04 17.82 -32.88
CA PHE A 127 18.10 18.09 -33.80
C PHE A 127 18.27 16.82 -34.57
N GLY A 128 17.70 16.74 -35.80
CA GLY A 128 17.69 15.50 -36.52
C GLY A 128 19.08 15.21 -36.96
N SER A 129 19.47 13.91 -36.93
CA SER A 129 20.85 13.62 -37.17
C SER A 129 21.05 13.44 -38.63
N CYS A 130 22.17 13.98 -39.12
CA CYS A 130 22.64 13.74 -40.45
C CYS A 130 24.04 13.23 -40.28
N ILE A 131 24.53 12.39 -41.21
CA ILE A 131 25.84 11.85 -40.97
C ILE A 131 26.85 12.57 -41.86
N ASP B 1 -37.85 34.81 -6.80
CA ASP B 1 -38.01 35.32 -5.42
C ASP B 1 -36.67 35.45 -4.75
N ASP B 2 -36.52 36.53 -3.95
CA ASP B 2 -35.24 37.00 -3.50
C ASP B 2 -34.79 36.09 -2.39
N ASP B 3 -33.64 36.45 -1.77
CA ASP B 3 -32.89 35.64 -0.86
C ASP B 3 -32.53 34.36 -1.52
N ILE B 4 -31.51 33.68 -0.98
CA ILE B 4 -30.99 32.57 -1.71
C ILE B 4 -30.68 31.47 -0.75
N ALA B 5 -30.76 30.23 -1.26
CA ALA B 5 -30.25 29.10 -0.56
C ALA B 5 -28.82 28.97 -0.93
N ALA B 6 -28.11 28.13 -0.17
CA ALA B 6 -26.84 27.65 -0.60
C ALA B 6 -27.06 26.21 -0.90
N LEU B 7 -26.66 25.76 -2.09
CA LEU B 7 -26.83 24.38 -2.40
C LEU B 7 -25.74 23.65 -1.72
N VAL B 8 -26.03 22.79 -0.72
CA VAL B 8 -24.91 22.20 -0.04
C VAL B 8 -24.81 20.79 -0.52
N VAL B 9 -23.72 20.47 -1.23
CA VAL B 9 -23.63 19.13 -1.76
C VAL B 9 -22.40 18.51 -1.20
N ASP B 10 -22.51 17.22 -0.86
CA ASP B 10 -21.48 16.54 -0.13
C ASP B 10 -21.03 15.40 -0.98
N ASN B 11 -19.83 15.51 -1.56
CA ASN B 11 -19.50 14.48 -2.50
C ASN B 11 -18.82 13.40 -1.75
N GLY B 12 -19.63 12.43 -1.28
CA GLY B 12 -19.04 11.38 -0.51
C GLY B 12 -18.46 10.30 -1.38
N SER B 13 -17.56 9.51 -0.78
CA SER B 13 -16.91 8.41 -1.45
C SER B 13 -17.98 7.51 -1.98
N GLY B 14 -18.80 6.94 -1.07
CA GLY B 14 -19.94 6.10 -1.38
C GLY B 14 -21.23 6.82 -1.60
N MET B 15 -21.50 7.93 -0.87
CA MET B 15 -22.83 8.48 -0.97
C MET B 15 -22.80 9.96 -1.11
N CYS B 16 -23.66 10.52 -1.95
CA CYS B 16 -23.72 11.95 -1.97
C CYS B 16 -24.87 12.36 -1.11
N LYS B 17 -24.70 13.45 -0.36
CA LYS B 17 -25.76 13.95 0.48
C LYS B 17 -26.00 15.36 0.04
N ALA B 18 -27.27 15.74 -0.18
CA ALA B 18 -27.43 17.02 -0.79
C ALA B 18 -28.74 17.61 -0.38
N GLY B 19 -28.83 18.94 -0.44
CA GLY B 19 -30.04 19.59 -0.06
C GLY B 19 -29.71 21.01 0.23
N PHE B 20 -30.71 21.74 0.77
CA PHE B 20 -30.62 23.16 0.87
C PHE B 20 -30.13 23.46 2.25
N ALA B 21 -29.45 24.61 2.41
CA ALA B 21 -28.86 24.94 3.67
C ALA B 21 -29.96 25.29 4.62
N GLY B 22 -29.68 25.12 5.93
CA GLY B 22 -30.65 25.39 6.95
C GLY B 22 -31.42 24.14 7.15
N ASP B 23 -31.24 23.18 6.22
CA ASP B 23 -32.00 21.97 6.26
C ASP B 23 -31.42 21.06 7.28
N ASP B 24 -32.28 20.50 8.16
CA ASP B 24 -31.83 19.75 9.29
C ASP B 24 -31.07 18.55 8.80
N ALA B 25 -31.51 17.95 7.68
CA ALA B 25 -30.79 16.84 7.11
C ALA B 25 -30.75 17.05 5.63
N PRO B 26 -29.85 16.39 4.95
CA PRO B 26 -29.82 16.36 3.52
C PRO B 26 -31.06 15.72 3.00
N ARG B 27 -31.74 16.36 2.03
CA ARG B 27 -32.93 15.85 1.42
C ARG B 27 -32.62 14.63 0.60
N ALA B 28 -31.57 14.70 -0.24
CA ALA B 28 -31.39 13.64 -1.19
C ALA B 28 -30.14 12.93 -0.84
N VAL B 29 -30.19 11.58 -0.85
CA VAL B 29 -28.97 10.86 -0.71
C VAL B 29 -29.02 9.72 -1.66
N PHE B 30 -27.88 9.39 -2.29
CA PHE B 30 -27.84 8.30 -3.21
C PHE B 30 -26.42 7.86 -3.31
N PRO B 31 -26.23 6.69 -3.80
CA PRO B 31 -24.93 6.09 -3.89
C PRO B 31 -24.16 6.85 -4.90
N SER B 32 -22.82 6.82 -4.79
CA SER B 32 -22.00 7.34 -5.83
C SER B 32 -21.39 6.15 -6.44
N ILE B 33 -22.06 5.62 -7.48
CA ILE B 33 -21.35 4.73 -8.32
C ILE B 33 -21.68 5.05 -9.75
N VAL B 34 -21.10 4.32 -10.72
CA VAL B 34 -21.53 4.44 -12.10
C VAL B 34 -21.83 3.03 -12.55
N GLY B 35 -22.92 2.80 -13.32
CA GLY B 35 -23.32 1.42 -13.45
C GLY B 35 -24.15 1.23 -14.68
N ARG B 36 -23.65 0.35 -15.58
CA ARG B 36 -24.31 0.03 -16.81
C ARG B 36 -24.20 -1.46 -16.95
N PRO B 37 -25.04 -2.07 -17.74
CA PRO B 37 -25.09 -3.50 -17.77
C PRO B 37 -23.77 -4.11 -18.09
N ARG B 38 -23.27 -5.00 -17.21
CA ARG B 38 -22.06 -5.71 -17.50
C ARG B 38 -22.33 -6.59 -18.67
N HIS B 39 -23.39 -7.42 -18.55
CA HIS B 39 -23.73 -8.35 -19.58
C HIS B 39 -24.31 -7.64 -20.75
N GLN B 40 -25.21 -6.66 -20.51
CA GLN B 40 -25.93 -6.10 -21.63
C GLN B 40 -26.66 -7.25 -22.24
N GLY B 41 -26.57 -7.39 -23.58
CA GLY B 41 -27.26 -8.47 -24.20
C GLY B 41 -28.51 -7.95 -24.85
N VAL B 42 -28.61 -6.62 -25.03
CA VAL B 42 -29.51 -6.09 -26.00
C VAL B 42 -30.91 -6.48 -25.65
N MET B 43 -31.86 -6.15 -26.53
CA MET B 43 -33.20 -6.60 -26.34
C MET B 43 -34.00 -5.99 -27.43
N VAL B 44 -35.29 -5.75 -27.17
CA VAL B 44 -36.02 -4.93 -28.08
C VAL B 44 -36.50 -3.74 -27.29
N GLY B 45 -36.06 -2.53 -27.70
CA GLY B 45 -36.41 -1.35 -26.96
C GLY B 45 -35.34 -1.12 -25.92
N MET B 46 -35.32 0.10 -25.33
CA MET B 46 -34.30 0.48 -24.38
C MET B 46 -35.00 1.05 -23.20
N GLY B 47 -34.71 2.34 -22.93
CA GLY B 47 -35.35 3.05 -21.86
C GLY B 47 -34.42 3.08 -20.68
N GLN B 48 -33.21 2.51 -20.82
CA GLN B 48 -32.36 2.49 -19.67
C GLN B 48 -31.39 3.61 -19.76
N LYS B 49 -30.86 4.00 -18.59
CA LYS B 49 -29.87 5.03 -18.51
C LYS B 49 -28.56 4.34 -18.30
N ASP B 50 -27.52 4.80 -19.00
CA ASP B 50 -26.37 3.96 -19.12
C ASP B 50 -25.73 3.73 -17.80
N SER B 51 -25.40 4.77 -17.01
CA SER B 51 -24.91 4.39 -15.72
C SER B 51 -25.34 5.40 -14.71
N TYR B 52 -26.64 5.36 -14.35
CA TYR B 52 -27.15 6.26 -13.35
C TYR B 52 -26.71 5.89 -12.00
N VAL B 53 -26.91 4.61 -11.63
CA VAL B 53 -26.53 4.22 -10.31
C VAL B 53 -27.49 4.86 -9.36
N GLY B 54 -26.99 5.53 -8.30
CA GLY B 54 -27.80 6.12 -7.30
C GLY B 54 -28.66 5.04 -6.78
N ASP B 55 -29.93 5.41 -6.56
CA ASP B 55 -30.88 4.53 -5.98
C ASP B 55 -31.09 3.36 -6.89
N GLU B 56 -31.26 3.62 -8.20
CA GLU B 56 -31.81 2.63 -9.08
C GLU B 56 -30.88 1.46 -9.23
N ALA B 57 -29.56 1.71 -9.27
CA ALA B 57 -28.65 0.62 -9.44
C ALA B 57 -28.81 -0.30 -8.27
N GLN B 58 -29.01 0.29 -7.08
CA GLN B 58 -29.01 -0.46 -5.87
C GLN B 58 -30.10 -1.48 -5.95
N SER B 59 -31.26 -1.10 -6.52
CA SER B 59 -32.36 -2.01 -6.69
C SER B 59 -32.00 -3.02 -7.74
N LYS B 60 -31.12 -2.60 -8.68
CA LYS B 60 -30.70 -3.31 -9.85
C LYS B 60 -29.75 -4.44 -9.54
N ARG B 61 -29.38 -4.68 -8.26
CA ARG B 61 -28.04 -5.04 -7.84
C ARG B 61 -27.49 -6.14 -8.69
N GLY B 62 -28.27 -7.18 -9.02
CA GLY B 62 -27.68 -8.31 -9.68
C GLY B 62 -27.10 -7.86 -10.99
N ILE B 63 -27.81 -6.99 -11.71
CA ILE B 63 -27.51 -6.68 -13.09
C ILE B 63 -26.19 -5.96 -13.21
N LEU B 64 -25.90 -4.98 -12.33
CA LEU B 64 -25.18 -3.81 -12.73
C LEU B 64 -23.78 -3.85 -12.23
N THR B 65 -22.95 -2.93 -12.78
CA THR B 65 -21.55 -2.74 -12.46
C THR B 65 -21.43 -1.46 -11.68
N LEU B 66 -20.43 -1.37 -10.76
CA LEU B 66 -20.36 -0.24 -9.87
C LEU B 66 -19.00 0.42 -9.96
N LYS B 67 -18.95 1.77 -9.96
CA LYS B 67 -17.68 2.46 -10.05
C LYS B 67 -17.70 3.62 -9.10
N TYR B 68 -16.59 4.04 -8.48
CA TYR B 68 -16.74 5.27 -7.76
C TYR B 68 -15.73 6.24 -8.28
N PRO B 69 -16.10 7.31 -8.94
CA PRO B 69 -15.16 8.32 -9.34
C PRO B 69 -14.54 8.83 -8.08
N ILE B 70 -15.41 8.93 -7.07
CA ILE B 70 -15.14 9.34 -5.70
C ILE B 70 -14.45 8.30 -4.85
N GLU B 71 -13.97 7.23 -5.46
CA GLU B 71 -13.28 6.17 -4.75
C GLU B 71 -12.88 6.62 -3.34
N HIC B 72 -11.65 7.11 -3.20
CA HIC B 72 -11.16 7.58 -1.93
C HIC B 72 -11.48 9.04 -1.77
O HIC B 72 -10.57 9.87 -1.57
CB HIC B 72 -9.65 7.35 -1.85
CG HIC B 72 -9.33 5.95 -2.34
ND1 HIC B 72 -8.50 5.62 -3.34
CD2 HIC B 72 -9.84 4.77 -1.82
CE1 HIC B 72 -8.50 4.28 -3.46
NE2 HIC B 72 -9.31 3.77 -2.52
CZ HIC B 72 -9.58 2.32 -2.31
N GLY B 73 -12.76 9.37 -1.83
CA GLY B 73 -13.21 10.74 -1.69
C GLY B 73 -12.76 11.61 -2.85
N ILE B 74 -11.46 11.64 -3.10
CA ILE B 74 -10.89 12.43 -4.19
C ILE B 74 -11.52 12.05 -5.53
N VAL B 75 -11.94 13.05 -6.29
CA VAL B 75 -12.54 12.82 -7.57
C VAL B 75 -11.46 12.47 -8.55
N THR B 76 -11.41 11.19 -8.97
CA THR B 76 -10.48 10.77 -9.98
C THR B 76 -10.89 11.21 -11.35
N ASN B 77 -12.19 11.07 -11.73
CA ASN B 77 -12.53 11.40 -13.09
C ASN B 77 -13.67 12.38 -13.11
N TRP B 78 -13.52 13.39 -13.96
CA TRP B 78 -14.41 14.51 -14.05
C TRP B 78 -15.73 14.14 -14.67
N ASP B 79 -15.75 13.30 -15.71
CA ASP B 79 -16.96 13.09 -16.44
C ASP B 79 -18.01 12.51 -15.54
N ASP B 80 -17.66 11.43 -14.82
CA ASP B 80 -18.65 10.74 -14.04
C ASP B 80 -19.13 11.69 -13.01
N MET B 81 -18.20 12.51 -12.49
CA MET B 81 -18.50 13.49 -11.49
C MET B 81 -19.44 14.50 -12.08
N GLU B 82 -19.21 14.86 -13.36
CA GLU B 82 -20.07 15.80 -14.02
C GLU B 82 -21.42 15.16 -14.04
N LYS B 83 -21.44 13.85 -14.29
CA LYS B 83 -22.67 13.11 -14.32
C LYS B 83 -23.30 13.12 -12.97
N ILE B 84 -22.50 12.92 -11.91
CA ILE B 84 -23.03 12.75 -10.58
C ILE B 84 -23.74 14.01 -10.23
N TRP B 85 -23.09 15.15 -10.53
CA TRP B 85 -23.63 16.44 -10.21
C TRP B 85 -24.88 16.65 -11.02
N HIS B 86 -24.88 16.21 -12.28
CA HIS B 86 -26.02 16.45 -13.13
C HIS B 86 -27.20 15.81 -12.49
N HIS B 87 -27.02 14.56 -12.01
CA HIS B 87 -28.10 13.84 -11.42
C HIS B 87 -28.55 14.59 -10.22
N THR B 88 -27.58 15.08 -9.43
CA THR B 88 -27.88 15.62 -8.14
C THR B 88 -28.86 16.74 -8.32
N PHE B 89 -28.49 17.74 -9.14
CA PHE B 89 -29.33 18.89 -9.23
C PHE B 89 -30.61 18.51 -9.86
N TYR B 90 -30.56 17.93 -11.07
CA TYR B 90 -31.77 17.80 -11.83
C TYR B 90 -32.67 16.76 -11.27
N ASN B 91 -32.14 15.53 -11.11
CA ASN B 91 -33.01 14.43 -10.84
C ASN B 91 -33.48 14.49 -9.42
N GLU B 92 -32.52 14.44 -8.46
CA GLU B 92 -32.87 14.36 -7.08
C GLU B 92 -33.30 15.68 -6.51
N LEU B 93 -32.49 16.74 -6.72
CA LEU B 93 -32.84 18.01 -6.14
C LEU B 93 -33.99 18.60 -6.86
N ARG B 94 -34.02 18.42 -8.19
CA ARG B 94 -34.98 19.07 -9.01
C ARG B 94 -34.84 20.55 -8.83
N VAL B 95 -33.60 21.05 -8.73
CA VAL B 95 -33.37 22.46 -8.57
C VAL B 95 -32.57 22.90 -9.76
N ALA B 96 -32.54 24.21 -10.03
CA ALA B 96 -31.72 24.63 -11.13
C ALA B 96 -30.57 25.42 -10.59
N PRO B 97 -29.44 25.05 -11.13
CA PRO B 97 -28.17 25.50 -10.67
C PRO B 97 -28.02 26.99 -10.76
N GLU B 98 -28.62 27.60 -11.79
CA GLU B 98 -28.38 28.99 -12.05
C GLU B 98 -28.91 29.74 -10.89
N GLU B 99 -30.03 29.24 -10.33
CA GLU B 99 -30.77 29.91 -9.32
C GLU B 99 -29.97 30.05 -8.06
N HIS B 100 -29.26 28.98 -7.61
CA HIS B 100 -28.75 29.03 -6.26
C HIS B 100 -27.26 28.90 -6.26
N PRO B 101 -26.64 29.61 -5.35
CA PRO B 101 -25.26 29.50 -5.02
C PRO B 101 -25.03 28.15 -4.41
N VAL B 102 -23.85 27.52 -4.62
CA VAL B 102 -23.66 26.17 -4.16
C VAL B 102 -22.40 26.11 -3.33
N LEU B 103 -22.44 25.28 -2.27
CA LEU B 103 -21.28 24.84 -1.54
C LEU B 103 -20.99 23.48 -2.05
N LEU B 104 -19.71 23.08 -1.91
CA LEU B 104 -19.17 21.86 -2.38
C LEU B 104 -18.16 21.48 -1.34
N THR B 105 -17.99 20.18 -1.06
CA THR B 105 -17.09 19.83 0.00
C THR B 105 -16.02 18.93 -0.54
N GLU B 106 -14.94 18.75 0.23
CA GLU B 106 -13.72 18.22 -0.33
C GLU B 106 -13.09 17.25 0.63
N ALA B 107 -12.28 16.31 0.09
CA ALA B 107 -11.53 15.36 0.87
C ALA B 107 -10.31 16.04 1.41
N PRO B 108 -9.79 15.52 2.50
CA PRO B 108 -8.87 16.22 3.34
C PRO B 108 -7.68 16.74 2.61
N LEU B 109 -6.89 15.86 1.97
CA LEU B 109 -5.75 16.41 1.33
C LEU B 109 -6.08 16.45 -0.12
N ASN B 110 -6.72 17.55 -0.53
CA ASN B 110 -7.09 17.60 -1.90
C ASN B 110 -6.10 18.44 -2.59
N PRO B 111 -5.73 17.95 -3.72
CA PRO B 111 -4.84 18.63 -4.60
C PRO B 111 -5.51 19.90 -4.97
N LYS B 112 -4.74 21.00 -5.11
CA LYS B 112 -5.30 22.27 -5.48
C LYS B 112 -5.89 22.10 -6.83
N ALA B 113 -5.19 21.32 -7.68
CA ALA B 113 -5.47 21.35 -9.08
C ALA B 113 -6.88 20.95 -9.27
N ASN B 114 -7.33 19.89 -8.56
CA ASN B 114 -8.68 19.46 -8.73
C ASN B 114 -9.61 20.49 -8.14
N ARG B 115 -9.14 21.29 -7.18
CA ARG B 115 -10.00 22.29 -6.60
C ARG B 115 -10.44 23.23 -7.67
N GLU B 116 -9.51 23.68 -8.52
CA GLU B 116 -9.86 24.59 -9.57
C GLU B 116 -10.77 23.84 -10.50
N LYS B 117 -10.52 22.54 -10.67
CA LYS B 117 -11.29 21.71 -11.55
C LYS B 117 -12.71 21.63 -11.05
N MET B 118 -12.91 21.42 -9.73
CA MET B 118 -14.25 21.32 -9.21
C MET B 118 -14.90 22.64 -9.45
N THR B 119 -14.13 23.71 -9.15
CA THR B 119 -14.62 25.06 -9.18
C THR B 119 -15.03 25.34 -10.58
N GLN B 120 -14.25 24.80 -11.54
CA GLN B 120 -14.43 25.05 -12.94
C GLN B 120 -15.75 24.49 -13.34
N ILE B 121 -16.03 23.23 -12.95
CA ILE B 121 -17.14 22.53 -13.53
C ILE B 121 -18.41 23.20 -13.14
N MET B 122 -18.57 23.56 -11.85
CA MET B 122 -19.84 24.03 -11.42
C MET B 122 -20.15 25.31 -12.13
N PHE B 123 -19.17 26.24 -12.22
CA PHE B 123 -19.51 27.46 -12.89
C PHE B 123 -19.81 27.12 -14.31
N GLU B 124 -18.86 26.46 -14.99
CA GLU B 124 -19.03 26.40 -16.41
C GLU B 124 -20.21 25.55 -16.76
N THR B 125 -20.21 24.26 -16.36
CA THR B 125 -21.27 23.43 -16.85
C THR B 125 -22.55 23.83 -16.18
N PHE B 126 -22.51 23.96 -14.84
CA PHE B 126 -23.69 24.17 -14.04
C PHE B 126 -24.20 25.56 -14.19
N ASN B 127 -23.28 26.53 -14.41
CA ASN B 127 -23.54 27.95 -14.47
C ASN B 127 -24.18 28.44 -13.22
N THR B 128 -23.66 27.96 -12.06
CA THR B 128 -24.10 28.48 -10.80
C THR B 128 -23.52 29.84 -10.64
N PRO B 129 -24.23 30.71 -9.97
CA PRO B 129 -23.84 32.08 -9.78
C PRO B 129 -22.56 32.16 -9.04
N ALA B 130 -22.33 31.21 -8.10
CA ALA B 130 -21.27 31.36 -7.16
C ALA B 130 -21.17 30.06 -6.45
N MET B 131 -20.01 29.77 -5.83
CA MET B 131 -19.82 28.44 -5.31
C MET B 131 -19.00 28.58 -4.08
N TYR B 132 -18.95 27.56 -3.22
CA TYR B 132 -17.95 27.57 -2.19
C TYR B 132 -17.50 26.16 -2.08
N VAL B 133 -16.20 25.89 -1.85
CA VAL B 133 -15.81 24.53 -1.61
C VAL B 133 -15.19 24.50 -0.27
N ALA B 134 -15.59 23.52 0.58
CA ALA B 134 -15.17 23.54 1.95
C ALA B 134 -14.65 22.18 2.26
N ILE B 135 -13.87 22.07 3.36
CA ILE B 135 -13.30 20.80 3.67
C ILE B 135 -14.22 20.06 4.57
N GLN B 136 -14.48 18.78 4.25
CA GLN B 136 -15.53 18.03 4.88
C GLN B 136 -15.24 17.98 6.34
N ALA B 137 -13.96 17.81 6.70
CA ALA B 137 -13.64 17.69 8.09
C ALA B 137 -14.07 18.95 8.75
N VAL B 138 -13.79 20.11 8.12
CA VAL B 138 -14.05 21.34 8.80
C VAL B 138 -15.53 21.49 9.00
N LEU B 139 -16.35 21.08 8.02
CA LEU B 139 -17.76 21.27 8.17
C LEU B 139 -18.18 20.44 9.36
N SER B 140 -17.65 19.21 9.49
CA SER B 140 -18.12 18.34 10.54
C SER B 140 -17.89 19.02 11.86
N LEU B 141 -16.67 19.57 12.04
CA LEU B 141 -16.26 20.18 13.28
C LEU B 141 -17.18 21.34 13.53
N TYR B 142 -17.60 22.01 12.46
CA TYR B 142 -18.52 23.11 12.56
C TYR B 142 -19.75 22.58 13.23
N ALA B 143 -20.18 21.38 12.81
CA ALA B 143 -21.41 20.82 13.27
C ALA B 143 -21.36 20.64 14.75
N SER B 144 -20.22 20.13 15.26
CA SER B 144 -20.15 19.84 16.67
C SER B 144 -20.40 21.10 17.42
N GLY B 145 -19.69 22.18 17.03
CA GLY B 145 -19.82 23.40 17.74
C GLY B 145 -18.94 23.32 18.94
N ARG B 146 -18.07 22.30 18.99
CA ARG B 146 -17.16 22.23 20.09
C ARG B 146 -15.95 22.99 19.69
N THR B 147 -15.60 24.03 20.47
CA THR B 147 -14.40 24.74 20.19
C THR B 147 -13.27 23.78 20.37
N THR B 148 -13.30 23.00 21.47
CA THR B 148 -12.14 22.20 21.76
C THR B 148 -12.57 20.79 21.98
N GLY B 149 -11.56 19.93 22.23
CA GLY B 149 -11.81 18.54 22.48
C GLY B 149 -10.91 17.79 21.55
N ILE B 150 -10.97 16.44 21.61
CA ILE B 150 -10.37 15.66 20.58
C ILE B 150 -11.44 14.75 20.07
N VAL B 151 -11.68 14.73 18.74
CA VAL B 151 -12.76 13.95 18.23
C VAL B 151 -12.13 12.82 17.46
N MET B 152 -12.71 11.60 17.54
CA MET B 152 -12.32 10.50 16.72
C MET B 152 -13.32 10.43 15.62
N ASP B 153 -12.85 10.59 14.38
CA ASP B 153 -13.76 10.76 13.30
C ASP B 153 -13.56 9.63 12.34
N SER B 154 -14.50 8.66 12.34
CA SER B 154 -14.36 7.50 11.50
C SER B 154 -15.53 7.45 10.58
N GLY B 155 -15.26 7.55 9.26
CA GLY B 155 -16.30 7.50 8.27
C GLY B 155 -16.11 6.24 7.48
N ASP B 156 -16.34 6.34 6.16
CA ASP B 156 -16.27 5.30 5.20
C ASP B 156 -14.87 4.88 4.82
N GLY B 157 -14.13 5.81 4.19
CA GLY B 157 -12.78 5.63 3.71
C GLY B 157 -11.69 5.92 4.68
N VAL B 158 -11.87 6.88 5.62
CA VAL B 158 -10.72 7.21 6.43
C VAL B 158 -11.16 7.53 7.82
N THR B 159 -10.16 7.45 8.76
CA THR B 159 -10.27 7.61 10.19
C THR B 159 -9.27 8.66 10.59
N HIS B 160 -9.70 9.67 11.39
CA HIS B 160 -8.72 10.61 11.87
C HIS B 160 -8.95 10.85 13.33
N THR B 161 -7.88 11.24 14.03
CA THR B 161 -8.01 11.86 15.32
C THR B 161 -7.55 13.27 15.12
N VAL B 162 -8.39 14.24 15.51
CA VAL B 162 -8.05 15.62 15.30
C VAL B 162 -8.23 16.34 16.60
N PRO B 163 -7.18 16.69 17.27
CA PRO B 163 -7.25 17.48 18.46
C PRO B 163 -7.73 18.83 18.06
N ILE B 164 -8.61 19.47 18.86
CA ILE B 164 -8.98 20.81 18.53
C ILE B 164 -8.85 21.64 19.76
N TYR B 165 -8.11 22.76 19.66
CA TYR B 165 -8.10 23.71 20.75
C TYR B 165 -8.43 25.03 20.17
N GLU B 166 -9.38 25.73 20.80
CA GLU B 166 -9.80 27.06 20.43
C GLU B 166 -9.99 27.15 18.95
N GLY B 167 -10.83 26.27 18.40
CA GLY B 167 -11.41 26.49 17.10
C GLY B 167 -10.37 26.26 16.05
N TYR B 168 -9.24 25.65 16.43
CA TYR B 168 -8.15 25.49 15.52
C TYR B 168 -7.78 24.05 15.52
N ALA B 169 -7.44 23.49 14.35
CA ALA B 169 -7.02 22.13 14.35
C ALA B 169 -5.55 22.13 14.09
N LEU B 170 -4.80 21.42 14.95
CA LEU B 170 -3.38 21.51 15.04
C LEU B 170 -2.83 20.38 14.21
N PRO B 171 -2.30 20.74 13.07
CA PRO B 171 -2.11 19.82 11.98
C PRO B 171 -1.12 18.74 12.32
N HIS B 172 -0.14 19.05 13.19
CA HIS B 172 0.91 18.12 13.51
C HIS B 172 0.31 16.96 14.20
N ALA B 173 -0.65 17.27 15.08
CA ALA B 173 -1.21 16.36 16.04
C ALA B 173 -1.93 15.26 15.36
N ILE B 174 -2.55 15.53 14.20
CA ILE B 174 -3.60 14.69 13.71
C ILE B 174 -3.01 13.65 12.82
N LEU B 175 -3.34 12.36 13.07
CA LEU B 175 -2.81 11.37 12.19
C LEU B 175 -3.94 10.75 11.42
N ARG B 176 -3.60 9.98 10.38
CA ARG B 176 -4.59 9.33 9.55
C ARG B 176 -4.55 7.85 9.78
N LEU B 177 -5.47 7.13 9.11
CA LEU B 177 -5.58 5.72 9.25
C LEU B 177 -6.32 5.26 8.03
N ASP B 178 -5.74 4.37 7.21
CA ASP B 178 -6.42 4.05 5.99
C ASP B 178 -7.69 3.34 6.34
N LEU B 179 -7.64 2.53 7.41
CA LEU B 179 -8.72 1.63 7.69
C LEU B 179 -9.96 2.44 7.89
N ALA B 180 -11.11 1.87 7.48
CA ALA B 180 -12.36 2.56 7.57
C ALA B 180 -13.40 1.61 7.09
N GLY B 181 -14.67 2.06 7.00
CA GLY B 181 -15.80 1.17 6.90
C GLY B 181 -15.65 0.30 5.68
N ARG B 182 -15.06 0.84 4.61
CA ARG B 182 -14.91 0.13 3.38
C ARG B 182 -14.10 -1.10 3.64
N ASP B 183 -13.02 -0.97 4.43
CA ASP B 183 -12.21 -2.11 4.68
C ASP B 183 -12.97 -3.10 5.50
N LEU B 184 -13.82 -2.60 6.42
CA LEU B 184 -14.57 -3.48 7.27
C LEU B 184 -15.48 -4.30 6.41
N THR B 185 -16.12 -3.68 5.40
CA THR B 185 -17.07 -4.39 4.59
C THR B 185 -16.34 -5.48 3.88
N ASP B 186 -15.17 -5.15 3.30
CA ASP B 186 -14.43 -6.12 2.56
C ASP B 186 -14.02 -7.19 3.52
N TYR B 187 -13.63 -6.77 4.73
CA TYR B 187 -13.07 -7.69 5.68
C TYR B 187 -14.12 -8.72 5.97
N LEU B 188 -15.35 -8.25 6.22
CA LEU B 188 -16.38 -9.11 6.71
C LEU B 188 -16.73 -10.14 5.68
N MET B 189 -16.71 -9.79 4.39
CA MET B 189 -17.04 -10.81 3.42
C MET B 189 -16.03 -11.90 3.54
N LYS B 190 -14.75 -11.52 3.71
CA LYS B 190 -13.67 -12.46 3.62
C LYS B 190 -13.79 -13.51 4.69
N ILE B 191 -13.99 -13.11 5.96
CA ILE B 191 -14.10 -14.09 7.01
C ILE B 191 -15.39 -14.86 6.89
N LEU B 192 -16.45 -14.25 6.34
CA LEU B 192 -17.63 -15.05 6.14
C LEU B 192 -17.36 -16.08 5.09
N THR B 193 -16.61 -15.72 4.04
CA THR B 193 -16.34 -16.68 3.01
C THR B 193 -15.56 -17.76 3.66
N GLU B 194 -14.89 -17.38 4.76
CA GLU B 194 -14.08 -18.30 5.47
C GLU B 194 -14.88 -19.51 5.79
N ARG B 195 -15.99 -19.42 6.55
CA ARG B 195 -16.52 -20.71 6.89
C ARG B 195 -17.18 -21.39 5.72
N GLY B 196 -18.43 -20.98 5.44
CA GLY B 196 -19.25 -21.51 4.37
C GLY B 196 -18.93 -20.90 3.06
N TYR B 197 -18.85 -19.56 3.04
CA TYR B 197 -19.75 -18.84 2.19
C TYR B 197 -18.91 -18.23 1.12
N SER B 198 -19.50 -17.75 0.02
CA SER B 198 -18.61 -16.96 -0.78
C SER B 198 -19.33 -15.73 -1.21
N PHE B 199 -18.87 -14.56 -0.72
CA PHE B 199 -19.41 -13.31 -1.15
C PHE B 199 -18.34 -12.63 -1.95
N THR B 200 -18.17 -13.02 -3.23
CA THR B 200 -17.20 -12.36 -4.06
C THR B 200 -17.72 -11.07 -4.65
N THR B 201 -19.01 -11.01 -5.06
CA THR B 201 -19.40 -10.09 -6.09
C THR B 201 -19.95 -8.81 -5.54
N THR B 202 -20.34 -7.89 -6.46
CA THR B 202 -20.77 -6.56 -6.13
C THR B 202 -22.00 -6.65 -5.29
N ALA B 203 -22.95 -7.51 -5.71
CA ALA B 203 -24.19 -7.57 -4.99
C ALA B 203 -23.86 -7.97 -3.59
N GLU B 204 -22.98 -8.98 -3.49
CA GLU B 204 -22.68 -9.62 -2.25
C GLU B 204 -22.00 -8.64 -1.36
N ARG B 205 -21.24 -7.69 -1.94
CA ARG B 205 -20.67 -6.69 -1.09
C ARG B 205 -21.78 -5.94 -0.45
N GLU B 206 -22.85 -5.65 -1.21
CA GLU B 206 -23.97 -4.94 -0.65
C GLU B 206 -24.60 -5.79 0.42
N ILE B 207 -24.71 -7.11 0.16
CA ILE B 207 -25.38 -7.95 1.10
C ILE B 207 -24.61 -7.91 2.38
N VAL B 208 -23.28 -8.07 2.28
CA VAL B 208 -22.51 -8.15 3.48
C VAL B 208 -22.64 -6.86 4.20
N ARG B 209 -22.66 -5.74 3.45
CA ARG B 209 -22.66 -4.44 4.05
C ARG B 209 -23.92 -4.31 4.84
N ASP B 210 -25.03 -4.89 4.32
CA ASP B 210 -26.25 -4.83 5.07
C ASP B 210 -26.03 -5.55 6.36
N ILE B 211 -25.36 -6.71 6.29
CA ILE B 211 -25.12 -7.50 7.46
C ILE B 211 -24.33 -6.63 8.36
N LYS B 212 -23.40 -5.88 7.76
CA LYS B 212 -22.36 -5.22 8.45
C LYS B 212 -22.97 -4.27 9.44
N GLU B 213 -23.94 -3.44 9.00
CA GLU B 213 -24.49 -2.51 9.94
C GLU B 213 -25.33 -3.21 10.97
N LYS B 214 -26.28 -4.07 10.55
CA LYS B 214 -27.23 -4.56 11.51
C LYS B 214 -26.51 -5.42 12.49
N LEU B 215 -25.64 -6.28 11.94
CA LEU B 215 -25.04 -7.34 12.68
C LEU B 215 -24.07 -6.83 13.70
N CYS B 216 -23.19 -5.89 13.28
CA CYS B 216 -21.92 -5.74 13.93
C CYS B 216 -22.05 -5.07 15.26
N TYR B 217 -21.28 -5.56 16.25
CA TYR B 217 -21.12 -4.86 17.50
C TYR B 217 -19.69 -5.00 17.92
N VAL B 218 -19.23 -4.11 18.82
CA VAL B 218 -17.88 -4.19 19.32
C VAL B 218 -17.94 -5.00 20.58
N ALA B 219 -16.83 -5.67 20.93
CA ALA B 219 -16.83 -6.54 22.07
C ALA B 219 -16.12 -5.85 23.20
N LEU B 220 -16.59 -6.09 24.44
CA LEU B 220 -16.06 -5.40 25.58
C LEU B 220 -14.61 -5.74 25.67
N ASP B 221 -14.32 -7.04 25.63
CA ASP B 221 -12.98 -7.54 25.74
C ASP B 221 -12.79 -8.43 24.56
N PHE B 222 -11.77 -8.17 23.73
CA PHE B 222 -11.62 -8.97 22.55
C PHE B 222 -11.39 -10.37 23.00
N GLU B 223 -10.47 -10.55 23.97
CA GLU B 223 -10.03 -11.85 24.37
C GLU B 223 -11.19 -12.58 24.93
N GLN B 224 -11.96 -11.91 25.81
CA GLN B 224 -12.93 -12.58 26.63
C GLN B 224 -13.97 -13.17 25.74
N GLU B 225 -14.42 -12.38 24.74
CA GLU B 225 -15.55 -12.76 23.95
C GLU B 225 -15.21 -14.00 23.20
N MET B 226 -13.96 -14.13 22.76
CA MET B 226 -13.57 -15.27 21.99
C MET B 226 -13.80 -16.47 22.84
N ALA B 227 -13.47 -16.36 24.14
CA ALA B 227 -13.68 -17.43 25.07
C ALA B 227 -15.15 -17.66 25.14
N THR B 228 -15.93 -16.58 25.10
CA THR B 228 -17.36 -16.64 25.19
C THR B 228 -17.87 -17.36 23.99
N ALA B 229 -17.13 -17.26 22.87
CA ALA B 229 -17.63 -17.63 21.59
C ALA B 229 -18.04 -19.06 21.61
N ALA B 230 -17.24 -19.94 22.24
CA ALA B 230 -17.54 -21.33 22.14
C ALA B 230 -18.88 -21.58 22.76
N SER B 231 -19.10 -21.01 23.97
CA SER B 231 -20.29 -21.28 24.73
C SER B 231 -21.46 -20.55 24.16
N SER B 232 -21.23 -19.42 23.46
CA SER B 232 -22.30 -18.48 23.23
C SER B 232 -23.35 -19.09 22.34
N SER B 233 -24.60 -19.12 22.83
CA SER B 233 -25.76 -19.37 22.02
C SER B 233 -26.11 -18.13 21.26
N SER B 234 -25.92 -16.96 21.89
CA SER B 234 -26.47 -15.72 21.43
C SER B 234 -25.89 -15.35 20.11
N LEU B 235 -24.61 -15.68 19.89
CA LEU B 235 -23.85 -15.13 18.80
C LEU B 235 -24.48 -15.54 17.51
N GLU B 236 -25.14 -16.70 17.52
CA GLU B 236 -25.48 -17.52 16.39
C GLU B 236 -26.40 -16.82 15.42
N LYS B 237 -26.96 -15.65 15.80
CA LYS B 237 -27.98 -14.90 15.09
C LYS B 237 -27.87 -15.06 13.60
N SER B 238 -29.03 -15.05 12.92
CA SER B 238 -29.09 -15.54 11.57
C SER B 238 -29.61 -14.48 10.66
N TYR B 239 -29.23 -14.58 9.37
CA TYR B 239 -29.49 -13.58 8.38
C TYR B 239 -30.01 -14.31 7.17
N GLU B 240 -31.05 -13.80 6.49
CA GLU B 240 -31.39 -14.45 5.27
C GLU B 240 -31.00 -13.56 4.13
N LEU B 241 -30.40 -14.19 3.11
CA LEU B 241 -29.79 -13.66 1.94
C LEU B 241 -30.86 -13.43 0.93
N PRO B 242 -30.52 -12.64 -0.03
CA PRO B 242 -31.47 -12.24 -1.02
C PRO B 242 -32.09 -13.40 -1.73
N ASP B 243 -31.38 -14.52 -2.01
CA ASP B 243 -32.16 -15.57 -2.59
C ASP B 243 -33.17 -16.13 -1.62
N GLY B 244 -32.96 -17.42 -1.24
CA GLY B 244 -33.54 -18.12 -0.12
C GLY B 244 -32.77 -17.93 1.14
N GLN B 245 -31.44 -17.93 0.99
CA GLN B 245 -30.56 -18.63 1.89
C GLN B 245 -30.63 -17.98 3.22
N VAL B 246 -30.61 -18.75 4.32
CA VAL B 246 -30.41 -18.06 5.55
C VAL B 246 -29.13 -18.57 6.13
N ILE B 247 -28.25 -17.64 6.55
CA ILE B 247 -26.90 -17.91 6.90
C ILE B 247 -26.77 -17.59 8.35
N THR B 248 -25.73 -18.14 8.99
CA THR B 248 -25.57 -17.92 10.40
C THR B 248 -24.36 -17.05 10.57
N ILE B 249 -24.37 -16.24 11.67
CA ILE B 249 -23.32 -15.31 11.95
C ILE B 249 -23.10 -15.33 13.46
N GLY B 250 -21.99 -14.75 13.96
CA GLY B 250 -21.91 -14.58 15.38
C GLY B 250 -20.50 -14.36 15.86
N ASN B 251 -19.52 -15.24 15.59
CA ASN B 251 -18.23 -14.83 16.07
C ASN B 251 -17.77 -13.66 15.25
N GLU B 252 -18.04 -13.73 13.93
CA GLU B 252 -17.53 -12.76 13.02
C GLU B 252 -18.17 -11.45 13.33
N ARG B 253 -19.32 -11.48 14.01
CA ARG B 253 -20.01 -10.25 14.28
C ARG B 253 -19.11 -9.31 15.02
N PHE B 254 -18.55 -9.72 16.18
CA PHE B 254 -17.68 -8.82 16.88
C PHE B 254 -16.39 -8.67 16.12
N ARG B 255 -15.90 -9.78 15.55
CA ARG B 255 -14.55 -9.84 15.08
C ARG B 255 -14.34 -8.81 14.03
N CYS B 256 -15.34 -8.58 13.16
CA CYS B 256 -15.11 -7.66 12.08
C CYS B 256 -14.78 -6.30 12.63
N PRO B 257 -15.54 -5.74 13.54
CA PRO B 257 -15.34 -4.39 13.98
C PRO B 257 -14.04 -4.30 14.71
N GLU B 258 -13.45 -5.47 15.02
CA GLU B 258 -12.32 -5.61 15.89
C GLU B 258 -11.20 -4.83 15.29
N ALA B 259 -11.20 -4.70 13.96
CA ALA B 259 -10.11 -4.17 13.22
C ALA B 259 -9.80 -2.79 13.71
N LEU B 260 -10.83 -2.00 14.07
CA LEU B 260 -10.57 -0.64 14.45
C LEU B 260 -9.64 -0.68 15.63
N PHE B 261 -9.94 -1.56 16.60
CA PHE B 261 -9.04 -1.74 17.70
C PHE B 261 -7.78 -2.42 17.25
N GLN B 262 -7.88 -3.49 16.44
CA GLN B 262 -6.66 -4.11 16.01
C GLN B 262 -6.61 -4.12 14.52
N PRO B 263 -5.89 -3.18 14.01
CA PRO B 263 -5.74 -2.98 12.59
C PRO B 263 -4.98 -4.12 11.99
N SER B 264 -4.30 -4.92 12.83
CA SER B 264 -3.43 -5.95 12.33
C SER B 264 -4.28 -6.98 11.64
N PHE B 265 -5.58 -7.04 12.00
CA PHE B 265 -6.45 -8.09 11.53
C PHE B 265 -6.40 -7.99 10.05
N LEU B 266 -6.61 -6.75 9.57
CA LEU B 266 -6.60 -6.41 8.20
C LEU B 266 -5.25 -6.37 7.62
N GLY B 267 -4.17 -6.52 8.41
CA GLY B 267 -2.83 -6.53 7.89
C GLY B 267 -2.20 -5.18 8.09
N MET B 268 -2.87 -4.34 8.88
CA MET B 268 -2.38 -3.03 9.14
C MET B 268 -1.51 -3.09 10.35
N GLU B 269 -0.29 -2.52 10.22
CA GLU B 269 0.62 -2.36 11.33
C GLU B 269 0.03 -1.36 12.27
N SER B 270 -0.65 -0.34 11.71
CA SER B 270 -0.81 0.89 12.42
C SER B 270 -1.52 0.66 13.71
N CYS B 271 -1.33 1.62 14.62
CA CYS B 271 -1.81 1.53 15.97
C CYS B 271 -3.29 1.67 15.93
N GLY B 272 -3.98 1.20 16.99
CA GLY B 272 -5.40 1.14 16.96
C GLY B 272 -5.90 2.53 17.17
N ILE B 273 -7.23 2.72 17.16
CA ILE B 273 -7.79 4.03 17.34
C ILE B 273 -7.43 4.48 18.72
N HIS B 274 -7.51 3.56 19.70
CA HIS B 274 -7.19 3.91 21.05
C HIS B 274 -5.78 4.40 21.02
N GLU B 275 -4.93 3.70 20.24
CA GLU B 275 -3.55 4.06 20.17
C GLU B 275 -3.43 5.40 19.52
N THR B 276 -4.24 5.61 18.49
CA THR B 276 -4.07 6.75 17.68
C THR B 276 -4.30 7.99 18.48
N THR B 277 -5.35 7.95 19.29
CA THR B 277 -5.79 9.08 20.04
C THR B 277 -4.70 9.46 20.98
N PHE B 278 -4.11 8.47 21.68
CA PHE B 278 -3.18 8.79 22.72
C PHE B 278 -2.03 9.51 22.10
N ASN B 279 -1.52 8.98 20.99
CA ASN B 279 -0.32 9.52 20.41
C ASN B 279 -0.59 10.94 20.06
N SER B 280 -1.77 11.19 19.46
CA SER B 280 -2.08 12.50 18.97
C SER B 280 -2.11 13.43 20.13
N ILE B 281 -2.66 12.97 21.26
CA ILE B 281 -2.79 13.83 22.41
C ILE B 281 -1.42 14.19 22.87
N MET B 282 -0.47 13.22 22.83
CA MET B 282 0.86 13.45 23.29
C MET B 282 1.48 14.49 22.41
N LYS B 283 1.06 14.52 21.12
CA LYS B 283 1.65 15.42 20.18
C LYS B 283 1.49 16.81 20.73
N CYS B 284 0.35 17.09 21.38
CA CYS B 284 0.03 18.41 21.84
C CYS B 284 0.74 18.70 23.13
N ASP B 285 0.52 19.94 23.65
CA ASP B 285 1.11 20.36 24.90
C ASP B 285 0.51 19.54 25.98
N VAL B 286 1.26 19.40 27.09
CA VAL B 286 0.81 18.76 28.28
C VAL B 286 -0.31 19.58 28.88
N ASP B 287 -0.18 20.92 28.85
CA ASP B 287 -1.13 21.76 29.52
C ASP B 287 -2.48 21.50 28.93
N ILE B 288 -2.55 21.51 27.60
CA ILE B 288 -3.80 21.44 26.89
C ILE B 288 -4.45 20.11 27.12
N ARG B 289 -3.65 19.03 27.26
CA ARG B 289 -4.10 17.69 27.01
C ARG B 289 -5.31 17.40 27.84
N LYS B 290 -5.43 18.04 29.01
CA LYS B 290 -6.52 17.77 29.90
C LYS B 290 -7.79 17.97 29.13
N ASP B 291 -7.79 18.99 28.26
CA ASP B 291 -8.96 19.38 27.53
C ASP B 291 -9.41 18.24 26.67
N LEU B 292 -8.47 17.64 25.91
CA LEU B 292 -8.84 16.61 24.98
C LEU B 292 -9.35 15.45 25.75
N TYR B 293 -8.74 15.14 26.90
CA TYR B 293 -9.18 13.99 27.60
C TYR B 293 -10.60 14.21 28.01
N ALA B 294 -10.92 15.42 28.51
CA ALA B 294 -12.28 15.63 28.91
C ALA B 294 -13.15 15.49 27.71
N ASN B 295 -12.79 16.15 26.58
CA ASN B 295 -13.70 16.11 25.47
C ASN B 295 -13.13 15.21 24.44
N THR B 296 -13.77 14.05 24.24
CA THR B 296 -13.41 13.28 23.09
C THR B 296 -14.69 13.01 22.34
N VAL B 297 -14.77 13.44 21.07
CA VAL B 297 -16.04 13.38 20.41
C VAL B 297 -15.95 12.33 19.38
N LEU B 298 -17.01 11.57 19.12
CA LEU B 298 -16.92 10.56 18.09
C LEU B 298 -17.45 11.22 16.88
N SER B 299 -17.18 10.69 15.67
CA SER B 299 -17.68 11.40 14.53
C SER B 299 -17.78 10.40 13.40
N GLY B 300 -18.84 10.48 12.57
CA GLY B 300 -18.90 9.75 11.33
C GLY B 300 -19.35 8.36 11.64
N GLY B 301 -20.38 7.84 10.94
CA GLY B 301 -20.23 6.72 10.06
C GLY B 301 -20.01 5.49 10.88
N THR B 302 -18.71 5.20 11.04
CA THR B 302 -18.08 4.07 11.66
C THR B 302 -18.16 4.16 13.16
N THR B 303 -18.35 5.38 13.72
CA THR B 303 -18.45 5.57 15.14
C THR B 303 -19.79 5.14 15.68
N MET B 304 -20.78 4.83 14.82
CA MET B 304 -22.10 4.57 15.32
C MET B 304 -22.29 3.33 16.16
N TYR B 305 -21.44 2.27 16.05
CA TYR B 305 -21.70 1.01 16.74
C TYR B 305 -21.94 1.26 18.19
N PRO B 306 -22.93 0.60 18.75
CA PRO B 306 -23.24 0.75 20.14
C PRO B 306 -22.10 0.28 20.97
N GLY B 307 -21.82 0.94 22.10
CA GLY B 307 -20.91 0.41 23.08
C GLY B 307 -19.50 0.78 22.73
N ILE B 308 -19.31 1.59 21.67
CA ILE B 308 -17.96 2.02 21.41
C ILE B 308 -17.53 2.96 22.49
N ALA B 309 -18.46 3.81 22.97
CA ALA B 309 -18.09 4.88 23.86
C ALA B 309 -17.48 4.33 25.12
N ASP B 310 -18.11 3.32 25.74
CA ASP B 310 -17.58 2.85 26.98
C ASP B 310 -16.26 2.17 26.76
N ARG B 311 -16.13 1.36 25.69
CA ARG B 311 -14.88 0.68 25.51
C ARG B 311 -13.85 1.74 25.31
N MET B 312 -14.22 2.78 24.55
CA MET B 312 -13.31 3.84 24.27
C MET B 312 -12.95 4.47 25.58
N GLN B 313 -13.93 4.64 26.48
CA GLN B 313 -13.61 5.27 27.73
C GLN B 313 -12.61 4.39 28.40
N LYS B 314 -12.84 3.07 28.34
CA LYS B 314 -12.05 2.13 29.07
C LYS B 314 -10.63 2.19 28.60
N GLU B 315 -10.43 2.17 27.27
CA GLU B 315 -9.08 2.02 26.79
C GLU B 315 -8.31 3.24 27.21
N ILE B 316 -8.92 4.43 27.05
CA ILE B 316 -8.25 5.65 27.34
C ILE B 316 -7.96 5.74 28.80
N THR B 317 -8.89 5.26 29.66
CA THR B 317 -8.63 5.37 31.07
C THR B 317 -7.37 4.63 31.34
N ALA B 318 -7.20 3.46 30.71
CA ALA B 318 -6.04 2.66 30.97
C ALA B 318 -4.82 3.43 30.57
N LEU B 319 -4.86 4.08 29.40
CA LEU B 319 -3.70 4.76 28.90
C LEU B 319 -3.35 5.95 29.75
N ALA B 320 -4.38 6.69 30.22
CA ALA B 320 -4.17 7.96 30.86
C ALA B 320 -3.61 7.75 32.23
N PRO B 321 -3.10 8.82 32.81
CA PRO B 321 -2.72 8.88 34.18
C PRO B 321 -3.95 8.70 34.99
N SER B 322 -3.79 8.28 36.27
CA SER B 322 -4.89 7.94 37.13
C SER B 322 -5.71 9.17 37.43
N THR B 323 -5.06 10.33 37.62
CA THR B 323 -5.79 11.47 38.07
C THR B 323 -6.80 11.83 37.04
N MET B 324 -6.41 11.70 35.76
CA MET B 324 -7.06 12.42 34.71
C MET B 324 -8.52 12.11 34.63
N LYS B 325 -9.29 13.13 34.25
CA LYS B 325 -10.67 13.00 33.89
C LYS B 325 -10.68 12.51 32.48
N ILE B 326 -11.62 11.60 32.15
CA ILE B 326 -11.76 11.26 30.77
C ILE B 326 -13.22 11.30 30.46
N LYS B 327 -13.59 11.82 29.27
CA LYS B 327 -14.98 11.72 28.94
C LYS B 327 -15.10 11.55 27.45
N ILE B 328 -16.04 10.67 27.06
CA ILE B 328 -16.27 10.34 25.68
C ILE B 328 -17.62 10.86 25.34
N ILE B 329 -17.75 11.52 24.18
CA ILE B 329 -19.03 12.03 23.80
C ILE B 329 -19.31 11.56 22.42
N ALA B 330 -20.50 10.95 22.19
CA ALA B 330 -20.80 10.59 20.84
C ALA B 330 -22.18 11.05 20.51
N PRO B 331 -22.26 12.00 19.62
CA PRO B 331 -23.53 12.56 19.25
C PRO B 331 -24.36 11.59 18.48
N PRO B 332 -25.63 11.66 18.74
CA PRO B 332 -26.54 10.60 18.42
C PRO B 332 -26.60 10.27 16.97
N GLU B 333 -26.65 11.24 16.05
CA GLU B 333 -26.52 10.68 14.75
C GLU B 333 -25.66 11.55 13.89
N ARG B 334 -24.38 11.23 14.03
CA ARG B 334 -23.18 11.78 13.56
C ARG B 334 -22.82 11.63 12.13
N LYS B 335 -23.35 10.62 11.46
CA LYS B 335 -22.93 10.40 10.11
C LYS B 335 -23.15 11.61 9.27
N TYR B 336 -24.31 12.23 9.48
CA TYR B 336 -24.77 13.40 8.79
C TYR B 336 -23.94 14.59 9.16
N SER B 337 -23.23 14.53 10.30
CA SER B 337 -22.72 15.76 10.84
C SER B 337 -21.71 16.34 9.90
N VAL B 338 -21.23 15.57 8.90
CA VAL B 338 -20.44 16.22 7.88
C VAL B 338 -21.31 17.19 7.15
N TRP B 339 -22.49 16.71 6.69
CA TRP B 339 -23.38 17.48 5.87
C TRP B 339 -23.83 18.63 6.69
N ILE B 340 -24.02 18.37 8.00
CA ILE B 340 -24.54 19.34 8.90
C ILE B 340 -23.64 20.53 8.90
N GLY B 341 -22.32 20.29 8.92
CA GLY B 341 -21.42 21.39 9.04
C GLY B 341 -21.63 22.29 7.86
N GLY B 342 -21.86 21.68 6.69
CA GLY B 342 -21.98 22.43 5.47
C GLY B 342 -23.16 23.27 5.50
N SER B 343 -24.27 22.70 6.00
CA SER B 343 -25.51 23.38 5.89
C SER B 343 -25.33 24.65 6.64
N ILE B 344 -24.71 24.54 7.83
CA ILE B 344 -24.51 25.73 8.60
C ILE B 344 -23.60 26.65 7.87
N LEU B 345 -22.47 26.13 7.36
CA LEU B 345 -21.47 27.01 6.83
C LEU B 345 -22.08 27.75 5.68
N ALA B 346 -22.75 27.00 4.82
CA ALA B 346 -23.38 27.57 3.66
C ALA B 346 -24.39 28.54 4.13
N SER B 347 -25.15 28.11 5.15
CA SER B 347 -26.31 28.82 5.58
C SER B 347 -25.89 30.09 6.24
N LEU B 348 -24.59 30.23 6.60
CA LEU B 348 -24.28 31.40 7.37
C LEU B 348 -24.38 32.61 6.51
N SER B 349 -25.30 33.51 6.91
CA SER B 349 -25.58 34.76 6.29
C SER B 349 -24.45 35.72 6.53
N THR B 350 -23.95 35.74 7.77
CA THR B 350 -22.96 36.70 8.19
C THR B 350 -21.75 36.46 7.36
N PHE B 351 -21.48 35.17 7.16
CA PHE B 351 -20.33 34.63 6.51
C PHE B 351 -20.39 34.88 5.04
N GLN B 352 -21.54 35.32 4.49
CA GLN B 352 -21.95 35.13 3.12
C GLN B 352 -20.88 35.60 2.16
N GLN B 353 -20.03 36.56 2.56
CA GLN B 353 -18.98 37.04 1.69
C GLN B 353 -18.10 35.89 1.30
N MET B 354 -18.09 34.83 2.13
CA MET B 354 -17.23 33.68 2.06
C MET B 354 -17.41 33.02 0.74
N TRP B 355 -18.63 33.03 0.19
CA TRP B 355 -18.87 32.33 -1.03
C TRP B 355 -17.96 32.84 -2.09
N ILE B 356 -17.67 31.97 -3.07
CA ILE B 356 -16.87 32.22 -4.23
C ILE B 356 -17.82 32.61 -5.32
N SER B 357 -17.39 33.54 -6.19
CA SER B 357 -18.28 34.19 -7.08
C SER B 357 -17.81 33.93 -8.48
N LYS B 358 -18.68 34.25 -9.45
CA LYS B 358 -18.37 34.06 -10.83
C LYS B 358 -17.24 34.95 -11.18
N GLN B 359 -17.25 36.20 -10.68
CA GLN B 359 -16.22 37.16 -11.00
C GLN B 359 -14.92 36.70 -10.43
N GLU B 360 -14.93 36.17 -9.19
CA GLU B 360 -13.67 35.79 -8.62
C GLU B 360 -13.13 34.68 -9.46
N TYR B 361 -14.04 33.83 -9.96
CA TYR B 361 -13.66 32.80 -10.88
C TYR B 361 -13.13 33.47 -12.11
N ASP B 362 -13.84 34.48 -12.62
CA ASP B 362 -13.52 35.02 -13.91
C ASP B 362 -12.21 35.73 -13.85
N GLU B 363 -11.99 36.63 -12.87
CA GLU B 363 -10.71 37.26 -12.78
C GLU B 363 -9.70 36.23 -12.43
N SER B 364 -9.91 35.64 -11.24
CA SER B 364 -8.87 34.97 -10.53
C SER B 364 -8.61 33.68 -11.21
N GLY B 365 -9.57 33.26 -12.04
CA GLY B 365 -9.63 31.89 -12.41
C GLY B 365 -10.27 31.23 -11.23
N PRO B 366 -10.33 29.94 -11.27
CA PRO B 366 -10.95 29.15 -10.26
C PRO B 366 -10.24 29.28 -8.95
N SER B 367 -8.93 29.55 -8.97
CA SER B 367 -8.05 29.22 -7.89
C SER B 367 -8.35 30.07 -6.70
N ILE B 368 -9.17 31.11 -6.89
CA ILE B 368 -9.45 32.03 -5.83
C ILE B 368 -10.04 31.24 -4.71
N VAL B 369 -10.86 30.22 -5.04
CA VAL B 369 -11.44 29.40 -4.02
C VAL B 369 -10.34 28.77 -3.22
N HIS B 370 -9.33 28.20 -3.88
CA HIS B 370 -8.28 27.54 -3.15
C HIS B 370 -7.51 28.58 -2.39
N ARG B 371 -7.23 29.73 -3.03
CA ARG B 371 -6.28 30.63 -2.47
C ARG B 371 -6.96 31.62 -1.59
N LYS B 372 -6.44 31.75 -0.36
CA LYS B 372 -6.92 32.72 0.59
C LYS B 372 -8.40 32.60 0.73
N CYS B 373 -8.88 31.35 0.91
CA CYS B 373 -10.19 31.12 1.44
C CYS B 373 -10.48 29.68 1.21
N PHE B 374 -11.78 29.30 1.12
CA PHE B 374 -12.06 27.97 0.70
C PHE B 374 -12.94 28.05 -0.49
N ASP C 1 10.55 -53.87 10.39
CA ASP C 1 11.50 -53.00 9.79
C ASP C 1 11.02 -51.59 9.97
N ASP C 2 12.00 -50.68 10.04
CA ASP C 2 11.85 -49.48 10.79
C ASP C 2 11.59 -48.31 9.91
N ASP C 3 11.74 -47.10 10.49
CA ASP C 3 11.64 -45.90 9.73
C ASP C 3 10.23 -45.80 9.24
N ILE C 4 9.84 -44.64 8.68
CA ILE C 4 8.50 -44.59 8.21
C ILE C 4 8.43 -43.70 7.01
N ALA C 5 7.34 -43.88 6.22
CA ALA C 5 7.14 -43.12 5.03
C ALA C 5 5.94 -42.27 5.27
N ALA C 6 5.84 -41.14 4.54
CA ALA C 6 4.71 -40.30 4.75
C ALA C 6 3.74 -40.57 3.65
N LEU C 7 2.46 -40.79 3.99
CA LEU C 7 1.51 -41.18 3.01
C LEU C 7 0.91 -39.94 2.46
N VAL C 8 1.33 -39.53 1.26
CA VAL C 8 0.91 -38.24 0.81
C VAL C 8 0.03 -38.43 -0.36
N VAL C 9 -1.19 -38.80 0.05
CA VAL C 9 -2.51 -38.44 -0.30
C VAL C 9 -2.64 -36.93 -0.46
N ASP C 10 -2.96 -36.54 -1.71
CA ASP C 10 -3.43 -35.24 -2.11
C ASP C 10 -4.83 -35.48 -2.60
N ASN C 11 -5.85 -35.02 -1.85
CA ASN C 11 -7.20 -35.29 -2.29
C ASN C 11 -7.54 -34.28 -3.33
N GLY C 12 -7.53 -34.68 -4.63
CA GLY C 12 -7.86 -33.67 -5.59
C GLY C 12 -9.32 -33.66 -5.92
N SER C 13 -9.77 -32.53 -6.48
CA SER C 13 -11.14 -32.33 -6.88
C SER C 13 -11.49 -33.45 -7.81
N GLY C 14 -10.80 -33.53 -8.97
CA GLY C 14 -10.95 -34.57 -9.96
C GLY C 14 -10.09 -35.78 -9.75
N MET C 15 -8.85 -35.57 -9.22
CA MET C 15 -7.91 -36.64 -9.20
C MET C 15 -7.35 -36.72 -7.83
N CYS C 16 -7.43 -37.91 -7.23
CA CYS C 16 -6.69 -38.17 -6.03
C CYS C 16 -5.32 -38.51 -6.48
N LYS C 17 -4.31 -38.07 -5.72
CA LYS C 17 -2.98 -38.52 -6.01
C LYS C 17 -2.40 -38.88 -4.69
N ALA C 18 -1.76 -40.07 -4.59
CA ALA C 18 -1.17 -40.41 -3.33
C ALA C 18 -0.08 -41.41 -3.59
N GLY C 19 0.89 -41.47 -2.66
CA GLY C 19 2.07 -42.28 -2.85
C GLY C 19 2.84 -42.22 -1.57
N PHE C 20 4.15 -42.48 -1.63
CA PHE C 20 4.94 -42.44 -0.44
C PHE C 20 5.80 -41.22 -0.50
N ALA C 21 6.04 -40.60 0.67
CA ALA C 21 6.91 -39.46 0.69
C ALA C 21 8.26 -39.95 0.32
N GLY C 22 9.01 -39.11 -0.42
CA GLY C 22 10.30 -39.51 -0.89
C GLY C 22 10.17 -39.92 -2.31
N ASP C 23 8.94 -40.25 -2.75
CA ASP C 23 8.78 -40.62 -4.12
C ASP C 23 8.80 -39.36 -4.94
N ASP C 24 9.30 -39.48 -6.19
CA ASP C 24 9.42 -38.35 -7.06
C ASP C 24 8.06 -37.85 -7.41
N ALA C 25 7.12 -38.77 -7.67
CA ALA C 25 5.83 -38.40 -8.16
C ALA C 25 4.82 -39.24 -7.46
N PRO C 26 3.56 -38.91 -7.62
CA PRO C 26 2.49 -39.68 -7.05
C PRO C 26 2.48 -41.06 -7.63
N ARG C 27 2.30 -42.08 -6.77
CA ARG C 27 2.28 -43.46 -7.13
C ARG C 27 1.12 -43.73 -8.02
N ALA C 28 -0.07 -43.39 -7.49
CA ALA C 28 -1.28 -43.87 -8.06
C ALA C 28 -2.15 -42.69 -8.18
N VAL C 29 -2.91 -42.61 -9.28
CA VAL C 29 -3.65 -41.40 -9.41
C VAL C 29 -4.95 -41.77 -10.03
N PHE C 30 -6.06 -41.21 -9.52
CA PHE C 30 -7.31 -41.62 -10.09
C PHE C 30 -8.32 -40.55 -9.83
N PRO C 31 -9.31 -40.56 -10.68
CA PRO C 31 -10.38 -39.62 -10.64
C PRO C 31 -11.15 -39.83 -9.37
N SER C 32 -11.53 -38.74 -8.67
CA SER C 32 -12.41 -38.89 -7.56
C SER C 32 -13.76 -38.55 -8.06
N ILE C 33 -14.61 -39.58 -8.23
CA ILE C 33 -16.03 -39.41 -8.33
C ILE C 33 -16.63 -40.63 -7.74
N VAL C 34 -17.98 -40.70 -7.68
CA VAL C 34 -18.58 -41.92 -7.24
C VAL C 34 -19.65 -42.26 -8.24
N GLY C 35 -19.70 -43.53 -8.68
CA GLY C 35 -20.56 -43.83 -9.78
C GLY C 35 -20.99 -45.25 -9.64
N ARG C 36 -22.15 -45.58 -10.21
CA ARG C 36 -22.69 -46.90 -10.15
C ARG C 36 -23.50 -46.93 -11.39
N PRO C 37 -24.04 -48.03 -11.87
CA PRO C 37 -24.87 -47.97 -13.03
C PRO C 37 -25.99 -47.05 -12.72
N ARG C 38 -26.20 -46.01 -13.53
CA ARG C 38 -27.39 -45.25 -13.36
C ARG C 38 -28.52 -46.14 -13.76
N HIS C 39 -28.38 -46.74 -14.96
CA HIS C 39 -29.43 -47.54 -15.51
C HIS C 39 -29.58 -48.79 -14.70
N GLN C 40 -28.46 -49.46 -14.36
CA GLN C 40 -28.61 -50.69 -13.64
C GLN C 40 -29.29 -51.62 -14.59
N GLY C 41 -30.24 -52.43 -14.10
CA GLY C 41 -30.98 -53.24 -15.01
C GLY C 41 -30.95 -54.68 -14.61
N VAL C 42 -29.89 -55.15 -13.90
CA VAL C 42 -29.90 -56.38 -13.13
C VAL C 42 -28.83 -57.31 -13.64
N MET C 43 -29.25 -58.45 -14.23
CA MET C 43 -28.53 -59.40 -15.03
C MET C 43 -28.73 -60.71 -14.37
N VAL C 44 -28.02 -61.73 -14.87
CA VAL C 44 -27.77 -62.89 -14.07
C VAL C 44 -26.35 -62.76 -13.62
N GLY C 45 -26.11 -63.01 -12.32
CA GLY C 45 -24.77 -62.90 -11.79
C GLY C 45 -24.60 -61.54 -11.21
N MET C 46 -23.37 -61.27 -10.71
CA MET C 46 -23.00 -60.00 -10.15
C MET C 46 -21.53 -59.87 -10.38
N GLY C 47 -20.82 -59.14 -9.49
CA GLY C 47 -19.42 -58.93 -9.77
C GLY C 47 -19.22 -57.56 -10.33
N GLN C 48 -20.13 -56.62 -10.03
CA GLN C 48 -19.80 -55.24 -10.26
C GLN C 48 -19.67 -54.57 -8.93
N LYS C 49 -18.80 -53.55 -8.84
CA LYS C 49 -18.63 -52.82 -7.61
C LYS C 49 -19.44 -51.57 -7.71
N ASP C 50 -20.21 -51.27 -6.64
CA ASP C 50 -21.28 -50.33 -6.72
C ASP C 50 -20.76 -49.00 -7.11
N SER C 51 -19.82 -48.44 -6.33
CA SER C 51 -19.45 -47.11 -6.67
C SER C 51 -17.99 -46.93 -6.45
N TYR C 52 -17.17 -47.72 -7.17
CA TYR C 52 -15.75 -47.54 -7.09
C TYR C 52 -15.33 -46.30 -7.80
N VAL C 53 -15.75 -46.16 -9.07
CA VAL C 53 -15.25 -45.10 -9.88
C VAL C 53 -13.83 -45.43 -10.25
N GLY C 54 -12.88 -44.56 -9.86
CA GLY C 54 -11.49 -44.74 -10.07
C GLY C 54 -11.25 -44.82 -11.53
N ASP C 55 -10.28 -45.68 -11.89
CA ASP C 55 -9.93 -45.95 -13.24
C ASP C 55 -11.08 -46.64 -13.91
N GLU C 56 -11.69 -47.62 -13.22
CA GLU C 56 -12.59 -48.52 -13.87
C GLU C 56 -13.77 -47.72 -14.36
N ALA C 57 -14.09 -46.62 -13.66
CA ALA C 57 -15.15 -45.74 -14.07
C ALA C 57 -14.83 -45.13 -15.42
N GLN C 58 -13.56 -44.77 -15.64
CA GLN C 58 -13.25 -43.95 -16.78
C GLN C 58 -13.54 -44.67 -18.06
N SER C 59 -13.06 -45.92 -18.18
CA SER C 59 -13.25 -46.68 -19.40
C SER C 59 -14.70 -47.03 -19.45
N LYS C 60 -15.32 -46.98 -18.27
CA LYS C 60 -16.64 -47.42 -17.91
C LYS C 60 -17.66 -46.56 -18.59
N ARG C 61 -17.22 -45.49 -19.30
CA ARG C 61 -17.82 -44.18 -19.30
C ARG C 61 -19.30 -44.28 -19.44
N GLY C 62 -19.82 -45.05 -20.42
CA GLY C 62 -21.22 -44.96 -20.67
C GLY C 62 -22.00 -45.38 -19.47
N ILE C 63 -21.59 -46.48 -18.84
CA ILE C 63 -22.41 -47.16 -17.89
C ILE C 63 -22.61 -46.33 -16.64
N LEU C 64 -21.54 -45.67 -16.15
CA LEU C 64 -21.52 -45.13 -14.81
C LEU C 64 -22.16 -43.78 -14.76
N THR C 65 -22.52 -43.34 -13.54
CA THR C 65 -22.72 -41.95 -13.25
C THR C 65 -21.46 -41.48 -12.57
N LEU C 66 -21.42 -40.20 -12.17
CA LEU C 66 -20.28 -39.69 -11.45
C LEU C 66 -20.78 -38.96 -10.25
N LYS C 67 -19.88 -38.71 -9.27
CA LYS C 67 -20.24 -37.83 -8.18
C LYS C 67 -18.97 -37.36 -7.56
N TYR C 68 -18.75 -36.04 -7.43
CA TYR C 68 -17.49 -35.65 -6.86
C TYR C 68 -17.74 -35.21 -5.45
N PRO C 69 -17.42 -36.02 -4.48
CA PRO C 69 -17.49 -35.62 -3.10
C PRO C 69 -16.57 -34.46 -2.89
N ILE C 70 -15.43 -34.50 -3.57
CA ILE C 70 -14.39 -33.51 -3.70
C ILE C 70 -14.69 -32.38 -4.65
N GLU C 71 -15.94 -32.28 -5.10
CA GLU C 71 -16.35 -31.23 -6.03
C GLU C 71 -15.32 -30.11 -6.08
N HIC C 72 -15.53 -29.08 -5.28
CA HIC C 72 -14.61 -27.94 -5.23
C HIC C 72 -13.54 -28.21 -4.22
O HIC C 72 -13.35 -27.42 -3.27
CB HIC C 72 -15.40 -26.69 -4.87
CG HIC C 72 -16.66 -26.62 -5.70
ND1 HIC C 72 -17.92 -26.53 -5.24
CD2 HIC C 72 -16.73 -26.64 -7.09
CE1 HIC C 72 -18.75 -26.50 -6.31
NE2 HIC C 72 -18.02 -26.56 -7.42
CZ HIC C 72 -18.55 -26.56 -8.81
N GLY C 73 -12.83 -29.32 -4.39
CA GLY C 73 -11.76 -29.69 -3.48
C GLY C 73 -12.28 -30.04 -2.10
N ILE C 74 -13.15 -29.20 -1.57
CA ILE C 74 -13.72 -29.43 -0.25
C ILE C 74 -14.49 -30.75 -0.19
N VAL C 75 -14.18 -31.56 0.82
CA VAL C 75 -14.82 -32.83 0.99
C VAL C 75 -16.17 -32.59 1.57
N THR C 76 -17.22 -32.66 0.71
CA THR C 76 -18.57 -32.43 1.11
C THR C 76 -19.11 -33.59 1.92
N ASN C 77 -18.82 -34.85 1.55
CA ASN C 77 -19.40 -35.89 2.36
C ASN C 77 -18.39 -36.95 2.65
N TRP C 78 -18.38 -37.36 3.93
CA TRP C 78 -17.42 -38.24 4.53
C TRP C 78 -17.55 -39.64 4.03
N ASP C 79 -18.78 -40.13 3.83
CA ASP C 79 -18.96 -41.53 3.56
C ASP C 79 -18.24 -41.90 2.30
N ASP C 80 -18.47 -41.14 1.21
CA ASP C 80 -17.82 -41.45 -0.03
C ASP C 80 -16.36 -41.26 0.17
N MET C 81 -16.00 -40.22 0.94
CA MET C 81 -14.64 -39.79 1.07
C MET C 81 -13.86 -40.92 1.66
N GLU C 82 -14.43 -41.60 2.65
CA GLU C 82 -13.78 -42.70 3.29
C GLU C 82 -13.59 -43.77 2.25
N LYS C 83 -14.58 -43.92 1.35
CA LYS C 83 -14.50 -44.94 0.34
C LYS C 83 -13.32 -44.65 -0.51
N ILE C 84 -13.07 -43.37 -0.83
CA ILE C 84 -11.96 -43.02 -1.66
C ILE C 84 -10.73 -43.47 -0.95
N TRP C 85 -10.65 -43.13 0.34
CA TRP C 85 -9.47 -43.34 1.12
C TRP C 85 -9.22 -44.81 1.22
N HIS C 86 -10.29 -45.60 1.45
CA HIS C 86 -10.11 -47.01 1.59
C HIS C 86 -9.52 -47.52 0.32
N HIS C 87 -10.07 -47.08 -0.83
CA HIS C 87 -9.65 -47.55 -2.10
C HIS C 87 -8.21 -47.18 -2.26
N THR C 88 -7.88 -45.93 -1.91
CA THR C 88 -6.55 -45.45 -2.15
C THR C 88 -5.61 -46.32 -1.38
N PHE C 89 -5.87 -46.49 -0.07
CA PHE C 89 -4.92 -47.21 0.73
C PHE C 89 -4.84 -48.61 0.21
N TYR C 90 -5.99 -49.31 0.22
CA TYR C 90 -5.95 -50.72 -0.01
C TYR C 90 -5.67 -51.03 -1.45
N ASN C 91 -6.49 -50.47 -2.36
CA ASN C 91 -6.41 -50.96 -3.70
C ASN C 91 -5.19 -50.46 -4.41
N GLU C 92 -5.02 -49.12 -4.51
CA GLU C 92 -3.92 -48.65 -5.28
C GLU C 92 -2.63 -48.81 -4.53
N LEU C 93 -2.61 -48.36 -3.27
CA LEU C 93 -1.41 -48.43 -2.48
C LEU C 93 -1.15 -49.85 -2.12
N ARG C 94 -2.22 -50.63 -1.85
CA ARG C 94 -2.04 -51.97 -1.42
C ARG C 94 -1.30 -51.95 -0.11
N VAL C 95 -1.47 -50.87 0.68
CA VAL C 95 -0.70 -50.80 1.89
C VAL C 95 -1.64 -50.59 3.03
N ALA C 96 -1.25 -51.08 4.22
CA ALA C 96 -2.11 -50.95 5.36
C ALA C 96 -1.67 -49.75 6.14
N PRO C 97 -2.62 -48.89 6.33
CA PRO C 97 -2.38 -47.55 6.81
C PRO C 97 -1.89 -47.53 8.22
N GLU C 98 -2.07 -48.63 8.99
CA GLU C 98 -1.71 -48.60 10.37
C GLU C 98 -0.26 -48.32 10.41
N GLU C 99 0.44 -48.81 9.37
CA GLU C 99 1.86 -48.79 9.27
C GLU C 99 2.42 -47.40 9.08
N HIS C 100 1.75 -46.48 8.33
CA HIS C 100 2.50 -45.32 7.87
C HIS C 100 1.87 -44.03 8.27
N PRO C 101 2.63 -43.11 8.80
CA PRO C 101 2.21 -41.76 9.04
C PRO C 101 1.82 -41.13 7.74
N VAL C 102 0.75 -40.31 7.72
CA VAL C 102 0.16 -39.87 6.47
C VAL C 102 -0.06 -38.39 6.54
N LEU C 103 0.15 -37.66 5.43
CA LEU C 103 -0.12 -36.25 5.38
C LEU C 103 -1.23 -36.21 4.44
N LEU C 104 -2.30 -35.42 4.71
CA LEU C 104 -3.40 -35.24 3.81
C LEU C 104 -3.34 -33.82 3.32
N THR C 105 -3.84 -33.55 2.10
CA THR C 105 -3.84 -32.18 1.65
C THR C 105 -5.23 -31.68 1.66
N GLU C 106 -5.36 -30.35 1.76
CA GLU C 106 -6.67 -29.79 1.90
C GLU C 106 -6.72 -28.48 1.16
N ALA C 107 -7.95 -28.05 0.81
CA ALA C 107 -8.20 -26.91 -0.03
C ALA C 107 -8.23 -25.64 0.77
N PRO C 108 -8.05 -24.56 0.07
CA PRO C 108 -7.68 -23.29 0.66
C PRO C 108 -8.55 -22.73 1.74
N LEU C 109 -9.85 -22.53 1.52
CA LEU C 109 -10.53 -22.04 2.67
C LEU C 109 -11.34 -23.17 3.20
N ASN C 110 -10.60 -24.15 3.73
CA ASN C 110 -11.21 -25.32 4.27
C ASN C 110 -11.44 -25.02 5.71
N PRO C 111 -12.64 -25.24 6.12
CA PRO C 111 -13.05 -24.88 7.45
C PRO C 111 -12.34 -25.74 8.44
N LYS C 112 -12.30 -25.30 9.71
CA LYS C 112 -11.69 -26.06 10.76
C LYS C 112 -12.45 -27.31 10.99
N ALA C 113 -13.79 -27.25 10.85
CA ALA C 113 -14.58 -28.37 11.24
C ALA C 113 -14.18 -29.55 10.41
N ASN C 114 -14.06 -29.37 9.09
CA ASN C 114 -13.79 -30.51 8.26
C ASN C 114 -12.41 -31.01 8.57
N ARG C 115 -11.48 -30.10 8.87
CA ARG C 115 -10.13 -30.51 9.06
C ARG C 115 -10.12 -31.49 10.20
N GLU C 116 -10.87 -31.18 11.27
CA GLU C 116 -10.92 -32.05 12.40
C GLU C 116 -11.53 -33.34 11.97
N LYS C 117 -12.59 -33.25 11.14
CA LYS C 117 -13.29 -34.43 10.72
C LYS C 117 -12.31 -35.29 9.98
N MET C 118 -11.42 -34.65 9.22
CA MET C 118 -10.51 -35.40 8.41
C MET C 118 -9.67 -36.23 9.33
N THR C 119 -9.28 -35.66 10.47
CA THR C 119 -8.46 -36.30 11.45
C THR C 119 -9.20 -37.48 12.03
N GLN C 120 -10.50 -37.31 12.31
CA GLN C 120 -11.22 -38.35 13.00
C GLN C 120 -11.21 -39.57 12.13
N ILE C 121 -11.47 -39.39 10.82
CA ILE C 121 -11.53 -40.50 9.93
C ILE C 121 -10.17 -41.09 9.86
N MET C 122 -9.12 -40.27 9.71
CA MET C 122 -7.83 -40.86 9.53
C MET C 122 -7.48 -41.65 10.75
N PHE C 123 -7.69 -41.07 11.96
CA PHE C 123 -7.33 -41.85 13.11
C PHE C 123 -8.26 -43.02 13.27
N GLU C 124 -9.58 -42.77 13.33
CA GLU C 124 -10.44 -43.83 13.79
C GLU C 124 -10.50 -44.95 12.79
N THR C 125 -11.03 -44.66 11.59
CA THR C 125 -11.39 -45.74 10.72
C THR C 125 -10.16 -46.39 10.19
N PHE C 126 -9.20 -45.59 9.72
CA PHE C 126 -7.96 -46.07 9.18
C PHE C 126 -7.04 -46.54 10.26
N ASN C 127 -7.04 -45.86 11.42
CA ASN C 127 -6.05 -46.04 12.45
C ASN C 127 -4.67 -46.02 11.89
N THR C 128 -4.22 -44.82 11.49
CA THR C 128 -2.85 -44.58 11.17
C THR C 128 -2.18 -44.04 12.40
N PRO C 129 -0.88 -44.18 12.51
CA PRO C 129 -0.16 -43.81 13.69
C PRO C 129 -0.31 -42.37 14.02
N ALA C 130 -0.29 -41.51 12.98
CA ALA C 130 -0.18 -40.10 13.20
C ALA C 130 -0.53 -39.51 11.86
N MET C 131 -1.00 -38.25 11.79
CA MET C 131 -1.28 -37.71 10.50
C MET C 131 -0.75 -36.32 10.41
N TYR C 132 -0.65 -35.80 9.18
CA TYR C 132 -0.36 -34.41 9.02
C TYR C 132 -1.37 -33.92 8.03
N VAL C 133 -1.79 -32.65 8.13
CA VAL C 133 -2.68 -32.16 7.12
C VAL C 133 -2.00 -30.98 6.53
N ALA C 134 -2.19 -30.71 5.22
CA ALA C 134 -1.34 -29.77 4.56
C ALA C 134 -2.23 -28.88 3.77
N ILE C 135 -1.73 -27.68 3.41
CA ILE C 135 -2.52 -26.82 2.58
C ILE C 135 -1.86 -26.80 1.23
N GLN C 136 -2.64 -27.13 0.20
CA GLN C 136 -2.08 -27.70 -1.00
C GLN C 136 -1.13 -26.73 -1.63
N ALA C 137 -1.48 -25.42 -1.61
CA ALA C 137 -0.65 -24.45 -2.28
C ALA C 137 0.71 -24.44 -1.65
N VAL C 138 0.78 -24.51 -0.31
CA VAL C 138 2.07 -24.40 0.32
C VAL C 138 2.89 -25.55 -0.12
N LEU C 139 2.28 -26.73 -0.27
CA LEU C 139 3.03 -27.87 -0.70
C LEU C 139 3.55 -27.57 -2.07
N SER C 140 2.74 -26.94 -2.92
CA SER C 140 3.22 -26.62 -4.24
C SER C 140 4.40 -25.68 -4.10
N LEU C 141 4.27 -24.65 -3.23
CA LEU C 141 5.29 -23.67 -3.12
C LEU C 141 6.53 -24.34 -2.59
N TYR C 142 6.34 -25.32 -1.69
CA TYR C 142 7.46 -25.99 -1.09
C TYR C 142 8.21 -26.62 -2.20
N ALA C 143 7.49 -27.26 -3.13
CA ALA C 143 8.13 -28.08 -4.11
C ALA C 143 9.07 -27.20 -4.88
N SER C 144 8.63 -25.97 -5.17
CA SER C 144 9.34 -25.09 -6.05
C SER C 144 10.69 -24.79 -5.48
N GLY C 145 10.76 -24.43 -4.19
CA GLY C 145 12.02 -23.99 -3.65
C GLY C 145 12.18 -22.54 -4.02
N ARG C 146 11.06 -21.83 -4.21
CA ARG C 146 11.15 -20.43 -4.52
C ARG C 146 10.77 -19.65 -3.31
N THR C 147 11.75 -18.93 -2.73
CA THR C 147 11.45 -18.09 -1.60
C THR C 147 10.67 -16.90 -2.07
N THR C 148 11.03 -16.33 -3.24
CA THR C 148 10.37 -15.12 -3.64
C THR C 148 9.87 -15.26 -5.04
N GLY C 149 8.80 -14.50 -5.36
CA GLY C 149 8.27 -14.46 -6.69
C GLY C 149 6.79 -14.25 -6.55
N ILE C 150 6.11 -13.98 -7.67
CA ILE C 150 4.68 -13.98 -7.67
C ILE C 150 4.28 -15.10 -8.57
N VAL C 151 3.44 -16.01 -8.06
CA VAL C 151 3.22 -17.21 -8.81
C VAL C 151 1.80 -17.21 -9.26
N MET C 152 1.56 -17.72 -10.47
CA MET C 152 0.21 -17.94 -10.88
C MET C 152 0.03 -19.37 -10.58
N ASP C 153 -0.97 -19.76 -9.77
CA ASP C 153 -1.26 -21.17 -9.70
C ASP C 153 -2.54 -21.31 -10.44
N SER C 154 -2.61 -22.21 -11.44
CA SER C 154 -3.88 -22.52 -12.00
C SER C 154 -4.00 -24.01 -12.10
N GLY C 155 -4.98 -24.59 -11.38
CA GLY C 155 -5.21 -26.01 -11.41
C GLY C 155 -6.54 -26.24 -12.05
N ASP C 156 -7.29 -27.21 -11.51
CA ASP C 156 -8.57 -27.66 -11.95
C ASP C 156 -9.70 -26.74 -11.62
N GLY C 157 -9.98 -26.57 -10.31
CA GLY C 157 -11.03 -25.77 -9.76
C GLY C 157 -10.72 -24.34 -9.51
N VAL C 158 -9.45 -23.98 -9.17
CA VAL C 158 -9.28 -22.64 -8.70
C VAL C 158 -7.96 -22.10 -9.15
N THR C 159 -7.88 -20.76 -9.29
CA THR C 159 -6.70 -20.13 -9.79
C THR C 159 -6.36 -18.96 -8.91
N HIS C 160 -5.09 -18.87 -8.47
CA HIS C 160 -4.72 -17.86 -7.52
C HIS C 160 -3.48 -17.17 -8.01
N THR C 161 -3.27 -15.92 -7.54
CA THR C 161 -1.95 -15.35 -7.59
C THR C 161 -1.56 -15.02 -6.18
N VAL C 162 -0.42 -15.57 -5.73
CA VAL C 162 0.13 -15.24 -4.44
C VAL C 162 1.54 -14.77 -4.65
N PRO C 163 1.84 -13.58 -4.23
CA PRO C 163 3.18 -13.07 -4.15
C PRO C 163 3.84 -13.69 -2.96
N ILE C 164 5.17 -13.92 -3.00
CA ILE C 164 5.79 -14.38 -1.79
C ILE C 164 7.04 -13.58 -1.54
N TYR C 165 7.23 -13.13 -0.29
CA TYR C 165 8.50 -12.60 0.12
C TYR C 165 8.94 -13.42 1.28
N GLU C 166 10.17 -13.96 1.18
CA GLU C 166 10.73 -14.81 2.20
C GLU C 166 9.73 -15.84 2.62
N GLY C 167 9.22 -16.61 1.65
CA GLY C 167 8.55 -17.84 1.98
C GLY C 167 7.30 -17.49 2.73
N TYR C 168 6.84 -16.24 2.56
CA TYR C 168 5.69 -15.82 3.28
C TYR C 168 4.64 -15.50 2.28
N ALA C 169 3.51 -16.22 2.33
CA ALA C 169 2.46 -15.81 1.45
C ALA C 169 1.76 -14.71 2.18
N LEU C 170 1.76 -13.50 1.56
CA LEU C 170 1.20 -12.39 2.26
C LEU C 170 -0.26 -12.43 1.98
N PRO C 171 -1.01 -12.58 3.03
CA PRO C 171 -2.37 -12.99 2.93
C PRO C 171 -3.14 -12.01 2.13
N HIS C 172 -2.84 -10.71 2.30
CA HIS C 172 -3.66 -9.65 1.80
C HIS C 172 -3.66 -9.66 0.31
N ALA C 173 -2.47 -9.78 -0.29
CA ALA C 173 -2.30 -9.57 -1.69
C ALA C 173 -3.07 -10.59 -2.48
N ILE C 174 -3.04 -11.85 -2.01
CA ILE C 174 -3.54 -13.01 -2.69
C ILE C 174 -4.91 -12.70 -3.25
N LEU C 175 -5.22 -13.17 -4.47
CA LEU C 175 -6.62 -13.16 -4.81
C LEU C 175 -7.00 -14.44 -5.48
N ARG C 176 -8.30 -14.74 -5.46
CA ARG C 176 -8.83 -15.95 -6.00
C ARG C 176 -9.51 -15.64 -7.29
N LEU C 177 -9.62 -16.67 -8.15
CA LEU C 177 -10.41 -16.63 -9.35
C LEU C 177 -11.26 -17.86 -9.28
N ASP C 178 -12.57 -17.74 -9.58
CA ASP C 178 -13.43 -18.88 -9.41
C ASP C 178 -12.94 -19.94 -10.33
N LEU C 179 -12.64 -19.53 -11.56
CA LEU C 179 -12.52 -20.40 -12.69
C LEU C 179 -11.19 -21.09 -12.71
N ALA C 180 -11.21 -22.26 -13.35
CA ALA C 180 -10.05 -23.00 -13.76
C ALA C 180 -10.66 -24.03 -14.64
N GLY C 181 -9.87 -24.82 -15.39
CA GLY C 181 -9.93 -26.25 -15.23
C GLY C 181 -11.27 -26.75 -15.69
N ARG C 182 -12.26 -26.69 -14.77
CA ARG C 182 -13.61 -27.15 -14.98
C ARG C 182 -14.22 -26.31 -16.04
N ASP C 183 -14.07 -25.00 -15.82
CA ASP C 183 -14.84 -24.02 -16.50
C ASP C 183 -14.44 -24.10 -17.93
N LEU C 184 -13.17 -24.47 -18.15
CA LEU C 184 -12.68 -24.64 -19.48
C LEU C 184 -13.44 -25.74 -20.15
N THR C 185 -13.58 -26.91 -19.48
CA THR C 185 -14.17 -28.03 -20.16
C THR C 185 -15.60 -27.74 -20.48
N ASP C 186 -16.35 -27.17 -19.51
CA ASP C 186 -17.76 -26.96 -19.71
C ASP C 186 -17.95 -25.99 -20.83
N TYR C 187 -17.13 -24.93 -20.86
CA TYR C 187 -17.22 -23.93 -21.87
C TYR C 187 -17.02 -24.67 -23.15
N LEU C 188 -16.06 -25.61 -23.09
CA LEU C 188 -15.63 -26.41 -24.20
C LEU C 188 -16.79 -27.21 -24.70
N MET C 189 -17.61 -27.78 -23.80
CA MET C 189 -18.72 -28.52 -24.31
C MET C 189 -19.65 -27.57 -25.00
N LYS C 190 -19.90 -26.41 -24.38
CA LYS C 190 -20.91 -25.50 -24.86
C LYS C 190 -20.51 -24.90 -26.17
N ILE C 191 -19.26 -24.42 -26.29
CA ILE C 191 -18.92 -23.77 -27.50
C ILE C 191 -18.99 -24.78 -28.59
N LEU C 192 -18.63 -26.04 -28.27
CA LEU C 192 -18.67 -27.08 -29.25
C LEU C 192 -20.08 -27.28 -29.70
N THR C 193 -21.08 -27.20 -28.80
CA THR C 193 -22.42 -27.56 -29.18
C THR C 193 -22.86 -26.66 -30.28
N GLU C 194 -22.47 -25.37 -30.22
CA GLU C 194 -23.07 -24.38 -31.07
C GLU C 194 -22.82 -24.79 -32.49
N ARG C 195 -21.67 -25.40 -32.77
CA ARG C 195 -21.33 -25.76 -34.11
C ARG C 195 -22.32 -26.77 -34.61
N GLY C 196 -22.96 -27.55 -33.71
CA GLY C 196 -23.89 -28.54 -34.18
C GLY C 196 -23.64 -29.83 -33.49
N TYR C 197 -22.52 -29.95 -32.75
CA TYR C 197 -22.27 -31.09 -31.93
C TYR C 197 -23.10 -30.99 -30.70
N SER C 198 -23.51 -32.14 -30.13
CA SER C 198 -24.00 -32.10 -28.79
C SER C 198 -23.05 -32.89 -27.95
N PHE C 199 -22.49 -32.26 -26.90
CA PHE C 199 -21.78 -33.01 -25.89
C PHE C 199 -22.40 -32.68 -24.58
N THR C 200 -23.64 -33.15 -24.31
CA THR C 200 -24.26 -32.92 -23.04
C THR C 200 -23.73 -33.83 -21.96
N THR C 201 -23.47 -35.12 -22.28
CA THR C 201 -23.49 -36.16 -21.29
C THR C 201 -22.21 -36.18 -20.51
N THR C 202 -22.15 -37.10 -19.53
CA THR C 202 -20.97 -37.29 -18.74
C THR C 202 -19.90 -37.89 -19.58
N ALA C 203 -20.27 -38.86 -20.43
CA ALA C 203 -19.26 -39.49 -21.23
C ALA C 203 -18.69 -38.40 -22.08
N GLU C 204 -19.58 -37.55 -22.61
CA GLU C 204 -19.22 -36.54 -23.55
C GLU C 204 -18.32 -35.55 -22.89
N ARG C 205 -18.56 -35.27 -21.60
CA ARG C 205 -17.72 -34.33 -20.92
C ARG C 205 -16.32 -34.88 -20.91
N GLU C 206 -16.19 -36.21 -20.71
CA GLU C 206 -14.89 -36.81 -20.69
C GLU C 206 -14.27 -36.61 -22.03
N ILE C 207 -15.08 -36.77 -23.10
CA ILE C 207 -14.57 -36.63 -24.42
C ILE C 207 -14.06 -35.24 -24.52
N VAL C 208 -14.88 -34.31 -24.04
CA VAL C 208 -14.63 -32.91 -24.23
C VAL C 208 -13.36 -32.60 -23.52
N ARG C 209 -13.13 -33.23 -22.36
CA ARG C 209 -11.95 -32.93 -21.60
C ARG C 209 -10.78 -33.30 -22.43
N ASP C 210 -10.88 -34.44 -23.15
CA ASP C 210 -9.80 -34.97 -23.89
C ASP C 210 -9.39 -33.95 -24.90
N ILE C 211 -10.37 -33.35 -25.59
CA ILE C 211 -10.06 -32.52 -26.73
C ILE C 211 -9.25 -31.36 -26.28
N LYS C 212 -9.67 -30.66 -25.22
CA LYS C 212 -9.04 -29.41 -24.93
C LYS C 212 -7.60 -29.63 -24.64
N GLU C 213 -7.28 -30.69 -23.88
CA GLU C 213 -5.92 -30.82 -23.44
C GLU C 213 -5.03 -30.98 -24.64
N LYS C 214 -5.33 -31.91 -25.56
CA LYS C 214 -4.48 -32.08 -26.71
C LYS C 214 -4.62 -30.88 -27.62
N LEU C 215 -5.89 -30.58 -27.96
CA LEU C 215 -6.25 -29.76 -29.07
C LEU C 215 -5.89 -28.32 -28.85
N CYS C 216 -6.21 -27.78 -27.66
CA CYS C 216 -6.32 -26.35 -27.52
C CYS C 216 -4.98 -25.74 -27.30
N TYR C 217 -4.86 -24.46 -27.68
CA TYR C 217 -3.69 -23.68 -27.38
C TYR C 217 -4.16 -22.29 -27.09
N VAL C 218 -3.24 -21.40 -26.66
CA VAL C 218 -3.60 -20.04 -26.42
C VAL C 218 -2.87 -19.19 -27.40
N ALA C 219 -3.47 -18.02 -27.76
CA ALA C 219 -3.03 -17.23 -28.87
C ALA C 219 -1.97 -16.26 -28.46
N LEU C 220 -1.17 -15.80 -29.44
CA LEU C 220 -0.39 -14.62 -29.23
C LEU C 220 -1.34 -13.49 -29.08
N ASP C 221 -2.30 -13.37 -30.02
CA ASP C 221 -3.27 -12.31 -29.92
C ASP C 221 -4.62 -12.87 -30.18
N PHE C 222 -5.58 -12.55 -29.29
CA PHE C 222 -6.95 -12.94 -29.47
C PHE C 222 -7.45 -12.26 -30.70
N GLU C 223 -7.25 -10.94 -30.78
CA GLU C 223 -7.81 -10.19 -31.87
C GLU C 223 -7.19 -10.70 -33.11
N GLN C 224 -5.86 -10.88 -33.09
CA GLN C 224 -5.17 -11.27 -34.28
C GLN C 224 -5.56 -12.66 -34.64
N GLU C 225 -5.71 -13.55 -33.65
CA GLU C 225 -6.02 -14.90 -33.98
C GLU C 225 -7.36 -14.93 -34.64
N MET C 226 -8.31 -14.12 -34.14
CA MET C 226 -9.65 -14.18 -34.67
C MET C 226 -9.59 -13.80 -36.11
N ALA C 227 -8.79 -12.77 -36.44
CA ALA C 227 -8.77 -12.29 -37.80
C ALA C 227 -8.29 -13.39 -38.69
N THR C 228 -7.27 -14.13 -38.23
CA THR C 228 -6.57 -15.09 -39.03
C THR C 228 -7.47 -16.25 -39.35
N ALA C 229 -8.45 -16.52 -38.48
CA ALA C 229 -9.13 -17.78 -38.45
C ALA C 229 -9.72 -18.05 -39.80
N ALA C 230 -10.19 -16.99 -40.48
CA ALA C 230 -10.87 -17.19 -41.73
C ALA C 230 -9.96 -17.90 -42.67
N SER C 231 -8.68 -17.48 -42.74
CA SER C 231 -7.78 -18.16 -43.62
C SER C 231 -7.61 -19.55 -43.12
N SER C 232 -7.61 -19.71 -41.78
CA SER C 232 -6.83 -20.74 -41.14
C SER C 232 -7.14 -22.07 -41.73
N SER C 233 -6.17 -22.56 -42.53
CA SER C 233 -6.18 -23.92 -42.99
C SER C 233 -5.90 -24.75 -41.78
N SER C 234 -5.07 -24.19 -40.88
CA SER C 234 -4.44 -24.89 -39.80
C SER C 234 -5.44 -25.40 -38.82
N LEU C 235 -6.38 -24.54 -38.38
CA LEU C 235 -7.05 -24.75 -37.12
C LEU C 235 -7.84 -26.02 -37.18
N GLU C 236 -8.20 -26.44 -38.40
CA GLU C 236 -9.28 -27.30 -38.78
C GLU C 236 -9.21 -28.66 -38.17
N LYS C 237 -8.09 -29.04 -37.51
CA LYS C 237 -7.74 -30.36 -37.04
C LYS C 237 -8.92 -31.21 -36.66
N SER C 238 -8.78 -32.53 -36.84
CA SER C 238 -9.89 -33.41 -36.64
C SER C 238 -9.65 -34.20 -35.40
N TYR C 239 -10.75 -34.57 -34.71
CA TYR C 239 -10.71 -35.36 -33.52
C TYR C 239 -11.67 -36.49 -33.73
N GLU C 240 -11.25 -37.74 -33.50
CA GLU C 240 -12.13 -38.83 -33.77
C GLU C 240 -12.81 -39.20 -32.50
N LEU C 241 -14.15 -39.28 -32.55
CA LEU C 241 -14.91 -39.65 -31.39
C LEU C 241 -14.73 -41.11 -31.23
N PRO C 242 -14.89 -41.57 -30.04
CA PRO C 242 -14.69 -42.94 -29.70
C PRO C 242 -15.66 -43.79 -30.45
N ASP C 243 -16.83 -43.24 -30.84
CA ASP C 243 -17.67 -44.05 -31.67
C ASP C 243 -17.01 -44.18 -33.01
N GLY C 244 -16.30 -43.12 -33.46
CA GLY C 244 -15.73 -43.18 -34.78
C GLY C 244 -16.19 -41.99 -35.58
N GLN C 245 -17.03 -41.12 -35.01
CA GLN C 245 -17.33 -39.90 -35.72
C GLN C 245 -16.06 -39.12 -35.79
N VAL C 246 -16.01 -38.14 -36.72
CA VAL C 246 -14.92 -37.20 -36.76
C VAL C 246 -15.55 -35.85 -36.68
N ILE C 247 -14.85 -34.89 -36.04
CA ILE C 247 -15.37 -33.56 -35.99
C ILE C 247 -14.25 -32.64 -36.38
N THR C 248 -14.59 -31.41 -36.79
CA THR C 248 -13.57 -30.45 -37.10
C THR C 248 -13.56 -29.50 -35.95
N ILE C 249 -12.37 -28.97 -35.62
CA ILE C 249 -12.24 -28.17 -34.44
C ILE C 249 -11.33 -27.02 -34.76
N GLY C 250 -11.28 -25.99 -33.90
CA GLY C 250 -10.11 -25.17 -34.02
C GLY C 250 -10.31 -23.70 -33.91
N ASN C 251 -11.47 -23.10 -34.26
CA ASN C 251 -11.57 -21.76 -33.79
C ASN C 251 -11.68 -21.89 -32.31
N GLU C 252 -12.23 -23.05 -31.90
CA GLU C 252 -12.47 -23.42 -30.54
C GLU C 252 -11.16 -23.40 -29.83
N ARG C 253 -10.08 -23.79 -30.53
CA ARG C 253 -8.84 -24.13 -29.89
C ARG C 253 -8.40 -22.99 -29.04
N PHE C 254 -8.20 -21.81 -29.65
CA PHE C 254 -7.68 -20.73 -28.88
C PHE C 254 -8.73 -20.24 -27.94
N ARG C 255 -10.00 -20.20 -28.39
CA ARG C 255 -11.01 -19.46 -27.70
C ARG C 255 -11.25 -20.00 -26.32
N CYS C 256 -11.30 -21.33 -26.16
CA CYS C 256 -11.62 -21.85 -24.85
C CYS C 256 -10.59 -21.39 -23.86
N PRO C 257 -9.31 -21.52 -24.14
CA PRO C 257 -8.29 -21.12 -23.22
C PRO C 257 -8.37 -19.63 -23.04
N GLU C 258 -9.10 -18.94 -23.93
CA GLU C 258 -9.14 -17.52 -23.92
C GLU C 258 -9.71 -17.09 -22.63
N ALA C 259 -10.53 -17.97 -22.02
CA ALA C 259 -11.39 -17.60 -20.94
C ALA C 259 -10.55 -17.01 -19.85
N LEU C 260 -9.39 -17.62 -19.58
CA LEU C 260 -8.63 -17.23 -18.43
C LEU C 260 -8.28 -15.80 -18.59
N PHE C 261 -7.84 -15.42 -19.81
CA PHE C 261 -7.44 -14.07 -20.04
C PHE C 261 -8.62 -13.14 -19.93
N GLN C 262 -9.76 -13.48 -20.55
CA GLN C 262 -10.88 -12.58 -20.39
C GLN C 262 -12.09 -13.37 -19.99
N PRO C 263 -12.40 -13.28 -18.74
CA PRO C 263 -13.37 -14.14 -18.13
C PRO C 263 -14.76 -13.90 -18.64
N SER C 264 -14.98 -12.79 -19.36
CA SER C 264 -16.31 -12.40 -19.76
C SER C 264 -16.84 -13.43 -20.70
N PHE C 265 -15.95 -14.26 -21.28
CA PHE C 265 -16.43 -15.31 -22.14
C PHE C 265 -17.35 -16.13 -21.30
N LEU C 266 -16.86 -16.52 -20.11
CA LEU C 266 -17.61 -17.28 -19.15
C LEU C 266 -18.69 -16.41 -18.61
N GLY C 267 -18.51 -15.08 -18.70
CA GLY C 267 -19.48 -14.18 -18.15
C GLY C 267 -18.95 -13.77 -16.84
N MET C 268 -17.68 -14.14 -16.58
CA MET C 268 -17.10 -13.83 -15.32
C MET C 268 -16.69 -12.40 -15.30
N GLU C 269 -17.09 -11.73 -14.21
CA GLU C 269 -16.81 -10.35 -13.96
C GLU C 269 -15.35 -10.19 -13.80
N SER C 270 -14.71 -11.20 -13.18
CA SER C 270 -13.39 -11.01 -12.66
C SER C 270 -12.45 -10.74 -13.79
N CYS C 271 -11.26 -10.26 -13.41
CA CYS C 271 -10.30 -9.77 -14.34
C CYS C 271 -9.39 -10.90 -14.74
N GLY C 272 -8.47 -10.63 -15.68
CA GLY C 272 -7.69 -11.67 -16.26
C GLY C 272 -6.63 -12.07 -15.30
N ILE C 273 -5.90 -13.15 -15.65
CA ILE C 273 -4.84 -13.63 -14.82
C ILE C 273 -3.84 -12.53 -14.78
N HIS C 274 -3.61 -11.91 -15.95
CA HIS C 274 -2.60 -10.89 -16.07
C HIS C 274 -2.94 -9.76 -15.15
N GLU C 275 -4.19 -9.28 -15.20
CA GLU C 275 -4.51 -8.12 -14.41
C GLU C 275 -4.50 -8.52 -12.97
N THR C 276 -4.85 -9.79 -12.69
CA THR C 276 -4.87 -10.31 -11.36
C THR C 276 -3.49 -10.29 -10.78
N THR C 277 -2.45 -10.60 -11.59
CA THR C 277 -1.12 -10.52 -11.07
C THR C 277 -0.83 -9.08 -10.74
N PHE C 278 -1.26 -8.16 -11.62
CA PHE C 278 -0.96 -6.76 -11.44
C PHE C 278 -1.60 -6.30 -10.17
N ASN C 279 -2.86 -6.71 -9.92
CA ASN C 279 -3.55 -6.21 -8.77
C ASN C 279 -2.77 -6.64 -7.58
N SER C 280 -2.33 -7.91 -7.59
CA SER C 280 -1.63 -8.46 -6.49
C SER C 280 -0.36 -7.70 -6.31
N ILE C 281 0.25 -7.28 -7.44
CA ILE C 281 1.55 -6.70 -7.41
C ILE C 281 1.49 -5.44 -6.60
N MET C 282 0.44 -4.61 -6.83
CA MET C 282 0.29 -3.34 -6.19
C MET C 282 0.06 -3.57 -4.74
N LYS C 283 -0.62 -4.68 -4.42
CA LYS C 283 -1.05 -4.92 -3.08
C LYS C 283 0.17 -4.96 -2.21
N CYS C 284 1.30 -5.44 -2.77
CA CYS C 284 2.53 -5.53 -2.04
C CYS C 284 3.20 -4.20 -1.96
N ASP C 285 4.32 -4.16 -1.19
CA ASP C 285 5.12 -2.98 -1.06
C ASP C 285 5.68 -2.70 -2.41
N VAL C 286 5.97 -1.42 -2.67
CA VAL C 286 6.56 -0.99 -3.89
C VAL C 286 7.92 -1.62 -3.97
N ASP C 287 8.65 -1.66 -2.84
CA ASP C 287 10.02 -2.07 -2.83
C ASP C 287 10.09 -3.49 -3.30
N ILE C 288 9.15 -4.34 -2.84
CA ILE C 288 9.21 -5.75 -3.08
C ILE C 288 9.06 -6.04 -4.55
N ARG C 289 8.39 -5.14 -5.30
CA ARG C 289 7.82 -5.42 -6.60
C ARG C 289 8.82 -5.95 -7.58
N LYS C 290 10.06 -5.39 -7.63
CA LYS C 290 10.96 -5.78 -8.69
C LYS C 290 11.17 -7.25 -8.56
N ASP C 291 11.26 -7.73 -7.31
CA ASP C 291 11.48 -9.12 -7.06
C ASP C 291 10.33 -9.88 -7.65
N LEU C 292 9.09 -9.42 -7.43
CA LEU C 292 7.96 -10.19 -7.87
C LEU C 292 7.99 -10.26 -9.35
N TYR C 293 8.21 -9.12 -10.02
CA TYR C 293 8.08 -9.09 -11.44
C TYR C 293 9.09 -10.02 -11.99
N ALA C 294 10.31 -9.97 -11.42
CA ALA C 294 11.36 -10.83 -11.88
C ALA C 294 10.95 -12.25 -11.61
N ASN C 295 10.42 -12.58 -10.43
CA ASN C 295 10.21 -13.99 -10.31
C ASN C 295 8.76 -14.27 -10.43
N THR C 296 8.31 -14.68 -11.63
CA THR C 296 6.94 -15.05 -11.80
C THR C 296 6.96 -16.47 -12.25
N VAL C 297 6.15 -17.32 -11.61
CA VAL C 297 6.13 -18.71 -11.97
C VAL C 297 4.68 -19.03 -12.09
N LEU C 298 4.28 -20.02 -12.89
CA LEU C 298 2.89 -20.38 -12.96
C LEU C 298 2.94 -21.78 -12.48
N SER C 299 1.86 -22.34 -11.89
CA SER C 299 1.85 -23.57 -11.15
C SER C 299 0.57 -24.20 -11.56
N GLY C 300 0.46 -25.54 -11.58
CA GLY C 300 -0.85 -26.12 -11.79
C GLY C 300 -0.97 -26.61 -13.20
N GLY C 301 -1.98 -27.50 -13.40
CA GLY C 301 -2.26 -28.15 -14.65
C GLY C 301 -2.69 -27.18 -15.71
N THR C 302 -3.44 -26.13 -15.35
CA THR C 302 -3.92 -25.18 -16.32
C THR C 302 -2.81 -24.36 -16.88
N THR C 303 -1.66 -24.26 -16.18
CA THR C 303 -0.53 -23.51 -16.64
C THR C 303 0.23 -24.23 -17.71
N MET C 304 -0.06 -25.52 -17.98
CA MET C 304 0.74 -26.26 -18.90
C MET C 304 0.74 -25.83 -20.35
N TYR C 305 -0.31 -25.16 -20.85
CA TYR C 305 -0.42 -24.86 -22.27
C TYR C 305 0.84 -24.20 -22.75
N PRO C 306 1.28 -24.62 -23.91
CA PRO C 306 2.38 -24.00 -24.58
C PRO C 306 1.99 -22.59 -24.90
N GLY C 307 2.95 -21.65 -24.83
CA GLY C 307 2.74 -20.32 -25.33
C GLY C 307 2.40 -19.40 -24.20
N ILE C 308 2.01 -19.94 -23.02
CA ILE C 308 1.53 -19.04 -22.01
C ILE C 308 2.64 -18.16 -21.57
N ALA C 309 3.86 -18.72 -21.37
CA ALA C 309 4.88 -17.96 -20.71
C ALA C 309 5.17 -16.78 -21.56
N ASP C 310 5.28 -16.99 -22.88
CA ASP C 310 5.60 -15.91 -23.75
C ASP C 310 4.48 -14.92 -23.73
N ARG C 311 3.22 -15.39 -23.71
CA ARG C 311 2.13 -14.47 -23.71
C ARG C 311 2.18 -13.66 -22.45
N MET C 312 2.41 -14.33 -21.30
CA MET C 312 2.27 -13.66 -20.04
C MET C 312 3.29 -12.57 -19.99
N GLN C 313 4.50 -12.85 -20.51
CA GLN C 313 5.55 -11.88 -20.41
C GLN C 313 5.10 -10.65 -21.12
N LYS C 314 4.50 -10.84 -22.30
CA LYS C 314 4.11 -9.77 -23.15
C LYS C 314 3.03 -8.99 -22.46
N GLU C 315 2.09 -9.72 -21.84
CA GLU C 315 0.97 -9.06 -21.23
C GLU C 315 1.49 -8.20 -20.13
N ILE C 316 2.42 -8.75 -19.31
CA ILE C 316 2.85 -8.08 -18.13
C ILE C 316 3.68 -6.86 -18.39
N THR C 317 4.60 -6.88 -19.38
CA THR C 317 5.43 -5.71 -19.59
C THR C 317 4.52 -4.58 -19.92
N ALA C 318 3.48 -4.87 -20.72
CA ALA C 318 2.60 -3.86 -21.20
C ALA C 318 2.04 -3.20 -19.98
N LEU C 319 1.79 -4.00 -18.93
CA LEU C 319 1.36 -3.47 -17.66
C LEU C 319 2.44 -2.63 -17.03
N ALA C 320 3.70 -3.10 -17.06
CA ALA C 320 4.76 -2.77 -16.12
C ALA C 320 5.50 -1.50 -16.50
N PRO C 321 6.41 -1.05 -15.64
CA PRO C 321 7.01 0.27 -15.72
C PRO C 321 7.82 0.55 -16.94
N SER C 322 8.24 -0.47 -17.71
CA SER C 322 9.07 -0.31 -18.89
C SER C 322 10.47 -0.59 -18.48
N THR C 323 10.95 0.11 -17.43
CA THR C 323 12.27 -0.14 -16.96
C THR C 323 12.35 -1.57 -16.54
N MET C 324 11.35 -2.03 -15.77
CA MET C 324 11.56 -3.16 -14.92
C MET C 324 11.71 -4.41 -15.74
N LYS C 325 12.53 -5.34 -15.20
CA LYS C 325 12.86 -6.59 -15.83
C LYS C 325 11.65 -7.48 -15.71
N ILE C 326 11.52 -8.45 -16.64
CA ILE C 326 10.41 -9.36 -16.54
C ILE C 326 10.94 -10.75 -16.68
N LYS C 327 10.36 -11.70 -15.92
CA LYS C 327 10.70 -13.08 -16.10
C LYS C 327 9.48 -13.90 -15.89
N ILE C 328 9.27 -14.91 -16.74
CA ILE C 328 8.20 -15.85 -16.54
C ILE C 328 8.85 -17.19 -16.47
N ILE C 329 8.69 -17.88 -15.33
CA ILE C 329 9.36 -19.15 -15.15
C ILE C 329 8.29 -20.18 -15.02
N ALA C 330 8.37 -21.26 -15.80
CA ALA C 330 7.42 -22.32 -15.57
C ALA C 330 8.15 -23.62 -15.51
N PRO C 331 8.07 -24.26 -14.37
CA PRO C 331 8.66 -25.55 -14.18
C PRO C 331 7.92 -26.62 -14.92
N PRO C 332 8.65 -27.55 -15.46
CA PRO C 332 8.14 -28.49 -16.42
C PRO C 332 6.96 -29.31 -15.99
N GLU C 333 7.08 -30.16 -14.96
CA GLU C 333 5.96 -30.98 -14.63
C GLU C 333 5.32 -30.38 -13.45
N ARG C 334 4.59 -29.29 -13.69
CA ARG C 334 4.02 -28.65 -12.58
C ARG C 334 2.79 -29.20 -11.99
N LYS C 335 2.01 -29.97 -12.75
CA LYS C 335 0.76 -30.41 -12.23
C LYS C 335 0.96 -31.17 -10.96
N TYR C 336 1.98 -32.01 -10.95
CA TYR C 336 2.36 -32.86 -9.87
C TYR C 336 2.89 -32.06 -8.73
N SER C 337 3.17 -30.76 -8.95
CA SER C 337 3.79 -29.91 -7.98
C SER C 337 3.16 -30.03 -6.62
N VAL C 338 1.84 -30.10 -6.55
CA VAL C 338 1.23 -30.08 -5.26
C VAL C 338 1.61 -31.34 -4.55
N TRP C 339 1.59 -32.47 -5.29
CA TRP C 339 1.87 -33.73 -4.66
C TRP C 339 3.28 -33.72 -4.18
N ILE C 340 4.19 -33.17 -5.00
CA ILE C 340 5.58 -33.20 -4.67
C ILE C 340 5.74 -32.46 -3.40
N GLY C 341 5.06 -31.31 -3.29
CA GLY C 341 5.17 -30.54 -2.10
C GLY C 341 4.71 -31.41 -0.99
N GLY C 342 3.71 -32.26 -1.29
CA GLY C 342 3.23 -33.16 -0.30
C GLY C 342 4.36 -34.05 0.11
N SER C 343 5.13 -34.55 -0.87
CA SER C 343 6.12 -35.52 -0.52
C SER C 343 7.26 -34.88 0.22
N ILE C 344 7.70 -33.67 -0.17
CA ILE C 344 8.89 -33.17 0.48
C ILE C 344 8.57 -32.96 1.92
N LEU C 345 7.48 -32.25 2.22
CA LEU C 345 7.27 -31.84 3.57
C LEU C 345 7.06 -33.06 4.39
N ALA C 346 6.31 -34.00 3.82
CA ALA C 346 5.98 -35.21 4.51
C ALA C 346 7.27 -35.87 4.85
N SER C 347 8.16 -35.90 3.85
CA SER C 347 9.36 -36.67 3.90
C SER C 347 10.33 -36.03 4.85
N LEU C 348 10.04 -34.84 5.38
CA LEU C 348 11.08 -34.25 6.18
C LEU C 348 11.13 -34.94 7.50
N SER C 349 12.22 -35.70 7.71
CA SER C 349 12.48 -36.39 8.95
C SER C 349 12.78 -35.36 9.98
N THR C 350 13.41 -34.26 9.55
CA THR C 350 13.82 -33.21 10.44
C THR C 350 12.57 -32.59 11.01
N PHE C 351 11.57 -32.41 10.14
CA PHE C 351 10.31 -31.76 10.42
C PHE C 351 9.39 -32.64 11.23
N GLN C 352 9.75 -33.93 11.40
CA GLN C 352 8.84 -35.00 11.71
C GLN C 352 7.99 -34.62 12.88
N GLN C 353 8.50 -33.78 13.80
CA GLN C 353 7.79 -33.47 15.01
C GLN C 353 6.43 -32.92 14.66
N MET C 354 6.31 -32.25 13.50
CA MET C 354 5.06 -31.64 13.13
C MET C 354 4.04 -32.72 13.08
N TRP C 355 4.44 -33.93 12.67
CA TRP C 355 3.52 -35.01 12.43
C TRP C 355 2.64 -35.16 13.62
N ILE C 356 1.33 -35.33 13.37
CA ILE C 356 0.34 -35.21 14.40
C ILE C 356 0.05 -36.58 14.90
N SER C 357 -0.01 -36.79 16.22
CA SER C 357 0.02 -38.13 16.72
C SER C 357 -1.35 -38.50 17.20
N LYS C 358 -1.60 -39.82 17.35
CA LYS C 358 -2.87 -40.27 17.87
C LYS C 358 -2.95 -39.74 19.27
N GLN C 359 -1.79 -39.65 19.95
CA GLN C 359 -1.80 -39.17 21.30
C GLN C 359 -2.36 -37.78 21.29
N GLU C 360 -1.90 -36.92 20.36
CA GLU C 360 -2.47 -35.60 20.36
C GLU C 360 -3.89 -35.71 19.94
N TYR C 361 -4.21 -36.64 19.03
CA TYR C 361 -5.55 -36.72 18.53
C TYR C 361 -6.46 -37.01 19.67
N ASP C 362 -6.13 -38.01 20.51
CA ASP C 362 -7.03 -38.33 21.57
C ASP C 362 -7.09 -37.18 22.52
N GLU C 363 -5.92 -36.69 22.97
CA GLU C 363 -5.93 -35.72 24.03
C GLU C 363 -6.53 -34.44 23.56
N SER C 364 -6.01 -33.90 22.44
CA SER C 364 -6.40 -32.63 21.91
C SER C 364 -7.70 -32.74 21.17
N GLY C 365 -8.01 -33.95 20.68
CA GLY C 365 -9.02 -34.09 19.67
C GLY C 365 -8.33 -33.89 18.37
N PRO C 366 -9.08 -33.91 17.30
CA PRO C 366 -8.57 -33.73 15.98
C PRO C 366 -8.01 -32.34 15.87
N SER C 367 -8.41 -31.44 16.78
CA SER C 367 -8.23 -30.03 16.62
C SER C 367 -6.77 -29.71 16.59
N ILE C 368 -5.94 -30.54 17.25
CA ILE C 368 -4.57 -30.21 17.45
C ILE C 368 -3.96 -30.06 16.10
N VAL C 369 -4.42 -30.87 15.12
CA VAL C 369 -3.88 -30.76 13.81
C VAL C 369 -4.07 -29.35 13.33
N HIS C 370 -5.29 -28.80 13.50
CA HIS C 370 -5.56 -27.49 12.98
C HIS C 370 -4.79 -26.45 13.74
N ARG C 371 -4.84 -26.51 15.09
CA ARG C 371 -4.28 -25.41 15.82
C ARG C 371 -2.82 -25.65 15.97
N LYS C 372 -2.02 -24.58 15.68
CA LYS C 372 -0.62 -24.51 15.96
C LYS C 372 0.15 -25.43 15.06
N CYS C 373 -0.53 -26.14 14.15
CA CYS C 373 0.22 -26.97 13.26
C CYS C 373 -0.48 -26.91 11.96
N PHE C 374 -0.26 -27.96 11.16
CA PHE C 374 -1.20 -28.28 10.14
C PHE C 374 -1.56 -29.71 10.37
N ASP D 1 48.42 -8.65 19.37
CA ASP D 1 49.80 -8.78 19.72
C ASP D 1 49.97 -8.09 21.02
N ASP D 2 50.89 -7.12 21.06
CA ASP D 2 50.86 -6.15 22.11
C ASP D 2 50.12 -4.98 21.56
N ASP D 3 50.24 -3.82 22.25
CA ASP D 3 49.56 -2.58 21.95
C ASP D 3 48.08 -2.78 21.88
N ILE D 4 47.32 -1.69 22.03
CA ILE D 4 45.91 -1.84 21.93
C ILE D 4 45.34 -0.67 21.20
N ALA D 5 44.22 -0.90 20.48
CA ALA D 5 43.48 0.13 19.80
C ALA D 5 42.40 0.58 20.70
N ALA D 6 41.65 1.60 20.27
CA ALA D 6 40.46 1.95 20.97
C ALA D 6 39.32 1.67 20.04
N LEU D 7 38.30 0.93 20.49
CA LEU D 7 37.17 0.76 19.62
C LEU D 7 36.43 2.03 19.64
N VAL D 8 36.10 2.58 18.46
CA VAL D 8 35.34 3.79 18.47
C VAL D 8 33.97 3.43 18.00
N VAL D 9 33.00 3.40 18.92
CA VAL D 9 31.66 3.13 18.49
C VAL D 9 30.84 4.31 18.90
N ASP D 10 30.16 4.94 17.93
CA ASP D 10 29.26 6.01 18.26
C ASP D 10 27.91 5.47 18.04
N ASN D 11 27.02 5.60 19.03
CA ASN D 11 25.80 4.86 18.98
C ASN D 11 24.76 5.77 18.45
N GLY D 12 24.65 5.86 17.11
CA GLY D 12 23.81 6.90 16.58
C GLY D 12 22.36 6.58 16.70
N SER D 13 21.53 7.63 16.63
CA SER D 13 20.10 7.50 16.70
C SER D 13 19.67 6.55 15.64
N GLY D 14 19.93 6.91 14.35
CA GLY D 14 19.66 6.08 13.20
C GLY D 14 20.77 5.14 12.81
N MET D 15 22.02 5.58 12.94
CA MET D 15 23.03 4.81 12.29
C MET D 15 24.21 4.82 13.16
N CYS D 16 24.67 3.63 13.58
CA CYS D 16 25.73 3.58 14.52
C CYS D 16 26.98 3.35 13.74
N LYS D 17 28.09 3.95 14.20
CA LYS D 17 29.32 3.87 13.46
C LYS D 17 30.39 3.41 14.40
N ALA D 18 31.23 2.46 13.94
CA ALA D 18 32.23 1.91 14.81
C ALA D 18 33.42 1.55 13.99
N GLY D 19 34.59 1.35 14.65
CA GLY D 19 35.78 1.04 13.91
C GLY D 19 36.91 0.88 14.87
N PHE D 20 38.15 0.98 14.36
CA PHE D 20 39.33 0.94 15.18
C PHE D 20 39.89 2.32 15.20
N ALA D 21 40.64 2.66 16.25
CA ALA D 21 41.31 3.92 16.28
C ALA D 21 42.43 3.86 15.30
N GLY D 22 42.74 5.01 14.69
CA GLY D 22 43.80 5.07 13.71
C GLY D 22 43.14 4.99 12.37
N ASP D 23 41.91 4.47 12.33
CA ASP D 23 41.21 4.41 11.08
C ASP D 23 40.82 5.79 10.73
N ASP D 24 40.84 6.10 9.42
CA ASP D 24 40.42 7.40 8.98
C ASP D 24 38.94 7.52 9.13
N ALA D 25 38.17 6.45 8.88
CA ALA D 25 36.74 6.53 8.95
C ALA D 25 36.24 5.20 9.46
N PRO D 26 35.00 5.12 9.87
CA PRO D 26 34.46 3.96 10.52
C PRO D 26 34.46 2.79 9.58
N ARG D 27 34.87 1.60 10.06
CA ARG D 27 34.75 0.41 9.25
C ARG D 27 33.32 0.05 9.09
N ALA D 28 32.51 0.19 10.16
CA ALA D 28 31.15 -0.27 10.07
C ALA D 28 30.27 0.93 10.07
N VAL D 29 29.15 0.85 9.31
CA VAL D 29 28.09 1.76 9.62
C VAL D 29 26.81 1.08 9.24
N PHE D 30 25.85 0.97 10.18
CA PHE D 30 24.67 0.23 9.86
C PHE D 30 23.53 0.81 10.62
N PRO D 31 22.37 0.43 10.20
CA PRO D 31 21.16 0.97 10.74
C PRO D 31 21.12 0.62 12.19
N SER D 32 20.51 1.49 13.01
CA SER D 32 20.39 1.19 14.41
C SER D 32 18.95 1.00 14.69
N ILE D 33 18.41 -0.16 14.30
CA ILE D 33 17.03 -0.40 14.55
C ILE D 33 16.87 -1.84 14.89
N VAL D 34 15.64 -2.25 15.28
CA VAL D 34 15.37 -3.63 15.54
C VAL D 34 14.14 -4.00 14.75
N GLY D 35 14.08 -5.24 14.20
CA GLY D 35 13.06 -5.50 13.21
C GLY D 35 12.90 -6.97 13.07
N ARG D 36 11.65 -7.38 12.75
CA ARG D 36 11.28 -8.76 12.65
C ARG D 36 10.34 -8.81 11.49
N PRO D 37 9.75 -9.93 11.17
CA PRO D 37 8.50 -9.90 10.47
C PRO D 37 7.48 -9.23 11.33
N ARG D 38 6.75 -8.25 10.79
CA ARG D 38 5.50 -7.92 11.41
C ARG D 38 4.54 -9.05 11.15
N HIS D 39 4.44 -9.49 9.87
CA HIS D 39 3.55 -10.56 9.51
C HIS D 39 4.06 -11.91 9.96
N GLN D 40 5.36 -12.25 9.70
CA GLN D 40 5.81 -13.55 10.09
C GLN D 40 5.03 -14.55 9.28
N GLY D 41 4.64 -15.69 9.92
CA GLY D 41 3.49 -16.48 9.59
C GLY D 41 3.63 -17.18 8.28
N VAL D 42 4.37 -18.28 8.18
CA VAL D 42 5.26 -18.95 9.07
C VAL D 42 6.13 -19.56 8.01
N MET D 43 6.64 -20.78 8.16
CA MET D 43 7.08 -21.39 6.93
C MET D 43 7.49 -22.78 7.24
N VAL D 44 8.03 -23.48 6.22
CA VAL D 44 8.70 -24.69 6.55
C VAL D 44 10.15 -24.34 6.65
N GLY D 45 10.69 -24.30 7.89
CA GLY D 45 12.06 -23.96 8.12
C GLY D 45 12.17 -22.57 8.69
N MET D 46 13.43 -22.16 8.94
CA MET D 46 13.77 -20.80 9.27
C MET D 46 15.17 -20.60 8.82
N GLY D 47 16.01 -19.96 9.68
CA GLY D 47 17.27 -19.47 9.22
C GLY D 47 17.21 -17.97 9.22
N GLN D 48 16.19 -17.41 9.91
CA GLN D 48 16.08 -15.98 9.99
C GLN D 48 16.69 -15.51 11.27
N LYS D 49 17.08 -14.23 11.31
CA LYS D 49 17.54 -13.58 12.50
C LYS D 49 16.38 -12.76 12.98
N ASP D 50 15.97 -12.93 14.26
CA ASP D 50 14.72 -12.36 14.66
C ASP D 50 14.78 -10.87 14.49
N SER D 51 15.79 -10.22 15.08
CA SER D 51 15.72 -8.80 15.00
C SER D 51 17.12 -8.26 14.86
N TYR D 52 17.79 -8.60 13.75
CA TYR D 52 19.07 -7.99 13.48
C TYR D 52 18.86 -6.62 12.97
N VAL D 53 17.95 -6.50 11.97
CA VAL D 53 17.88 -5.26 11.27
C VAL D 53 19.16 -5.10 10.57
N GLY D 54 19.88 -4.02 10.92
CA GLY D 54 21.22 -3.84 10.46
C GLY D 54 21.14 -3.66 8.99
N ASP D 55 22.13 -4.23 8.30
CA ASP D 55 22.19 -4.16 6.87
C ASP D 55 21.00 -4.87 6.33
N GLU D 56 20.69 -6.06 6.91
CA GLU D 56 19.72 -6.92 6.32
C GLU D 56 18.37 -6.29 6.37
N ALA D 57 18.07 -5.49 7.41
CA ALA D 57 16.78 -4.85 7.43
C ALA D 57 16.66 -3.91 6.28
N GLN D 58 17.73 -3.16 5.99
CA GLN D 58 17.61 -2.12 4.99
C GLN D 58 17.31 -2.79 3.68
N SER D 59 17.97 -3.92 3.39
CA SER D 59 17.67 -4.66 2.20
C SER D 59 16.30 -5.24 2.35
N LYS D 60 15.92 -5.45 3.62
CA LYS D 60 14.81 -6.24 4.05
C LYS D 60 13.53 -5.63 3.55
N ARG D 61 13.55 -4.37 3.08
CA ARG D 61 12.82 -3.26 3.64
C ARG D 61 11.41 -3.66 3.88
N GLY D 62 10.74 -4.26 2.89
CA GLY D 62 9.30 -4.35 2.96
C GLY D 62 8.89 -5.12 4.17
N ILE D 63 9.61 -6.23 4.43
CA ILE D 63 9.16 -7.21 5.37
C ILE D 63 9.13 -6.67 6.78
N LEU D 64 10.18 -5.92 7.19
CA LEU D 64 10.56 -5.82 8.57
C LEU D 64 9.91 -4.65 9.27
N THR D 65 10.15 -4.58 10.60
CA THR D 65 9.67 -3.56 11.49
C THR D 65 10.86 -2.80 11.99
N LEU D 66 10.68 -1.54 12.44
CA LEU D 66 11.84 -0.87 12.97
C LEU D 66 11.54 -0.36 14.35
N LYS D 67 12.43 -0.68 15.31
CA LYS D 67 12.47 0.04 16.55
C LYS D 67 13.80 0.72 16.55
N TYR D 68 13.90 1.91 17.17
CA TYR D 68 15.21 2.40 17.45
C TYR D 68 15.30 2.48 18.94
N PRO D 69 16.16 1.65 19.52
CA PRO D 69 16.35 1.63 20.97
C PRO D 69 16.98 2.93 21.48
N ILE D 70 17.42 3.78 20.56
CA ILE D 70 18.04 5.05 20.92
C ILE D 70 17.61 6.15 19.96
N GLU D 71 16.33 6.19 19.63
CA GLU D 71 15.80 7.20 18.72
C GLU D 71 16.33 8.58 19.06
N HIC D 72 16.01 9.05 20.26
CA HIC D 72 16.46 10.37 20.71
C HIC D 72 17.90 10.30 21.09
O HIC D 72 18.33 10.97 22.05
CB HIC D 72 15.63 10.80 21.91
CG HIC D 72 14.16 10.73 21.57
ND1 HIC D 72 13.16 10.40 22.41
CD2 HIC D 72 13.60 10.99 20.33
CE1 HIC D 72 12.00 10.46 21.71
NE2 HIC D 72 12.28 10.81 20.45
CZ HIC D 72 11.28 11.00 19.37
N GLY D 73 18.68 9.50 20.37
CA GLY D 73 20.09 9.34 20.64
C GLY D 73 20.36 8.93 22.07
N ILE D 74 19.32 8.47 22.76
CA ILE D 74 19.45 8.04 24.15
C ILE D 74 18.99 6.59 24.32
N VAL D 75 19.90 5.74 24.76
CA VAL D 75 19.60 4.32 24.97
C VAL D 75 18.26 4.15 25.68
N THR D 76 17.19 4.10 24.91
CA THR D 76 15.85 3.93 25.46
C THR D 76 15.66 2.54 26.03
N ASN D 77 16.53 1.61 25.62
CA ASN D 77 16.46 0.23 26.09
C ASN D 77 17.83 -0.44 26.13
N TRP D 78 18.04 -1.31 27.11
CA TRP D 78 19.27 -2.00 27.25
C TRP D 78 19.26 -3.32 26.51
N ASP D 79 18.10 -4.00 26.43
CA ASP D 79 18.06 -5.32 25.84
C ASP D 79 18.47 -5.27 24.39
N ASP D 80 17.85 -4.38 23.59
CA ASP D 80 18.13 -4.31 22.18
C ASP D 80 19.54 -3.85 22.02
N MET D 81 19.93 -2.87 22.86
CA MET D 81 21.14 -2.12 22.67
C MET D 81 22.27 -3.08 22.75
N GLU D 82 22.17 -4.06 23.66
CA GLU D 82 23.23 -5.01 23.81
C GLU D 82 23.38 -5.66 22.49
N LYS D 83 22.25 -5.93 21.81
CA LYS D 83 22.25 -6.60 20.55
C LYS D 83 23.01 -5.79 19.56
N ILE D 84 22.84 -4.46 19.60
CA ILE D 84 23.55 -3.66 18.65
C ILE D 84 25.00 -3.85 18.92
N TRP D 85 25.38 -3.77 20.21
CA TRP D 85 26.77 -3.83 20.58
C TRP D 85 27.31 -5.17 20.21
N HIS D 86 26.54 -6.24 20.45
CA HIS D 86 26.98 -7.57 20.13
C HIS D 86 27.21 -7.65 18.65
N HIS D 87 26.23 -7.15 17.87
CA HIS D 87 26.32 -7.27 16.45
C HIS D 87 27.56 -6.56 16.03
N THR D 88 27.78 -5.35 16.61
CA THR D 88 28.85 -4.54 16.15
C THR D 88 30.12 -5.31 16.35
N PHE D 89 30.33 -5.83 17.57
CA PHE D 89 31.60 -6.45 17.84
C PHE D 89 31.77 -7.63 16.96
N TYR D 90 30.89 -8.63 17.11
CA TYR D 90 31.16 -9.88 16.48
C TYR D 90 30.97 -9.76 15.00
N ASN D 91 29.81 -9.22 14.61
CA ASN D 91 29.43 -9.29 13.24
C ASN D 91 30.30 -8.38 12.42
N GLU D 92 30.17 -7.06 12.68
CA GLU D 92 30.80 -6.12 11.81
C GLU D 92 32.27 -6.00 12.05
N LEU D 93 32.67 -5.76 13.31
CA LEU D 93 34.06 -5.56 13.63
C LEU D 93 34.77 -6.86 13.50
N ARG D 94 34.13 -7.93 14.00
CA ARG D 94 34.76 -9.20 14.13
C ARG D 94 36.05 -8.99 14.85
N VAL D 95 35.91 -8.43 16.07
CA VAL D 95 36.97 -8.24 17.01
C VAL D 95 36.48 -8.89 18.27
N ALA D 96 37.41 -9.28 19.17
CA ALA D 96 36.91 -9.76 20.42
C ALA D 96 37.10 -8.66 21.42
N PRO D 97 36.05 -8.38 22.11
CA PRO D 97 35.95 -7.22 22.95
C PRO D 97 36.93 -7.37 24.06
N GLU D 98 37.42 -8.60 24.25
CA GLU D 98 38.36 -8.88 25.28
C GLU D 98 39.62 -8.11 25.00
N GLU D 99 40.03 -8.09 23.72
CA GLU D 99 41.31 -7.59 23.35
C GLU D 99 41.44 -6.10 23.54
N HIS D 100 40.39 -5.31 23.18
CA HIS D 100 40.64 -3.91 23.00
C HIS D 100 39.79 -3.08 23.91
N PRO D 101 40.30 -1.92 24.18
CA PRO D 101 39.62 -0.82 24.82
C PRO D 101 38.53 -0.33 23.90
N VAL D 102 37.43 0.23 24.46
CA VAL D 102 36.39 0.79 23.62
C VAL D 102 36.06 2.14 24.16
N LEU D 103 35.73 3.08 23.25
CA LEU D 103 35.15 4.35 23.60
C LEU D 103 33.74 4.27 23.11
N LEU D 104 32.78 4.40 24.03
CA LEU D 104 31.44 4.62 23.60
C LEU D 104 31.30 6.10 23.51
N THR D 105 30.39 6.59 22.64
CA THR D 105 30.10 7.99 22.63
C THR D 105 28.66 8.15 22.98
N GLU D 106 28.32 9.35 23.49
CA GLU D 106 27.07 9.57 24.17
C GLU D 106 26.44 10.81 23.61
N ALA D 107 25.09 10.89 23.71
CA ALA D 107 24.40 12.08 23.29
C ALA D 107 24.41 13.07 24.42
N PRO D 108 24.25 14.31 24.08
CA PRO D 108 24.64 15.38 24.96
C PRO D 108 24.01 15.39 26.31
N LEU D 109 22.68 15.21 26.44
CA LEU D 109 22.15 15.21 27.77
C LEU D 109 21.79 13.79 28.07
N ASN D 110 22.75 13.04 28.61
CA ASN D 110 22.55 11.65 28.82
C ASN D 110 22.70 11.42 30.30
N PRO D 111 21.62 11.06 30.92
CA PRO D 111 21.51 11.16 32.35
C PRO D 111 22.49 10.27 33.04
N LYS D 112 23.13 10.75 34.12
CA LYS D 112 24.36 10.13 34.52
C LYS D 112 24.10 8.70 34.94
N ALA D 113 22.83 8.35 35.23
CA ALA D 113 22.44 6.98 35.47
C ALA D 113 22.66 6.09 34.26
N ASN D 114 22.29 6.51 33.03
CA ASN D 114 22.42 5.55 31.97
C ASN D 114 23.87 5.28 31.74
N ARG D 115 24.71 6.29 31.98
CA ARG D 115 26.11 6.20 31.67
C ARG D 115 26.68 5.04 32.44
N GLU D 116 26.28 4.90 33.71
CA GLU D 116 26.83 3.86 34.53
C GLU D 116 26.46 2.55 33.90
N LYS D 117 25.21 2.45 33.43
CA LYS D 117 24.70 1.25 32.82
C LYS D 117 25.43 1.00 31.55
N MET D 118 25.79 2.06 30.80
CA MET D 118 26.48 1.84 29.57
C MET D 118 27.74 1.13 29.90
N THR D 119 28.41 1.60 30.98
CA THR D 119 29.68 1.09 31.37
C THR D 119 29.53 -0.34 31.81
N GLN D 120 28.49 -0.63 32.60
CA GLN D 120 28.37 -1.91 33.23
C GLN D 120 28.22 -2.96 32.18
N ILE D 121 27.53 -2.64 31.07
CA ILE D 121 27.41 -3.62 30.03
C ILE D 121 28.78 -3.94 29.54
N MET D 122 29.56 -2.88 29.23
CA MET D 122 30.77 -3.12 28.51
C MET D 122 31.66 -3.95 29.35
N PHE D 123 31.74 -3.64 30.66
CA PHE D 123 32.53 -4.50 31.48
C PHE D 123 31.87 -5.84 31.59
N GLU D 124 30.59 -5.86 32.02
CA GLU D 124 30.04 -7.12 32.42
C GLU D 124 29.85 -8.05 31.26
N THR D 125 28.97 -7.70 30.30
CA THR D 125 28.69 -8.66 29.27
C THR D 125 29.84 -8.74 28.33
N PHE D 126 30.34 -7.56 27.89
CA PHE D 126 31.32 -7.47 26.85
C PHE D 126 32.68 -7.89 27.31
N ASN D 127 33.03 -7.59 28.58
CA ASN D 127 34.29 -7.89 29.21
C ASN D 127 35.47 -7.22 28.55
N THR D 128 35.27 -5.97 28.10
CA THR D 128 36.37 -5.21 27.55
C THR D 128 37.35 -5.00 28.66
N PRO D 129 38.62 -4.90 28.32
CA PRO D 129 39.64 -4.53 29.26
C PRO D 129 39.38 -3.17 29.80
N ALA D 130 38.82 -2.24 28.99
CA ALA D 130 38.60 -0.92 29.50
C ALA D 130 37.82 -0.16 28.48
N MET D 131 37.05 0.85 28.93
CA MET D 131 36.25 1.59 27.99
C MET D 131 36.19 3.01 28.45
N TYR D 132 35.83 3.93 27.54
CA TYR D 132 35.75 5.33 27.86
C TYR D 132 34.42 5.79 27.41
N VAL D 133 33.83 6.81 28.11
CA VAL D 133 32.57 7.28 27.66
C VAL D 133 32.79 8.63 27.06
N ALA D 134 32.18 8.88 25.90
CA ALA D 134 32.52 10.04 25.14
C ALA D 134 31.28 10.84 24.96
N ILE D 135 31.43 12.14 24.68
CA ILE D 135 30.25 12.87 24.29
C ILE D 135 30.43 13.23 22.84
N GLN D 136 29.44 12.84 22.01
CA GLN D 136 29.61 12.87 20.58
C GLN D 136 29.78 14.27 20.14
N ALA D 137 29.18 15.22 20.87
CA ALA D 137 29.32 16.58 20.45
C ALA D 137 30.79 16.86 20.49
N VAL D 138 31.45 16.45 21.59
CA VAL D 138 32.83 16.77 21.80
C VAL D 138 33.65 16.18 20.70
N LEU D 139 33.41 14.90 20.39
CA LEU D 139 34.29 14.21 19.50
C LEU D 139 34.19 14.86 18.17
N SER D 140 33.00 15.33 17.81
CA SER D 140 32.88 16.04 16.56
C SER D 140 33.81 17.23 16.61
N LEU D 141 33.80 17.98 17.72
CA LEU D 141 34.58 19.19 17.79
C LEU D 141 36.02 18.84 17.70
N TYR D 142 36.42 17.72 18.33
CA TYR D 142 37.80 17.35 18.41
C TYR D 142 38.30 17.19 17.02
N ALA D 143 37.49 16.56 16.15
CA ALA D 143 37.92 16.27 14.82
C ALA D 143 38.23 17.56 14.13
N SER D 144 37.37 18.59 14.34
CA SER D 144 37.48 19.82 13.59
C SER D 144 38.84 20.41 13.81
N GLY D 145 39.20 20.63 15.08
CA GLY D 145 40.52 21.12 15.40
C GLY D 145 40.57 22.62 15.49
N ARG D 146 39.45 23.32 15.73
CA ARG D 146 39.67 24.73 15.91
C ARG D 146 39.11 25.22 17.22
N THR D 147 39.94 26.06 17.86
CA THR D 147 39.84 26.59 19.19
C THR D 147 38.67 27.52 19.33
N THR D 148 38.52 28.47 18.39
CA THR D 148 37.50 29.44 18.61
C THR D 148 36.72 29.55 17.35
N GLY D 149 35.40 29.77 17.48
CA GLY D 149 34.53 29.85 16.35
C GLY D 149 33.19 29.53 16.87
N ILE D 150 32.14 29.65 16.04
CA ILE D 150 30.87 29.20 16.49
C ILE D 150 30.36 28.25 15.44
N VAL D 151 30.23 26.96 15.81
CA VAL D 151 29.95 25.93 14.83
C VAL D 151 28.48 25.64 14.97
N MET D 152 27.80 25.40 13.84
CA MET D 152 26.47 24.91 13.83
C MET D 152 26.55 23.45 13.54
N ASP D 153 26.05 22.63 14.48
CA ASP D 153 26.03 21.23 14.25
C ASP D 153 24.60 20.83 14.09
N SER D 154 24.21 20.42 12.88
CA SER D 154 22.92 19.80 12.73
C SER D 154 23.18 18.40 12.26
N GLY D 155 22.67 17.41 13.01
CA GLY D 155 22.73 16.02 12.67
C GLY D 155 21.34 15.56 12.37
N ASP D 156 21.02 14.32 12.81
CA ASP D 156 19.79 13.63 12.64
C ASP D 156 18.67 14.12 13.52
N GLY D 157 18.84 13.94 14.84
CA GLY D 157 17.90 14.28 15.87
C GLY D 157 17.99 15.67 16.40
N VAL D 158 19.18 16.29 16.47
CA VAL D 158 19.22 17.53 17.22
C VAL D 158 20.13 18.50 16.54
N THR D 159 19.88 19.81 16.73
CA THR D 159 20.73 20.81 16.17
C THR D 159 21.16 21.71 17.28
N HIS D 160 22.45 22.09 17.29
CA HIS D 160 22.92 23.01 18.28
C HIS D 160 23.76 24.01 17.57
N THR D 161 23.95 25.18 18.22
CA THR D 161 25.00 26.07 17.81
C THR D 161 25.84 26.26 19.03
N VAL D 162 27.18 26.14 18.92
CA VAL D 162 27.96 26.36 20.09
C VAL D 162 29.12 27.22 19.74
N PRO D 163 29.21 28.34 20.40
CA PRO D 163 30.36 29.17 20.37
C PRO D 163 31.45 28.42 21.05
N ILE D 164 32.68 28.53 20.53
CA ILE D 164 33.79 27.88 21.14
C ILE D 164 34.85 28.93 21.29
N TYR D 165 35.25 29.21 22.54
CA TYR D 165 36.40 30.03 22.70
C TYR D 165 37.36 29.18 23.46
N GLU D 166 38.51 28.90 22.84
CA GLU D 166 39.66 28.32 23.49
C GLU D 166 39.32 27.26 24.47
N GLY D 167 39.26 25.96 24.08
CA GLY D 167 38.48 25.19 23.15
C GLY D 167 37.09 25.18 23.71
N TYR D 168 36.98 25.71 24.93
CA TYR D 168 35.97 25.49 25.92
C TYR D 168 34.68 25.97 25.36
N ALA D 169 33.67 25.08 25.39
CA ALA D 169 32.38 25.47 24.91
C ALA D 169 31.71 26.18 26.02
N LEU D 170 31.32 27.44 25.76
CA LEU D 170 30.59 28.22 26.71
C LEU D 170 29.23 27.60 26.74
N PRO D 171 28.88 27.05 27.86
CA PRO D 171 27.66 26.34 28.03
C PRO D 171 26.52 27.25 27.76
N HIS D 172 26.59 28.48 28.30
CA HIS D 172 25.43 29.33 28.35
C HIS D 172 25.05 29.69 26.97
N ALA D 173 26.05 29.85 26.08
CA ALA D 173 25.78 30.32 24.76
C ALA D 173 24.86 29.36 24.08
N ILE D 174 25.13 28.05 24.25
CA ILE D 174 24.53 26.99 23.48
C ILE D 174 23.03 27.09 23.55
N LEU D 175 22.34 26.80 22.43
CA LEU D 175 20.93 26.50 22.57
C LEU D 175 20.56 25.32 21.72
N ARG D 176 19.51 24.57 22.16
CA ARG D 176 19.09 23.34 21.54
C ARG D 176 18.09 23.64 20.47
N LEU D 177 18.05 22.76 19.43
CA LEU D 177 16.96 22.70 18.51
C LEU D 177 16.44 21.30 18.53
N ASP D 178 15.11 21.11 18.46
CA ASP D 178 14.56 19.80 18.30
C ASP D 178 14.82 19.28 16.91
N LEU D 179 14.83 20.18 15.90
CA LEU D 179 14.75 19.78 14.52
C LEU D 179 16.05 19.19 14.07
N ALA D 180 15.95 18.27 13.09
CA ALA D 180 17.07 17.86 12.30
C ALA D 180 16.54 16.92 11.26
N GLY D 181 17.42 16.20 10.53
CA GLY D 181 17.10 15.54 9.30
C GLY D 181 15.95 14.63 9.58
N ARG D 182 15.87 14.19 10.83
CA ARG D 182 14.90 13.28 11.36
C ARG D 182 13.55 13.84 11.00
N ASP D 183 13.31 15.12 11.35
CA ASP D 183 12.06 15.78 11.07
C ASP D 183 11.93 15.97 9.59
N LEU D 184 13.06 16.28 8.92
CA LEU D 184 13.05 16.78 7.58
C LEU D 184 12.42 15.75 6.71
N THR D 185 12.80 14.48 6.91
CA THR D 185 12.31 13.42 6.08
C THR D 185 10.84 13.28 6.29
N ASP D 186 10.39 13.36 7.56
CA ASP D 186 9.01 13.12 7.85
C ASP D 186 8.22 14.13 7.13
N TYR D 187 8.71 15.37 7.14
CA TYR D 187 8.06 16.47 6.51
C TYR D 187 8.01 16.18 5.05
N LEU D 188 9.12 15.66 4.50
CA LEU D 188 9.24 15.45 3.10
C LEU D 188 8.12 14.54 2.73
N MET D 189 7.88 13.53 3.59
CA MET D 189 6.85 12.58 3.30
C MET D 189 5.55 13.32 3.23
N LYS D 190 5.32 14.19 4.23
CA LYS D 190 4.03 14.77 4.41
C LYS D 190 3.67 15.63 3.24
N ILE D 191 4.62 16.46 2.76
CA ILE D 191 4.33 17.30 1.64
C ILE D 191 4.10 16.41 0.46
N LEU D 192 4.85 15.32 0.34
CA LEU D 192 4.73 14.51 -0.84
C LEU D 192 3.32 14.02 -0.94
N THR D 193 2.74 13.64 0.21
CA THR D 193 1.48 12.96 0.23
C THR D 193 0.38 13.88 -0.23
N GLU D 194 0.54 15.21 -0.08
CA GLU D 194 -0.54 16.08 -0.46
C GLU D 194 -0.85 15.89 -1.90
N ARG D 195 0.19 15.81 -2.72
CA ARG D 195 0.00 15.89 -4.14
C ARG D 195 -0.83 14.73 -4.56
N GLY D 196 -0.79 13.62 -3.78
CA GLY D 196 -1.54 12.44 -4.14
C GLY D 196 -0.78 11.22 -3.74
N TYR D 197 0.56 11.25 -3.77
CA TYR D 197 1.35 10.15 -3.27
C TYR D 197 0.94 9.89 -1.85
N SER D 198 1.03 8.63 -1.39
CA SER D 198 0.92 8.38 0.02
C SER D 198 2.18 7.69 0.47
N PHE D 199 3.03 8.37 1.28
CA PHE D 199 4.21 7.73 1.80
C PHE D 199 4.03 7.57 3.28
N THR D 200 3.11 6.68 3.70
CA THR D 200 2.89 6.42 5.10
C THR D 200 3.92 5.49 5.70
N THR D 201 4.44 4.51 4.92
CA THR D 201 5.02 3.33 5.51
C THR D 201 6.49 3.49 5.81
N THR D 202 7.04 2.51 6.56
CA THR D 202 8.42 2.42 6.92
C THR D 202 9.26 2.15 5.71
N ALA D 203 8.79 1.27 4.81
CA ALA D 203 9.58 1.06 3.63
C ALA D 203 9.60 2.35 2.89
N GLU D 204 8.43 3.00 2.84
CA GLU D 204 8.24 4.24 2.14
C GLU D 204 9.06 5.27 2.80
N ARG D 205 9.31 5.09 4.11
CA ARG D 205 10.08 6.01 4.89
C ARG D 205 11.36 6.19 4.16
N GLU D 206 12.04 5.05 3.94
CA GLU D 206 13.37 5.00 3.48
C GLU D 206 13.41 5.52 2.08
N ILE D 207 12.30 5.31 1.34
CA ILE D 207 12.25 5.87 0.02
C ILE D 207 12.27 7.36 0.13
N VAL D 208 11.50 7.94 1.08
CA VAL D 208 11.43 9.36 1.17
C VAL D 208 12.80 9.85 1.45
N ARG D 209 13.53 9.12 2.31
CA ARG D 209 14.82 9.56 2.77
C ARG D 209 15.70 9.68 1.58
N ASP D 210 15.64 8.67 0.68
CA ASP D 210 16.52 8.71 -0.44
C ASP D 210 16.19 9.91 -1.24
N ILE D 211 14.89 10.19 -1.39
CA ILE D 211 14.51 11.25 -2.27
C ILE D 211 15.10 12.51 -1.75
N LYS D 212 14.99 12.79 -0.44
CA LYS D 212 15.49 14.07 -0.03
C LYS D 212 16.98 14.18 -0.22
N GLU D 213 17.76 13.13 0.11
CA GLU D 213 19.18 13.36 0.13
C GLU D 213 19.70 13.69 -1.23
N LYS D 214 19.33 12.91 -2.27
CA LYS D 214 19.83 13.27 -3.58
C LYS D 214 19.22 14.58 -3.96
N LEU D 215 17.88 14.60 -3.91
CA LEU D 215 17.02 15.56 -4.56
C LEU D 215 17.05 16.92 -3.92
N CYS D 216 16.99 17.00 -2.57
CA CYS D 216 16.55 18.21 -1.94
C CYS D 216 17.64 19.23 -1.91
N TYR D 217 17.27 20.53 -1.99
CA TYR D 217 18.25 21.58 -1.93
C TYR D 217 17.71 22.74 -1.15
N VAL D 218 18.60 23.72 -0.88
CA VAL D 218 18.29 24.87 -0.06
C VAL D 218 18.31 26.08 -0.95
N ALA D 219 17.29 26.95 -0.79
CA ALA D 219 17.03 28.04 -1.70
C ALA D 219 17.93 29.21 -1.38
N LEU D 220 18.21 30.03 -2.43
CA LEU D 220 18.88 31.29 -2.21
C LEU D 220 17.98 32.19 -1.44
N ASP D 221 16.74 32.37 -1.95
CA ASP D 221 15.73 33.11 -1.26
C ASP D 221 14.54 32.23 -1.22
N PHE D 222 13.91 32.11 -0.04
CA PHE D 222 12.77 31.24 0.05
C PHE D 222 11.72 31.78 -0.87
N GLU D 223 11.46 33.10 -0.77
CA GLU D 223 10.36 33.69 -1.48
C GLU D 223 10.59 33.60 -2.95
N GLN D 224 11.83 33.88 -3.41
CA GLN D 224 12.04 33.91 -4.82
C GLN D 224 11.79 32.54 -5.35
N GLU D 225 12.24 31.51 -4.59
CA GLU D 225 12.26 30.17 -5.08
C GLU D 225 10.85 29.69 -5.32
N MET D 226 9.89 30.07 -4.46
CA MET D 226 8.55 29.64 -4.74
C MET D 226 8.16 30.23 -6.05
N ALA D 227 8.43 31.54 -6.19
CA ALA D 227 7.86 32.33 -7.24
C ALA D 227 8.33 31.75 -8.54
N THR D 228 9.61 31.35 -8.55
CA THR D 228 10.25 30.79 -9.71
C THR D 228 9.58 29.50 -10.03
N ALA D 229 9.16 28.77 -8.98
CA ALA D 229 8.80 27.38 -9.06
C ALA D 229 7.72 27.29 -10.06
N ALA D 230 6.88 28.33 -10.10
CA ALA D 230 5.78 28.25 -10.97
C ALA D 230 6.25 28.08 -12.39
N SER D 231 7.18 28.93 -12.82
CA SER D 231 7.66 28.81 -14.17
C SER D 231 8.49 27.58 -14.25
N SER D 232 9.09 27.17 -13.12
CA SER D 232 10.26 26.33 -13.14
C SER D 232 9.98 25.09 -13.92
N SER D 233 10.71 24.92 -15.04
CA SER D 233 10.78 23.66 -15.71
C SER D 233 11.60 22.75 -14.86
N SER D 234 12.70 23.30 -14.31
CA SER D 234 13.80 22.52 -13.83
C SER D 234 13.35 21.64 -12.71
N LEU D 235 12.51 22.16 -11.80
CA LEU D 235 12.30 21.57 -10.50
C LEU D 235 11.67 20.21 -10.65
N GLU D 236 11.10 19.93 -11.82
CA GLU D 236 10.15 18.88 -12.09
C GLU D 236 10.73 17.52 -11.85
N LYS D 237 12.05 17.41 -11.53
CA LYS D 237 12.82 16.19 -11.45
C LYS D 237 12.01 14.99 -11.05
N SER D 238 12.35 13.84 -11.68
CA SER D 238 11.66 12.60 -11.54
C SER D 238 12.41 11.79 -10.53
N TYR D 239 11.69 10.93 -9.79
CA TYR D 239 12.33 9.94 -8.97
C TYR D 239 11.64 8.65 -9.29
N GLU D 240 12.42 7.55 -9.44
CA GLU D 240 11.81 6.30 -9.73
C GLU D 240 11.64 5.59 -8.43
N LEU D 241 10.39 5.15 -8.15
CA LEU D 241 10.08 4.45 -6.94
C LEU D 241 10.49 3.03 -7.15
N PRO D 242 10.73 2.29 -6.10
CA PRO D 242 11.34 1.01 -6.21
C PRO D 242 10.48 0.09 -7.04
N ASP D 243 9.17 0.36 -7.07
CA ASP D 243 8.18 -0.47 -7.70
C ASP D 243 8.29 -0.25 -9.15
N GLY D 244 8.69 0.98 -9.52
CA GLY D 244 8.68 1.31 -10.91
C GLY D 244 7.78 2.47 -11.16
N GLN D 245 7.05 2.97 -10.13
CA GLN D 245 6.39 4.21 -10.37
C GLN D 245 7.46 5.20 -10.63
N VAL D 246 7.17 6.24 -11.43
CA VAL D 246 8.05 7.37 -11.37
C VAL D 246 7.23 8.52 -10.89
N ILE D 247 7.69 9.18 -9.82
CA ILE D 247 6.96 10.23 -9.19
C ILE D 247 7.76 11.48 -9.39
N THR D 248 7.07 12.61 -9.59
CA THR D 248 7.72 13.83 -10.00
C THR D 248 7.78 14.72 -8.80
N ILE D 249 8.90 15.48 -8.64
CA ILE D 249 9.06 16.25 -7.43
C ILE D 249 9.64 17.62 -7.75
N GLY D 250 8.80 18.68 -7.96
CA GLY D 250 9.42 19.98 -8.10
C GLY D 250 9.80 20.70 -6.82
N ASN D 251 8.77 21.21 -6.09
CA ASN D 251 8.96 22.30 -5.17
C ASN D 251 9.46 21.83 -3.84
N GLU D 252 9.14 20.58 -3.54
CA GLU D 252 9.29 19.99 -2.26
C GLU D 252 10.73 20.01 -1.93
N ARG D 253 11.59 19.90 -2.97
CA ARG D 253 12.99 19.76 -2.73
C ARG D 253 13.43 20.92 -1.92
N PHE D 254 13.12 22.16 -2.35
CA PHE D 254 13.53 23.27 -1.54
C PHE D 254 12.67 23.44 -0.32
N ARG D 255 11.35 23.13 -0.40
CA ARG D 255 10.54 23.42 0.75
C ARG D 255 11.03 22.62 1.92
N CYS D 256 11.43 21.35 1.70
CA CYS D 256 11.72 20.49 2.81
C CYS D 256 12.81 21.07 3.68
N PRO D 257 14.00 21.34 3.18
CA PRO D 257 15.12 21.76 3.99
C PRO D 257 14.90 23.13 4.54
N GLU D 258 13.91 23.86 3.99
CA GLU D 258 13.68 25.23 4.30
C GLU D 258 13.35 25.31 5.76
N ALA D 259 12.77 24.22 6.28
CA ALA D 259 12.20 24.17 7.59
C ALA D 259 13.26 24.54 8.58
N LEU D 260 14.52 24.14 8.31
CA LEU D 260 15.55 24.43 9.26
C LEU D 260 15.62 25.92 9.39
N PHE D 261 15.54 26.63 8.26
CA PHE D 261 15.52 28.06 8.31
C PHE D 261 14.24 28.53 8.94
N GLN D 262 13.08 27.97 8.56
CA GLN D 262 11.87 28.43 9.19
C GLN D 262 11.14 27.26 9.79
N PRO D 263 11.31 27.08 11.07
CA PRO D 263 10.76 25.95 11.75
C PRO D 263 9.26 25.95 11.80
N SER D 264 8.61 27.10 11.51
CA SER D 264 7.18 27.14 11.69
C SER D 264 6.56 26.23 10.69
N PHE D 265 7.31 25.81 9.65
CA PHE D 265 6.74 24.97 8.64
C PHE D 265 6.29 23.75 9.35
N LEU D 266 7.21 23.16 10.11
CA LEU D 266 6.94 22.05 10.94
C LEU D 266 6.15 22.45 12.10
N GLY D 267 5.95 23.74 12.39
CA GLY D 267 5.14 24.09 13.53
C GLY D 267 6.01 24.28 14.74
N MET D 268 7.34 24.31 14.55
CA MET D 268 8.22 24.69 15.62
C MET D 268 8.03 26.16 15.84
N GLU D 269 7.95 26.57 17.11
CA GLU D 269 8.08 27.96 17.47
C GLU D 269 9.50 28.34 17.25
N SER D 270 10.41 27.36 17.34
CA SER D 270 11.82 27.61 17.47
C SER D 270 12.29 28.43 16.32
N CYS D 271 13.34 29.24 16.58
CA CYS D 271 13.90 30.14 15.62
C CYS D 271 14.72 29.34 14.67
N GLY D 272 14.98 29.90 13.48
CA GLY D 272 15.70 29.18 12.47
C GLY D 272 17.14 29.20 12.87
N ILE D 273 17.99 28.56 12.06
CA ILE D 273 19.36 28.35 12.42
C ILE D 273 19.98 29.70 12.60
N HIS D 274 19.70 30.62 11.65
CA HIS D 274 20.40 31.87 11.62
C HIS D 274 20.10 32.63 12.88
N GLU D 275 18.82 32.62 13.33
CA GLU D 275 18.50 33.35 14.52
C GLU D 275 19.29 32.70 15.61
N THR D 276 19.44 31.37 15.52
CA THR D 276 20.15 30.64 16.51
C THR D 276 21.55 31.16 16.57
N THR D 277 22.18 31.34 15.40
CA THR D 277 23.58 31.68 15.37
C THR D 277 23.75 33.01 16.01
N PHE D 278 22.87 33.96 15.66
CA PHE D 278 22.98 35.30 16.16
C PHE D 278 22.86 35.24 17.65
N ASN D 279 21.87 34.47 18.14
CA ASN D 279 21.56 34.50 19.53
C ASN D 279 22.73 34.00 20.32
N SER D 280 23.38 32.93 19.83
CA SER D 280 24.43 32.34 20.61
C SER D 280 25.55 33.32 20.70
N ILE D 281 25.72 34.16 19.67
CA ILE D 281 26.76 35.15 19.64
C ILE D 281 26.53 36.17 20.71
N MET D 282 25.27 36.62 20.85
CA MET D 282 24.92 37.76 21.66
C MET D 282 25.24 37.40 23.07
N LYS D 283 24.98 36.12 23.40
CA LYS D 283 25.01 35.60 24.72
C LYS D 283 26.40 35.80 25.25
N CYS D 284 27.37 35.87 24.33
CA CYS D 284 28.75 35.96 24.72
C CYS D 284 29.20 37.39 24.73
N ASP D 285 30.50 37.59 25.07
CA ASP D 285 31.06 38.89 25.23
C ASP D 285 31.07 39.57 23.92
N VAL D 286 31.07 40.91 23.95
CA VAL D 286 31.15 41.73 22.78
C VAL D 286 32.46 41.46 22.13
N ASP D 287 33.52 41.35 22.95
CA ASP D 287 34.87 41.25 22.43
C ASP D 287 35.00 40.00 21.61
N ILE D 288 34.53 38.87 22.16
CA ILE D 288 34.77 37.59 21.58
C ILE D 288 34.10 37.47 20.26
N ARG D 289 32.97 38.20 20.06
CA ARG D 289 32.00 37.90 19.05
C ARG D 289 32.68 37.84 17.71
N LYS D 290 33.69 38.71 17.47
CA LYS D 290 34.27 38.80 16.17
C LYS D 290 34.80 37.46 15.80
N ASP D 291 35.42 36.77 16.77
CA ASP D 291 36.09 35.53 16.52
C ASP D 291 35.10 34.53 16.02
N LEU D 292 33.89 34.50 16.61
CA LEU D 292 32.93 33.53 16.19
C LEU D 292 32.59 33.82 14.77
N TYR D 293 32.34 35.11 14.47
CA TYR D 293 31.73 35.46 13.22
C TYR D 293 32.66 35.00 12.14
N ALA D 294 33.97 35.24 12.33
CA ALA D 294 34.93 34.82 11.36
C ALA D 294 34.90 33.33 11.30
N ASN D 295 34.84 32.64 12.46
CA ASN D 295 34.96 31.23 12.37
C ASN D 295 33.65 30.63 12.71
N THR D 296 32.78 30.39 11.71
CA THR D 296 31.58 29.64 11.92
C THR D 296 31.85 28.32 11.30
N VAL D 297 31.46 27.22 11.96
CA VAL D 297 31.81 25.96 11.37
C VAL D 297 30.54 25.20 11.21
N LEU D 298 30.36 24.41 10.14
CA LEU D 298 29.13 23.68 9.98
C LEU D 298 29.43 22.27 10.38
N SER D 299 28.41 21.41 10.64
CA SER D 299 28.74 20.06 11.03
C SER D 299 27.54 19.17 10.96
N GLY D 300 27.75 17.87 10.65
CA GLY D 300 26.66 16.95 10.81
C GLY D 300 26.03 16.71 9.48
N GLY D 301 25.12 15.73 9.43
CA GLY D 301 24.53 15.32 8.19
C GLY D 301 23.75 16.47 7.64
N THR D 302 23.04 17.19 8.50
CA THR D 302 22.07 18.13 8.02
C THR D 302 22.75 19.34 7.42
N THR D 303 24.01 19.60 7.77
CA THR D 303 24.75 20.72 7.24
C THR D 303 25.22 20.48 5.84
N MET D 304 25.12 19.24 5.31
CA MET D 304 25.70 18.95 4.04
C MET D 304 25.11 19.64 2.83
N TYR D 305 23.87 20.17 2.89
CA TYR D 305 23.25 20.80 1.73
C TYR D 305 24.12 21.82 1.06
N PRO D 306 24.28 21.68 -0.21
CA PRO D 306 25.03 22.65 -0.94
C PRO D 306 24.18 23.87 -0.97
N GLY D 307 24.78 25.06 -0.81
CA GLY D 307 23.96 26.24 -0.78
C GLY D 307 23.79 26.68 0.64
N ILE D 308 24.10 25.81 1.62
CA ILE D 308 23.93 26.26 2.97
C ILE D 308 24.90 27.36 3.23
N ALA D 309 26.16 27.18 2.79
CA ALA D 309 27.19 28.07 3.21
C ALA D 309 26.85 29.43 2.70
N ASP D 310 26.45 29.53 1.42
CA ASP D 310 26.15 30.82 0.89
C ASP D 310 24.93 31.37 1.55
N ARG D 311 23.93 30.52 1.87
CA ARG D 311 22.80 31.13 2.52
C ARG D 311 23.25 31.67 3.84
N MET D 312 24.11 30.93 4.57
CA MET D 312 24.43 31.38 5.90
C MET D 312 25.14 32.69 5.84
N GLN D 313 26.08 32.87 4.90
CA GLN D 313 26.81 34.10 4.93
C GLN D 313 25.84 35.21 4.62
N LYS D 314 24.91 34.93 3.69
CA LYS D 314 23.95 35.91 3.27
C LYS D 314 23.13 36.30 4.47
N GLU D 315 22.64 35.29 5.21
CA GLU D 315 21.71 35.51 6.27
C GLU D 315 22.38 36.31 7.35
N ILE D 316 23.58 35.86 7.77
CA ILE D 316 24.23 36.41 8.91
C ILE D 316 24.60 37.83 8.64
N THR D 317 25.07 38.11 7.41
CA THR D 317 25.59 39.40 7.06
C THR D 317 24.50 40.41 7.19
N ALA D 318 23.24 40.06 6.83
CA ALA D 318 22.21 41.03 6.99
C ALA D 318 22.15 41.38 8.45
N LEU D 319 22.19 40.34 9.31
CA LEU D 319 21.94 40.51 10.72
C LEU D 319 23.02 41.36 11.32
N ALA D 320 24.28 41.09 10.96
CA ALA D 320 25.40 41.58 11.70
C ALA D 320 25.83 42.93 11.20
N PRO D 321 26.54 43.63 12.05
CA PRO D 321 27.02 44.95 11.79
C PRO D 321 27.91 44.87 10.60
N SER D 322 27.89 45.89 9.74
CA SER D 322 28.51 45.77 8.46
C SER D 322 30.01 45.69 8.63
N THR D 323 30.54 46.16 9.77
CA THR D 323 31.96 46.10 9.93
C THR D 323 32.40 44.67 10.03
N MET D 324 31.67 43.82 10.79
CA MET D 324 32.30 42.63 11.27
C MET D 324 32.50 41.70 10.12
N LYS D 325 33.68 41.06 10.08
CA LYS D 325 33.96 40.13 9.03
C LYS D 325 33.24 38.87 9.36
N ILE D 326 32.74 38.20 8.30
CA ILE D 326 31.97 37.01 8.48
C ILE D 326 32.57 35.97 7.59
N LYS D 327 32.97 34.83 8.16
CA LYS D 327 33.42 33.78 7.29
C LYS D 327 32.63 32.56 7.63
N ILE D 328 32.58 31.61 6.68
CA ILE D 328 31.88 30.39 6.92
C ILE D 328 32.78 29.30 6.46
N ILE D 329 32.68 28.11 7.08
CA ILE D 329 33.55 27.05 6.71
C ILE D 329 32.77 25.79 6.70
N ALA D 330 33.07 24.83 5.79
CA ALA D 330 32.37 23.59 5.91
C ALA D 330 33.26 22.47 5.50
N PRO D 331 33.77 21.73 6.44
CA PRO D 331 34.64 20.62 6.14
C PRO D 331 33.90 19.51 5.46
N PRO D 332 34.60 18.90 4.53
CA PRO D 332 33.99 18.17 3.45
C PRO D 332 33.15 16.98 3.81
N GLU D 333 33.61 16.11 4.72
CA GLU D 333 32.75 15.02 5.10
C GLU D 333 32.49 15.18 6.55
N ARG D 334 31.61 16.13 6.90
CA ARG D 334 31.33 16.36 8.26
C ARG D 334 30.51 15.37 8.98
N LYS D 335 29.69 14.59 8.28
CA LYS D 335 28.81 13.71 8.99
C LYS D 335 29.59 12.81 9.90
N TYR D 336 30.69 12.30 9.38
CA TYR D 336 31.58 11.38 10.02
C TYR D 336 32.30 12.05 11.15
N SER D 337 32.28 13.40 11.16
CA SER D 337 33.16 14.15 12.01
C SER D 337 32.96 13.72 13.44
N VAL D 338 31.75 13.26 13.84
CA VAL D 338 31.66 12.81 15.21
C VAL D 338 32.57 11.64 15.38
N TRP D 339 32.45 10.64 14.49
CA TRP D 339 33.13 9.40 14.70
C TRP D 339 34.58 9.72 14.68
N ILE D 340 34.94 10.67 13.80
CA ILE D 340 36.31 11.02 13.57
C ILE D 340 36.89 11.46 14.87
N GLY D 341 36.21 12.39 15.56
CA GLY D 341 36.81 12.94 16.73
C GLY D 341 36.95 11.83 17.72
N GLY D 342 35.95 10.94 17.75
CA GLY D 342 35.97 9.86 18.69
C GLY D 342 37.16 9.04 18.40
N SER D 343 37.42 8.89 17.10
CA SER D 343 38.51 8.06 16.70
C SER D 343 39.75 8.67 17.27
N ILE D 344 39.92 10.00 17.13
CA ILE D 344 41.17 10.61 17.48
C ILE D 344 41.42 10.43 18.95
N LEU D 345 40.40 10.73 19.77
CA LEU D 345 40.59 10.80 21.19
C LEU D 345 41.00 9.44 21.65
N ALA D 346 40.33 8.43 21.10
CA ALA D 346 40.49 7.07 21.51
C ALA D 346 41.92 6.69 21.31
N SER D 347 42.49 7.13 20.17
CA SER D 347 43.80 6.70 19.78
C SER D 347 44.80 7.27 20.73
N LEU D 348 44.47 8.36 21.45
CA LEU D 348 45.51 9.18 21.99
C LEU D 348 46.35 8.39 22.94
N SER D 349 47.65 8.29 22.61
CA SER D 349 48.63 7.59 23.38
C SER D 349 48.72 8.29 24.69
N THR D 350 48.89 9.62 24.60
CA THR D 350 49.24 10.48 25.68
C THR D 350 48.12 10.43 26.68
N PHE D 351 46.90 10.53 26.16
CA PHE D 351 45.69 10.77 26.87
C PHE D 351 45.31 9.54 27.62
N GLN D 352 46.00 8.41 27.36
CA GLN D 352 45.57 7.07 27.62
C GLN D 352 45.12 6.94 29.05
N GLN D 353 45.66 7.75 29.98
CA GLN D 353 45.26 7.64 31.36
C GLN D 353 43.76 7.83 31.44
N MET D 354 43.22 8.66 30.55
CA MET D 354 41.86 9.12 30.59
C MET D 354 40.94 7.95 30.49
N TRP D 355 41.34 6.90 29.73
CA TRP D 355 40.48 5.76 29.52
C TRP D 355 40.05 5.23 30.87
N ILE D 356 38.86 4.58 30.89
CA ILE D 356 38.30 4.05 32.11
C ILE D 356 38.62 2.59 32.15
N SER D 357 39.01 2.10 33.33
CA SER D 357 39.63 0.82 33.42
C SER D 357 38.82 -0.07 34.32
N LYS D 358 39.09 -1.38 34.19
CA LYS D 358 38.35 -2.44 34.80
C LYS D 358 38.39 -2.32 36.29
N GLN D 359 39.58 -1.99 36.85
CA GLN D 359 39.66 -1.87 38.27
C GLN D 359 38.79 -0.73 38.69
N GLU D 360 38.83 0.38 37.94
CA GLU D 360 38.14 1.54 38.38
C GLU D 360 36.69 1.20 38.43
N TYR D 361 36.24 0.33 37.50
CA TYR D 361 34.88 -0.12 37.53
C TYR D 361 34.66 -0.80 38.84
N ASP D 362 35.59 -1.68 39.25
CA ASP D 362 35.36 -2.46 40.43
C ASP D 362 35.26 -1.57 41.63
N GLU D 363 36.30 -0.75 41.87
CA GLU D 363 36.33 -0.07 43.13
C GLU D 363 35.22 0.94 43.20
N SER D 364 35.18 1.88 42.22
CA SER D 364 34.29 2.99 42.25
C SER D 364 32.96 2.65 41.65
N GLY D 365 32.93 1.60 40.80
CA GLY D 365 31.71 1.33 40.08
C GLY D 365 31.78 2.11 38.80
N PRO D 366 30.78 1.97 37.98
CA PRO D 366 30.73 2.56 36.68
C PRO D 366 30.70 4.05 36.79
N SER D 367 30.30 4.58 37.95
CA SER D 367 29.98 5.97 38.06
C SER D 367 31.23 6.73 37.77
N ILE D 368 32.38 6.05 37.89
CA ILE D 368 33.65 6.67 37.72
C ILE D 368 33.66 7.23 36.34
N VAL D 369 33.08 6.49 35.38
CA VAL D 369 33.16 6.89 34.02
C VAL D 369 32.50 8.23 33.92
N HIS D 370 31.44 8.45 34.71
CA HIS D 370 30.82 9.75 34.76
C HIS D 370 31.70 10.78 35.44
N ARG D 371 32.35 10.46 36.57
CA ARG D 371 32.82 11.51 37.43
C ARG D 371 34.31 11.70 37.31
N LYS D 372 34.74 12.98 37.24
CA LYS D 372 36.12 13.38 37.15
C LYS D 372 36.75 12.58 36.07
N CYS D 373 35.99 12.37 34.99
CA CYS D 373 36.50 11.70 33.82
C CYS D 373 35.40 11.79 32.83
N PHE D 374 35.57 11.16 31.66
CA PHE D 374 34.37 10.89 30.93
C PHE D 374 34.30 9.40 30.79
CA CA E . 4.30 18.29 -34.88
PB ADP F . -17.26 8.85 4.79
O1B ADP F . -17.58 10.24 5.28
O2B ADP F . -17.92 8.47 3.48
O3B ADP F . -15.80 8.48 4.89
PA ADP F . -19.29 8.38 6.67
O1A ADP F . -18.85 9.27 7.80
O2A ADP F . -20.29 8.88 5.65
O3A ADP F . -17.98 7.89 5.88
O5' ADP F . -19.86 7.01 7.29
C5' ADP F . -20.52 6.05 6.45
C4' ADP F . -19.86 4.68 6.64
O4' ADP F . -20.01 4.25 8.00
C3' ADP F . -20.49 3.64 5.75
O3' ADP F . -19.51 3.09 4.87
C2' ADP F . -21.03 2.56 6.67
O2' ADP F . -20.39 1.32 6.38
C1' ADP F . -20.69 3.00 8.09
N9 ADP F . -21.94 3.16 8.87
C8 ADP F . -22.96 3.99 8.57
N7 ADP F . -23.95 3.90 9.49
C5 ADP F . -23.57 2.99 10.40
C6 ADP F . -24.15 2.41 11.64
N6 ADP F . -25.36 2.80 12.10
N1 ADP F . -23.42 1.48 12.30
C2 ADP F . -22.21 1.08 11.86
N3 ADP F . -21.64 1.56 10.75
C4 ADP F . -22.24 2.50 9.98
PB ADP G . -6.42 -28.93 -9.22
O1B ADP G . -5.16 -28.99 -8.38
O2B ADP G . -7.22 -30.21 -9.23
O3B ADP G . -7.24 -27.68 -9.02
PA ADP G . -4.44 -29.41 -11.13
O1A ADP G . -3.37 -28.44 -10.69
O2A ADP G . -4.39 -30.85 -10.67
O3A ADP G . -5.87 -28.81 -10.73
O5' ADP G . -4.50 -29.40 -12.74
C5' ADP G . -5.29 -30.36 -13.44
C4' ADP G . -6.22 -29.63 -14.40
O4' ADP G . -5.45 -28.92 -15.38
C3' ADP G . -7.13 -30.60 -15.14
O3' ADP G . -8.50 -30.32 -14.87
C2' ADP G . -6.83 -30.42 -16.62
O2' ADP G . -8.02 -29.99 -17.30
C1' ADP G . -5.77 -29.33 -16.71
N9 ADP G . -4.55 -29.88 -17.37
C8 ADP G . -3.83 -30.92 -16.93
N7 ADP G . -2.78 -31.17 -17.76
C5 ADP G . -2.82 -30.26 -18.75
C6 ADP G . -2.02 -29.96 -19.96
N6 ADP G . -0.93 -30.68 -20.27
N1 ADP G . -2.42 -28.92 -20.72
C2 ADP G . -3.51 -28.18 -20.42
N3 ADP G . -4.28 -28.41 -19.34
C4 ADP G . -4.00 -29.41 -18.49
PB ADP H . 22.95 12.49 14.19
O1B ADP H . 24.41 12.62 14.59
O2B ADP H . 22.47 11.07 14.04
O3B ADP H . 22.02 13.40 14.96
PA ADP H . 24.22 12.98 11.74
O1A ADP H . 25.15 14.10 12.12
O2A ADP H . 24.71 11.55 11.75
O3A ADP H . 22.92 13.07 12.69
O5' ADP H . 23.62 13.29 10.28
C5' ADP H . 22.83 12.32 9.60
C4' ADP H . 21.50 12.93 9.18
O4' ADP H . 21.73 14.01 8.27
C3' ADP H . 20.62 11.91 8.48
O3' ADP H . 19.39 11.75 9.20
C2' ADP H . 20.34 12.47 7.10
O2' ADP H . 18.95 12.67 6.92
C1' ADP H . 21.07 13.80 7.01
N9 ADP H . 22.08 13.77 5.92
C8 ADP H . 23.10 12.90 5.82
N7 ADP H . 23.84 13.13 4.71
C5 ADP H . 23.26 14.17 4.06
C6 ADP H . 23.53 14.93 2.81
N6 ADP H . 24.58 14.61 2.01
N1 ADP H . 22.70 15.95 2.50
C2 ADP H . 21.65 16.27 3.30
N3 ADP H . 21.36 15.63 4.44
C4 ADP H . 22.11 14.58 4.87
#